data_9GER
#
_entry.id   9GER
#
_cell.length_a   1.00
_cell.length_b   1.00
_cell.length_c   1.00
_cell.angle_alpha   90.00
_cell.angle_beta   90.00
_cell.angle_gamma   90.00
#
_symmetry.space_group_name_H-M   'P 1'
#
loop_
_entity.id
_entity.type
_entity.pdbx_description
1 polymer 'Myeloperoxidase light chain'
2 polymer 'Myeloperoxidase light chain'
3 polymer 'Histone H3.2'
4 polymer 'Histone H4'
5 polymer 'Histone H2A type 1'
6 polymer 'Histone H2B 1.1'
7 polymer 'Widom-601 DNA (145-MER)'
8 polymer 'Widom-601 DNA (145-MER)'
9 branched alpha-D-mannopyranose-(1-3)-[alpha-D-mannopyranose-(1-6)]beta-D-mannopyranose-(1-4)-2-acetamido-2-deoxy-beta-D-glucopyranose-(1-4)-[alpha-L-fucopyranose-(1-6)]2-acetamido-2-deoxy-beta-D-glucopyranose
10 non-polymer 'CHLORIDE ION'
11 non-polymer 'PROTOPORPHYRIN IX CONTAINING FE'
12 non-polymer 2-acetamido-2-deoxy-beta-D-glucopyranose
13 non-polymer 'CALCIUM ION'
#
loop_
_entity_poly.entity_id
_entity_poly.type
_entity_poly.pdbx_seq_one_letter_code
_entity_poly.pdbx_strand_id
1 'polypeptide(L)'
;VTCPEQDKYRTITGMCNNRRSPTLGASNRAFVRWLPAEYEDGFSLPYGWTPGVKRNGFPVALARAVSNEIVRFPTDQLTP
DQERSLMFMQWGQLLDHDLDFTPEPAAR
;
K,M
2 'polypeptide(L)'
;VNCETSCVQQPPCFPLKIPPNDPRIKNQADCIPFFRSCPACPGSNITIRNQINALTSFVDASMVYGSEEPLARNLRNMSN
QLGLLAVNQRFQDNGRALLPFDNLHDDPCLLTNRSARIPCFLAGDTRSSEMPELTSMHTLLLREHNRLATELKSLNPRWD
GERLYQEARKIVGAMVQIITYRDYLPLVLGPTAMRKYLPTYRSYNDSVDPRIANVFTNAFRYGHTLIQPFMFRLDNRYQP
MEPNPRVPLSRVFFASWRVVLEGGIDPILRGLMATPAKLNRQNQIAVDEIRERLFEQVMRIGLDLPALNMQRSRDHGLPG
YNAWRRFCGLPQPETVGQLGTVLRNLKLARKLMEQYGTPNNIDIWMGGVSEPLKRKGRVGPLLACIIGTQFRKLRDGDRF
WWENEGVFSMQQRQALAQISLPRIICDNTGITTVSKNNIFMSNSYPRDFVNCSTLPALNLASWREA
;
L,N
3 'polypeptide(L)'
;KPHRYRPGTVALREIRRYQKSTELLIRKLPFQRLVREIAQDFKTDLRFQSSAVMALQEASEAYLVALFEDTNLCAIHAKR
VTIMPKDIQLARRIRGERA
;
A,E
4 'polypeptide(L)'
;KRHRKVLRDNIQGITKPAIRRLARRGGVKRISGLIYEETRGVLKVFLENVIRDAVTYTEHAKRKTVTAMDVVYALKRQGR
TLYGFGG
;
B,F
5 'polypeptide(L)'
;TRAKAKTRSSRAGLQFPVGRVHRLLRKGNYAERVGAGAPVYLAAVLEYLTAEILELAGNAARDNKKTRIIPRHLQLAVRN
DEELNKLLGRVTIAQGGVLPNIQSVLLPKKT
;
C,G
6 'polypeptide(L)'
;RRKTRKESYAIYVYKVLKQVHPDTGISSKAMSIMNSFVNDVFERIAGEASRLAHYNKRSTITSREIQTAVRLLLPGELAK
HAVSEGTKAVTKYTSA
;
D,H
7 'polydeoxyribonucleotide'
;(DA)(DT)(DC)(DG)(DG)(DA)(DT)(DG)(DT)(DA)(DT)(DA)(DT)(DA)(DT)(DC)(DT)(DG)(DA)(DC)
(DA)(DC)(DG)(DT)(DG)(DC)(DC)(DT)(DG)(DG)(DA)(DG)(DA)(DC)(DT)(DA)(DG)(DG)(DG)(DA)
(DG)(DT)(DA)(DA)(DT)(DC)(DC)(DC)(DC)(DT)(DT)(DG)(DG)(DC)(DG)(DG)(DT)(DT)(DA)(DA)
(DA)(DA)(DC)(DG)(DC)(DG)(DG)(DG)(DG)(DG)(DA)(DC)(DA)(DG)(DC)(DG)(DC)(DG)(DT)(DA)
(DC)(DG)(DT)(DG)(DC)(DG)(DT)(DT)(DT)(DA)(DA)(DG)(DC)(DG)(DG)(DT)(DG)(DC)(DT)(DA)
(DG)(DA)(DG)(DC)(DT)(DG)(DT)(DC)(DT)(DA)(DC)(DG)(DA)(DC)(DC)(DA)(DA)(DT)(DT)(DG)
(DA)(DG)(DC)(DG)(DG)(DC)(DC)(DT)(DC)(DG)(DG)(DC)(DA)(DC)(DC)(DG)(DG)(DG)(DA)(DT)
(DT)(DC)(DT)(DC)(DG)(DA)(DT)
;
I
8 'polydeoxyribonucleotide'
;(DA)(DT)(DC)(DG)(DA)(DG)(DA)(DA)(DT)(DC)(DC)(DC)(DG)(DG)(DT)(DG)(DC)(DC)(DG)(DA)
(DG)(DG)(DC)(DC)(DG)(DC)(DT)(DC)(DA)(DA)(DT)(DT)(DG)(DG)(DT)(DC)(DG)(DT)(DA)(DG)
(DA)(DC)(DA)(DG)(DC)(DT)(DC)(DT)(DA)(DG)(DC)(DA)(DC)(DC)(DG)(DC)(DT)(DT)(DA)(DA)
(DA)(DC)(DG)(DC)(DA)(DC)(DG)(DT)(DA)(DC)(DG)(DC)(DG)(DC)(DT)(DG)(DT)(DC)(DC)(DC)
(DC)(DC)(DG)(DC)(DG)(DT)(DT)(DT)(DT)(DA)(DA)(DC)(DC)(DG)(DC)(DC)(DA)(DA)(DG)(DG)
(DG)(DG)(DA)(DT)(DT)(DA)(DC)(DT)(DC)(DC)(DC)(DT)(DA)(DG)(DT)(DC)(DT)(DC)(DC)(DA)
(DG)(DG)(DC)(DA)(DC)(DG)(DT)(DG)(DT)(DC)(DA)(DG)(DA)(DT)(DA)(DT)(DA)(DT)(DA)(DC)
(DA)(DT)(DC)(DC)(DG)(DA)(DT)
;
J
#
loop_
_chem_comp.id
_chem_comp.type
_chem_comp.name
_chem_comp.formula
BMA D-saccharide, beta linking beta-D-mannopyranose 'C6 H12 O6'
CA non-polymer 'CALCIUM ION' 'Ca 2'
CL non-polymer 'CHLORIDE ION' 'Cl -1'
DA DNA linking 2'-DEOXYADENOSINE-5'-MONOPHOSPHATE 'C10 H14 N5 O6 P'
DC DNA linking 2'-DEOXYCYTIDINE-5'-MONOPHOSPHATE 'C9 H14 N3 O7 P'
DG DNA linking 2'-DEOXYGUANOSINE-5'-MONOPHOSPHATE 'C10 H14 N5 O7 P'
DT DNA linking THYMIDINE-5'-MONOPHOSPHATE 'C10 H15 N2 O8 P'
FUC L-saccharide, alpha linking alpha-L-fucopyranose 'C6 H12 O5'
HEM non-polymer 'PROTOPORPHYRIN IX CONTAINING FE' 'C34 H32 Fe N4 O4'
MAN D-saccharide, alpha linking alpha-D-mannopyranose 'C6 H12 O6'
NAG D-saccharide, beta linking 2-acetamido-2-deoxy-beta-D-glucopyranose 'C8 H15 N O6'
#
# COMPACT_ATOMS: atom_id res chain seq x y z
N CYS A 3 -8.42 14.98 -23.23
CA CYS A 3 -7.95 13.68 -23.74
C CYS A 3 -9.09 12.67 -23.82
N PRO A 4 -9.08 11.83 -24.86
CA PRO A 4 -10.11 10.81 -24.98
C PRO A 4 -10.09 9.85 -23.80
N GLU A 5 -11.28 9.37 -23.43
CA GLU A 5 -11.40 8.48 -22.28
C GLU A 5 -10.76 7.13 -22.50
N GLN A 6 -10.49 6.75 -23.76
CA GLN A 6 -9.89 5.47 -24.06
C GLN A 6 -8.78 5.64 -25.10
N ASP A 7 -7.75 4.82 -24.97
CA ASP A 7 -6.64 4.82 -25.92
C ASP A 7 -5.95 3.46 -25.84
N LYS A 8 -5.17 3.17 -26.88
CA LYS A 8 -4.49 1.88 -26.98
C LYS A 8 -3.01 1.96 -27.33
N TYR A 9 -2.55 3.06 -27.92
CA TYR A 9 -1.17 3.17 -28.36
C TYR A 9 -0.58 4.49 -27.91
N ARG A 10 0.75 4.55 -27.88
CA ARG A 10 1.44 5.75 -27.45
C ARG A 10 1.16 6.91 -28.40
N THR A 11 1.07 8.10 -27.86
CA THR A 11 0.91 9.30 -28.67
C THR A 11 2.24 9.67 -29.33
N ILE A 12 2.15 10.45 -30.41
CA ILE A 12 3.34 10.78 -31.17
C ILE A 12 4.27 11.71 -30.39
N THR A 13 3.71 12.54 -29.50
CA THR A 13 4.50 13.54 -28.77
C THR A 13 4.49 13.31 -27.27
N GLY A 14 3.80 12.29 -26.78
CA GLY A 14 3.76 12.01 -25.35
C GLY A 14 2.68 12.75 -24.58
N MET A 15 1.81 13.48 -25.25
CA MET A 15 0.74 14.18 -24.57
C MET A 15 -0.30 13.19 -24.04
N CYS A 16 -1.03 13.62 -23.02
CA CYS A 16 -2.10 12.85 -22.39
C CYS A 16 -1.60 11.53 -21.80
N ASN A 17 -0.32 11.44 -21.46
CA ASN A 17 0.19 10.25 -20.79
C ASN A 17 -0.25 10.21 -19.33
N ASN A 18 -0.34 11.36 -18.67
CA ASN A 18 -0.83 11.46 -17.31
C ASN A 18 -2.24 12.03 -17.35
N ARG A 19 -3.20 11.30 -16.76
CA ARG A 19 -4.60 11.69 -16.88
C ARG A 19 -4.88 13.03 -16.20
N ARG A 20 -4.33 13.23 -15.01
CA ARG A 20 -4.65 14.44 -14.25
C ARG A 20 -3.98 15.67 -14.86
N SER A 21 -2.71 15.57 -15.22
CA SER A 21 -1.99 16.68 -15.84
C SER A 21 -1.39 16.23 -17.16
N PRO A 22 -1.95 16.62 -18.30
CA PRO A 22 -1.44 16.10 -19.58
C PRO A 22 -0.08 16.65 -19.98
N THR A 23 0.24 17.89 -19.58
CA THR A 23 1.47 18.53 -20.06
C THR A 23 2.72 17.85 -19.50
N LEU A 24 2.64 17.31 -18.30
CA LEU A 24 3.81 16.72 -17.65
C LEU A 24 4.42 15.61 -18.51
N GLY A 25 5.64 15.84 -18.98
CA GLY A 25 6.37 14.86 -19.76
C GLY A 25 6.41 15.12 -21.25
N ALA A 26 5.62 16.06 -21.75
CA ALA A 26 5.57 16.34 -23.18
C ALA A 26 6.82 17.10 -23.61
N SER A 27 6.88 17.43 -24.90
CA SER A 27 8.02 18.14 -25.45
C SER A 27 7.77 19.65 -25.45
N ASN A 28 8.83 20.39 -25.77
CA ASN A 28 8.78 21.86 -25.83
C ASN A 28 8.28 22.46 -24.53
N ARG A 29 8.75 21.92 -23.42
CA ARG A 29 8.42 22.42 -22.09
C ARG A 29 9.71 22.77 -21.35
N ALA A 30 9.56 23.30 -20.15
CA ALA A 30 10.69 23.73 -19.34
C ALA A 30 11.22 22.58 -18.49
N PHE A 31 12.42 22.76 -17.97
CA PHE A 31 13.05 21.79 -17.10
C PHE A 31 12.43 21.87 -15.69
N VAL A 32 12.99 21.12 -14.76
CA VAL A 32 12.59 21.18 -13.36
C VAL A 32 13.82 21.52 -12.53
N ARG A 33 13.59 22.14 -11.38
CA ARG A 33 14.67 22.61 -10.52
C ARG A 33 14.59 21.88 -9.19
N TRP A 34 15.70 21.27 -8.78
CA TRP A 34 15.78 20.61 -7.49
C TRP A 34 16.32 21.51 -6.40
N LEU A 35 17.18 22.45 -6.74
CA LEU A 35 17.72 23.44 -5.83
C LEU A 35 17.62 24.83 -6.46
N PRO A 36 17.52 25.88 -5.65
CA PRO A 36 17.43 27.23 -6.21
C PRO A 36 18.69 27.60 -7.00
N ALA A 37 18.49 28.39 -8.04
CA ALA A 37 19.59 28.78 -8.92
C ALA A 37 20.34 29.98 -8.35
N GLU A 38 21.60 30.11 -8.77
CA GLU A 38 22.47 31.19 -8.35
C GLU A 38 23.02 31.91 -9.57
N TYR A 39 23.04 33.24 -9.51
CA TYR A 39 23.49 34.06 -10.62
C TYR A 39 24.28 35.26 -10.07
N GLU A 40 24.80 36.06 -10.99
CA GLU A 40 25.62 37.21 -10.59
C GLU A 40 24.79 38.26 -9.85
N ASP A 41 23.67 38.66 -10.44
CA ASP A 41 22.81 39.67 -9.84
C ASP A 41 21.50 39.13 -9.29
N GLY A 42 21.14 37.89 -9.60
CA GLY A 42 19.95 37.29 -9.05
C GLY A 42 19.08 36.57 -10.04
N PHE A 43 18.97 37.07 -11.27
CA PHE A 43 18.04 36.44 -12.20
C PHE A 43 18.67 36.05 -13.53
N SER A 44 19.57 36.87 -14.06
CA SER A 44 20.01 36.59 -15.43
C SER A 44 21.52 36.56 -15.61
N LEU A 45 22.25 37.45 -14.96
CA LEU A 45 23.67 37.58 -15.25
C LEU A 45 24.46 36.40 -14.69
N PRO A 46 25.37 35.81 -15.48
CA PRO A 46 26.16 34.68 -15.01
C PRO A 46 27.47 35.15 -14.36
N TYR A 47 28.18 34.18 -13.79
CA TYR A 47 29.44 34.48 -13.11
C TYR A 47 30.54 34.78 -14.11
N GLY A 48 31.39 35.75 -13.77
CA GLY A 48 32.51 36.11 -14.60
C GLY A 48 32.22 37.10 -15.71
N TRP A 49 30.94 37.48 -15.91
CA TRP A 49 30.62 38.44 -16.96
C TRP A 49 31.22 39.81 -16.66
N THR A 50 31.14 40.26 -15.41
CA THR A 50 31.70 41.55 -15.03
C THR A 50 33.08 41.34 -14.42
N PRO A 51 34.13 41.92 -14.97
CA PRO A 51 35.47 41.74 -14.39
C PRO A 51 35.57 42.37 -13.01
N GLY A 52 36.42 41.77 -12.19
CA GLY A 52 36.69 42.31 -10.87
C GLY A 52 35.69 41.96 -9.79
N VAL A 53 34.84 40.96 -10.03
CA VAL A 53 33.85 40.52 -9.05
C VAL A 53 34.34 39.22 -8.43
N LYS A 54 33.85 38.93 -7.22
CA LYS A 54 34.24 37.75 -6.48
C LYS A 54 33.03 36.88 -6.17
N ARG A 55 33.27 35.58 -6.07
CA ARG A 55 32.24 34.61 -5.71
C ARG A 55 32.54 34.09 -4.30
N ASN A 56 31.63 34.38 -3.37
CA ASN A 56 31.79 33.97 -1.97
C ASN A 56 33.10 34.47 -1.38
N GLY A 57 33.51 35.67 -1.78
CA GLY A 57 34.71 36.29 -1.24
C GLY A 57 36.01 35.86 -1.89
N PHE A 58 35.96 35.07 -2.95
CA PHE A 58 37.16 34.62 -3.63
C PHE A 58 36.99 34.77 -5.14
N PRO A 59 38.07 35.05 -5.86
CA PRO A 59 37.99 35.16 -7.31
C PRO A 59 37.78 33.79 -7.96
N VAL A 60 37.20 33.83 -9.16
CA VAL A 60 36.88 32.63 -9.93
C VAL A 60 37.94 32.45 -11.01
N ALA A 61 38.52 31.25 -11.08
CA ALA A 61 39.54 30.95 -12.07
C ALA A 61 38.89 30.78 -13.44
N LEU A 62 39.74 30.70 -14.47
CA LEU A 62 39.29 30.53 -15.84
C LEU A 62 39.13 29.05 -16.17
N ALA A 63 38.15 28.76 -17.03
CA ALA A 63 37.91 27.37 -17.42
C ALA A 63 39.10 26.79 -18.18
N ARG A 64 39.68 27.57 -19.09
CA ARG A 64 40.80 27.09 -19.88
C ARG A 64 42.02 26.81 -19.01
N ALA A 65 42.29 27.68 -18.04
CA ALA A 65 43.44 27.48 -17.16
C ALA A 65 43.28 26.21 -16.34
N VAL A 66 42.10 25.98 -15.78
CA VAL A 66 41.88 24.79 -14.97
C VAL A 66 41.85 23.54 -15.83
N SER A 67 41.46 23.67 -17.10
CA SER A 67 41.55 22.53 -18.00
C SER A 67 42.99 22.21 -18.36
N ASN A 68 43.82 23.23 -18.50
CA ASN A 68 45.22 23.02 -18.84
C ASN A 68 45.99 22.43 -17.66
N GLU A 69 45.71 22.90 -16.44
CA GLU A 69 46.53 22.54 -15.29
C GLU A 69 46.30 21.10 -14.85
N ILE A 70 45.04 20.66 -14.80
CA ILE A 70 44.68 19.40 -14.15
C ILE A 70 44.46 18.28 -15.15
N VAL A 71 43.67 18.55 -16.20
CA VAL A 71 43.28 17.49 -17.13
C VAL A 71 44.46 16.96 -17.92
N ARG A 72 45.52 17.76 -18.08
CA ARG A 72 46.67 17.37 -18.89
C ARG A 72 47.34 16.13 -18.31
N PHE A 73 47.67 15.19 -19.21
CA PHE A 73 48.36 13.96 -18.81
C PHE A 73 49.03 13.34 -20.03
N PRO A 74 50.23 12.79 -19.90
CA PRO A 74 50.92 12.23 -21.07
C PRO A 74 50.25 10.95 -21.57
N THR A 75 50.22 10.83 -22.90
CA THR A 75 49.42 9.80 -23.55
C THR A 75 50.10 8.45 -23.70
N ASP A 76 51.40 8.35 -23.44
CA ASP A 76 52.12 7.10 -23.64
C ASP A 76 51.91 6.13 -22.48
N GLN A 77 51.35 6.62 -21.37
CA GLN A 77 51.14 5.80 -20.17
C GLN A 77 49.69 5.38 -20.05
N LEU A 78 49.06 5.05 -21.16
CA LEU A 78 47.69 4.57 -21.16
C LEU A 78 47.60 3.19 -20.51
N THR A 79 46.45 2.90 -19.92
CA THR A 79 46.16 1.59 -19.34
C THR A 79 44.85 1.07 -19.90
N PRO A 80 44.81 -0.16 -20.40
CA PRO A 80 43.56 -0.73 -20.93
C PRO A 80 42.78 -1.47 -19.87
N ASP A 81 41.49 -1.17 -19.74
CA ASP A 81 40.63 -1.89 -18.83
C ASP A 81 40.41 -3.32 -19.33
N GLN A 82 40.59 -4.29 -18.45
CA GLN A 82 40.52 -5.69 -18.81
C GLN A 82 39.14 -6.31 -18.59
N GLU A 83 38.17 -5.56 -18.08
CA GLU A 83 36.87 -6.14 -17.75
C GLU A 83 35.72 -5.59 -18.60
N ARG A 84 35.89 -4.44 -19.24
CA ARG A 84 34.82 -3.79 -19.98
C ARG A 84 35.23 -3.60 -21.44
N SER A 85 34.27 -3.79 -22.34
CA SER A 85 34.51 -3.65 -23.77
C SER A 85 34.18 -2.22 -24.21
N LEU A 86 34.10 -2.02 -25.52
CA LEU A 86 33.86 -0.69 -26.10
C LEU A 86 32.39 -0.42 -26.37
N MET A 87 31.49 -1.33 -25.97
CA MET A 87 30.06 -1.16 -26.22
C MET A 87 29.47 -0.03 -25.38
N PHE A 88 30.17 0.35 -24.30
CA PHE A 88 29.66 1.38 -23.39
C PHE A 88 29.47 2.71 -24.10
N MET A 89 30.43 3.10 -24.95
CA MET A 89 30.31 4.35 -25.70
C MET A 89 29.00 4.41 -26.48
N GLN A 90 28.73 3.38 -27.27
CA GLN A 90 27.57 3.42 -28.14
C GLN A 90 26.28 3.37 -27.34
N TRP A 91 26.22 2.52 -26.31
CA TRP A 91 24.97 2.46 -25.55
C TRP A 91 24.71 3.77 -24.80
N GLY A 92 25.75 4.36 -24.20
CA GLY A 92 25.57 5.65 -23.56
C GLY A 92 25.16 6.74 -24.52
N GLN A 93 25.76 6.73 -25.72
CA GLN A 93 25.40 7.72 -26.73
C GLN A 93 23.94 7.59 -27.12
N LEU A 94 23.49 6.37 -27.38
CA LEU A 94 22.08 6.15 -27.71
C LEU A 94 21.17 6.64 -26.59
N LEU A 95 21.49 6.25 -25.34
CA LEU A 95 20.61 6.59 -24.23
C LEU A 95 20.53 8.10 -24.02
N ASP A 96 21.67 8.80 -24.08
CA ASP A 96 21.63 10.23 -23.80
C ASP A 96 21.04 11.01 -24.96
N HIS A 97 21.23 10.54 -26.21
CA HIS A 97 20.59 11.20 -27.33
C HIS A 97 19.09 10.95 -27.33
N ASP A 98 18.65 9.83 -26.74
CA ASP A 98 17.22 9.59 -26.60
C ASP A 98 16.62 10.48 -25.51
N LEU A 99 17.31 10.60 -24.37
CA LEU A 99 16.70 11.18 -23.18
C LEU A 99 16.45 12.69 -23.33
N ASP A 100 17.45 13.44 -23.79
CA ASP A 100 17.33 14.89 -23.74
C ASP A 100 18.13 15.55 -24.85
N PHE A 101 17.80 16.81 -25.11
CA PHE A 101 18.49 17.64 -26.09
C PHE A 101 18.13 19.10 -25.83
N THR A 102 19.15 19.95 -25.68
CA THR A 102 18.93 21.36 -25.37
C THR A 102 19.11 22.20 -26.61
N PRO A 103 18.09 22.93 -27.05
CA PRO A 103 18.25 23.78 -28.25
C PRO A 103 19.19 24.94 -27.99
N GLU A 104 19.83 25.40 -29.07
CA GLU A 104 20.80 26.47 -29.00
C GLU A 104 20.52 27.47 -30.12
N PRO A 105 20.49 28.77 -29.83
CA PRO A 105 20.22 29.76 -30.88
C PRO A 105 21.29 29.72 -31.97
N ALA A 106 20.86 29.94 -33.20
CA ALA A 106 21.77 29.92 -34.35
C ALA A 106 22.40 31.29 -34.56
N VAL B 1 24.27 39.08 -35.62
CA VAL B 1 25.65 39.12 -35.14
C VAL B 1 26.27 37.74 -35.20
N ASN B 2 27.46 37.65 -35.79
CA ASN B 2 28.16 36.38 -35.96
C ASN B 2 29.24 36.27 -34.88
N CYS B 3 29.12 35.26 -34.02
CA CYS B 3 30.13 35.05 -32.99
C CYS B 3 31.32 34.24 -33.47
N GLU B 4 31.13 33.40 -34.48
CA GLU B 4 32.22 32.62 -35.05
C GLU B 4 33.24 33.49 -35.77
N THR B 5 32.93 34.77 -36.02
CA THR B 5 33.86 35.70 -36.64
C THR B 5 33.99 37.00 -35.85
N SER B 6 33.69 36.96 -34.54
CA SER B 6 33.79 38.16 -33.72
C SER B 6 34.03 37.76 -32.27
N CYS B 7 34.47 38.73 -31.47
CA CYS B 7 34.78 38.52 -30.07
C CYS B 7 34.04 39.50 -29.14
N VAL B 8 33.01 40.18 -29.64
CA VAL B 8 32.32 41.18 -28.83
C VAL B 8 31.47 40.48 -27.78
N GLN B 9 31.59 40.93 -26.53
CA GLN B 9 30.84 40.34 -25.41
C GLN B 9 29.50 41.06 -25.27
N GLN B 10 28.60 40.75 -26.20
CA GLN B 10 27.22 41.20 -26.16
C GLN B 10 26.31 40.01 -26.40
N PRO B 11 25.10 40.03 -25.87
CA PRO B 11 24.23 38.86 -25.96
C PRO B 11 23.88 38.55 -27.40
N PRO B 12 23.74 37.26 -27.76
CA PRO B 12 23.86 36.07 -26.90
C PRO B 12 25.25 35.46 -26.95
N CYS B 13 26.30 36.25 -26.81
CA CYS B 13 27.64 35.75 -27.10
C CYS B 13 28.47 35.73 -25.82
N PHE B 14 29.05 34.57 -25.50
CA PHE B 14 29.78 34.35 -24.26
C PHE B 14 31.13 33.72 -24.55
N PRO B 15 32.09 34.50 -25.04
CA PRO B 15 33.39 33.95 -25.39
C PRO B 15 34.20 33.55 -24.16
N LEU B 16 35.17 32.66 -24.40
CA LEU B 16 36.04 32.18 -23.35
C LEU B 16 37.30 33.06 -23.28
N LYS B 17 38.26 32.65 -22.45
CA LYS B 17 39.53 33.34 -22.33
C LYS B 17 40.64 32.30 -22.12
N ILE B 18 41.87 32.70 -22.42
CA ILE B 18 43.02 31.83 -22.36
C ILE B 18 44.04 32.46 -21.41
N PRO B 19 44.78 31.67 -20.63
CA PRO B 19 45.77 32.23 -19.72
C PRO B 19 47.10 32.43 -20.44
N PRO B 20 48.04 33.13 -19.81
CA PRO B 20 49.38 33.25 -20.40
C PRO B 20 50.08 31.91 -20.47
N ASN B 21 50.99 31.79 -21.44
CA ASN B 21 51.79 30.58 -21.64
C ASN B 21 50.92 29.38 -21.98
N ASP B 22 50.04 29.57 -22.96
CA ASP B 22 49.22 28.46 -23.45
C ASP B 22 50.02 27.62 -24.43
N PRO B 23 50.09 26.30 -24.23
CA PRO B 23 50.90 25.46 -25.14
C PRO B 23 50.47 25.54 -26.60
N ARG B 24 49.17 25.67 -26.88
CA ARG B 24 48.69 25.66 -28.25
C ARG B 24 48.54 27.08 -28.81
N ILE B 25 47.73 27.90 -28.16
CA ILE B 25 47.43 29.25 -28.64
C ILE B 25 48.42 30.21 -28.00
N LYS B 26 49.47 30.56 -28.74
CA LYS B 26 50.48 31.47 -28.22
C LYS B 26 50.00 32.92 -28.17
N ASN B 27 48.99 33.28 -28.98
CA ASN B 27 48.46 34.63 -29.00
C ASN B 27 47.33 34.74 -27.99
N GLN B 28 47.46 35.67 -27.05
CA GLN B 28 46.48 35.83 -25.98
C GLN B 28 45.25 36.61 -26.41
N ALA B 29 45.24 37.18 -27.61
CA ALA B 29 44.11 37.97 -28.09
C ALA B 29 43.07 37.14 -28.83
N ASP B 30 43.24 35.82 -28.90
CA ASP B 30 42.31 34.98 -29.63
C ASP B 30 41.09 34.65 -28.77
N CYS B 31 40.08 34.07 -29.41
CA CYS B 31 38.84 33.71 -28.73
C CYS B 31 38.41 32.32 -29.17
N ILE B 32 37.58 31.69 -28.35
CA ILE B 32 36.99 30.38 -28.65
C ILE B 32 35.49 30.56 -28.75
N PRO B 33 34.85 30.08 -29.81
CA PRO B 33 33.41 30.35 -29.99
C PRO B 33 32.57 29.68 -28.91
N PHE B 34 31.46 30.32 -28.58
CA PHE B 34 30.54 29.83 -27.56
C PHE B 34 29.24 30.62 -27.65
N PHE B 35 28.12 29.94 -27.41
CA PHE B 35 26.81 30.57 -27.42
C PHE B 35 26.06 30.18 -26.15
N ARG B 36 25.21 31.10 -25.68
CA ARG B 36 24.38 30.83 -24.52
C ARG B 36 23.14 30.03 -24.91
N SER B 37 22.60 29.30 -23.94
CA SER B 37 21.41 28.49 -24.19
C SER B 37 20.19 29.38 -24.37
N CYS B 38 19.20 28.86 -25.08
CA CYS B 38 17.99 29.63 -25.36
C CYS B 38 17.12 29.72 -24.11
N PRO B 39 16.72 30.92 -23.70
CA PRO B 39 15.89 31.06 -22.50
C PRO B 39 14.45 30.64 -22.77
N ALA B 40 13.69 30.50 -21.68
CA ALA B 40 12.28 30.12 -21.77
C ALA B 40 11.36 31.32 -21.85
N CYS B 41 11.61 32.35 -21.05
CA CYS B 41 10.80 33.56 -21.06
C CYS B 41 11.60 34.70 -21.68
N PRO B 42 11.34 35.07 -22.94
CA PRO B 42 12.17 36.05 -23.65
C PRO B 42 11.86 37.52 -23.35
N GLY B 43 12.43 38.02 -22.27
CA GLY B 43 12.35 39.44 -21.97
C GLY B 43 11.80 39.79 -20.61
N SER B 44 11.26 38.81 -19.89
CA SER B 44 10.68 39.07 -18.59
C SER B 44 11.76 39.48 -17.58
N ASN B 45 11.45 40.50 -16.79
CA ASN B 45 12.36 40.98 -15.75
C ASN B 45 11.91 40.56 -14.35
N ILE B 46 11.01 39.57 -14.27
CA ILE B 46 10.48 39.11 -12.99
C ILE B 46 10.91 37.67 -12.70
N THR B 47 10.71 36.76 -13.65
CA THR B 47 11.01 35.35 -13.43
C THR B 47 12.50 35.10 -13.56
N ILE B 48 12.89 33.84 -13.40
CA ILE B 48 14.29 33.42 -13.45
C ILE B 48 14.50 32.63 -14.74
N ARG B 49 15.59 32.93 -15.43
CA ARG B 49 15.87 32.31 -16.73
C ARG B 49 15.96 30.79 -16.58
N ASN B 50 15.31 30.08 -17.50
CA ASN B 50 15.29 28.62 -17.52
C ASN B 50 15.37 28.14 -18.96
N GLN B 51 15.82 26.90 -19.11
CA GLN B 51 15.98 26.29 -20.43
C GLN B 51 14.78 25.41 -20.74
N ILE B 52 14.76 24.86 -21.96
CA ILE B 52 13.64 24.09 -22.45
C ILE B 52 14.12 22.76 -23.01
N ASN B 53 13.20 21.80 -23.07
CA ASN B 53 13.47 20.46 -23.58
C ASN B 53 12.93 20.35 -25.01
N ALA B 54 13.38 19.30 -25.70
CA ALA B 54 12.98 19.08 -27.08
C ALA B 54 12.56 17.65 -27.41
N LEU B 55 12.78 16.69 -26.51
CA LEU B 55 12.46 15.30 -26.78
C LEU B 55 11.71 14.70 -25.58
N THR B 56 10.90 13.69 -25.87
CA THR B 56 10.12 13.05 -24.81
C THR B 56 11.05 12.36 -23.81
N SER B 57 10.73 12.52 -22.52
CA SER B 57 11.56 11.95 -21.47
C SER B 57 11.40 10.45 -21.33
N PHE B 58 10.25 9.90 -21.70
CA PHE B 58 10.04 8.46 -21.62
C PHE B 58 10.93 7.74 -22.61
N VAL B 59 11.40 6.55 -22.22
CA VAL B 59 12.23 5.71 -23.08
C VAL B 59 11.30 4.96 -24.03
N ASP B 60 11.07 5.53 -25.22
CA ASP B 60 10.15 4.95 -26.19
C ASP B 60 10.73 4.93 -27.59
N ALA B 61 12.05 4.77 -27.70
CA ALA B 61 12.75 4.76 -28.98
C ALA B 61 12.45 6.02 -29.79
N SER B 62 12.47 7.17 -29.12
CA SER B 62 12.19 8.44 -29.78
C SER B 62 13.32 8.89 -30.72
N MET B 63 14.47 8.20 -30.69
CA MET B 63 15.58 8.58 -31.53
C MET B 63 15.43 8.11 -32.97
N VAL B 64 14.42 7.31 -33.28
CA VAL B 64 14.19 6.80 -34.63
C VAL B 64 12.91 7.37 -35.22
N TYR B 65 11.82 7.39 -34.44
CA TYR B 65 10.52 7.80 -34.96
C TYR B 65 10.28 9.30 -34.87
N GLY B 66 10.90 9.97 -33.91
CA GLY B 66 10.78 11.41 -33.77
C GLY B 66 9.83 11.80 -32.66
N SER B 67 9.65 13.12 -32.53
CA SER B 67 8.76 13.65 -31.51
C SER B 67 7.88 14.79 -32.03
N GLU B 68 7.92 15.09 -33.33
CA GLU B 68 7.10 16.13 -33.92
C GLU B 68 6.31 15.57 -35.09
N GLU B 69 5.11 16.09 -35.29
CA GLU B 69 4.21 15.53 -36.30
C GLU B 69 4.76 15.63 -37.72
N PRO B 70 5.22 16.78 -38.22
CA PRO B 70 5.73 16.80 -39.60
C PRO B 70 6.93 15.90 -39.82
N LEU B 71 7.82 15.79 -38.83
CA LEU B 71 9.00 14.96 -38.97
C LEU B 71 8.64 13.49 -39.12
N ALA B 72 7.69 13.02 -38.29
CA ALA B 72 7.27 11.62 -38.41
C ALA B 72 6.40 11.41 -39.63
N ARG B 73 5.74 12.45 -40.12
CA ARG B 73 4.95 12.32 -41.35
C ARG B 73 5.85 12.25 -42.58
N ASN B 74 7.02 12.86 -42.53
CA ASN B 74 7.96 12.86 -43.64
C ASN B 74 8.95 11.70 -43.60
N LEU B 75 8.83 10.80 -42.62
CA LEU B 75 9.74 9.67 -42.50
C LEU B 75 9.10 8.34 -42.84
N ARG B 76 7.78 8.27 -42.99
CA ARG B 76 7.10 7.02 -43.25
C ARG B 76 6.99 6.78 -44.75
N ASN B 77 6.29 5.70 -45.11
CA ASN B 77 6.05 5.34 -46.51
C ASN B 77 4.55 5.31 -46.73
N MET B 78 4.02 6.33 -47.40
CA MET B 78 2.60 6.46 -47.64
C MET B 78 2.17 5.95 -49.02
N SER B 79 3.10 5.38 -49.79
CA SER B 79 2.79 4.91 -51.14
C SER B 79 2.42 3.44 -51.19
N ASN B 80 2.35 2.76 -50.05
CA ASN B 80 2.03 1.34 -50.05
C ASN B 80 1.21 1.01 -48.80
N GLN B 81 0.46 -0.08 -48.89
CA GLN B 81 -0.34 -0.54 -47.77
C GLN B 81 0.53 -1.15 -46.68
N LEU B 82 1.71 -1.65 -47.04
CA LEU B 82 2.55 -2.36 -46.08
C LEU B 82 2.93 -1.48 -44.89
N GLY B 83 3.08 -0.19 -45.11
CA GLY B 83 3.46 0.72 -44.03
C GLY B 83 4.85 0.50 -43.49
N LEU B 84 5.82 0.29 -44.36
CA LEU B 84 7.21 0.14 -43.95
C LEU B 84 7.83 1.53 -43.74
N LEU B 85 9.15 1.58 -43.54
CA LEU B 85 9.86 2.83 -43.39
C LEU B 85 10.53 3.20 -44.71
N ALA B 86 11.01 4.44 -44.78
CA ALA B 86 11.65 4.97 -45.98
C ALA B 86 13.15 4.66 -45.95
N VAL B 87 13.67 4.23 -47.11
CA VAL B 87 15.07 3.87 -47.25
C VAL B 87 15.66 4.67 -48.41
N ASN B 88 16.98 4.60 -48.54
CA ASN B 88 17.68 5.30 -49.60
C ASN B 88 17.37 4.66 -50.96
N GLN B 89 17.54 5.46 -52.01
CA GLN B 89 17.24 5.03 -53.36
C GLN B 89 18.43 5.07 -54.32
N ARG B 90 19.49 5.81 -53.99
CA ARG B 90 20.61 5.96 -54.90
C ARG B 90 21.83 5.12 -54.53
N PHE B 91 21.98 4.75 -53.26
CA PHE B 91 23.13 3.98 -52.81
C PHE B 91 22.68 2.74 -52.06
N GLN B 92 23.45 1.67 -52.19
CA GLN B 92 23.22 0.44 -51.45
C GLN B 92 24.57 -0.14 -51.04
N ASP B 93 24.62 -0.70 -49.84
CA ASP B 93 25.87 -1.21 -49.25
C ASP B 93 25.95 -2.73 -49.31
N ASN B 94 25.46 -3.34 -50.39
CA ASN B 94 25.41 -4.77 -50.63
C ASN B 94 24.47 -5.47 -49.65
N GLY B 95 23.83 -4.74 -48.74
CA GLY B 95 22.92 -5.34 -47.79
C GLY B 95 21.47 -5.20 -48.21
N ARG B 96 20.62 -4.76 -47.29
CA ARG B 96 19.20 -4.66 -47.56
C ARG B 96 18.60 -3.28 -47.30
N ALA B 97 19.27 -2.40 -46.55
CA ALA B 97 18.69 -1.10 -46.25
C ALA B 97 19.80 -0.12 -45.92
N LEU B 98 19.46 1.17 -46.01
CA LEU B 98 20.36 2.25 -45.66
C LEU B 98 19.53 3.49 -45.35
N LEU B 99 20.14 4.42 -44.61
CA LEU B 99 19.43 5.61 -44.17
C LEU B 99 19.17 6.56 -45.33
N PRO B 100 18.06 7.28 -45.31
CA PRO B 100 17.80 8.27 -46.37
C PRO B 100 18.71 9.48 -46.23
N PHE B 101 18.85 10.20 -47.35
CA PHE B 101 19.69 11.38 -47.38
C PHE B 101 18.92 12.60 -46.89
N ASP B 102 19.59 13.75 -46.86
CA ASP B 102 18.99 14.97 -46.34
C ASP B 102 19.53 16.17 -47.12
N ASN B 103 18.76 17.24 -47.11
CA ASN B 103 19.14 18.51 -47.74
C ASN B 103 19.06 19.61 -46.70
N LEU B 104 20.09 20.44 -46.65
CA LEU B 104 20.15 21.55 -45.71
C LEU B 104 20.81 22.75 -46.38
N HIS B 105 20.52 23.94 -45.83
CA HIS B 105 21.13 25.16 -46.35
C HIS B 105 22.65 25.15 -46.14
N ASP B 106 23.09 24.71 -44.97
CA ASP B 106 24.52 24.60 -44.65
C ASP B 106 24.81 23.15 -44.30
N ASP B 107 25.58 22.48 -45.15
CA ASP B 107 25.91 21.08 -44.94
C ASP B 107 27.38 20.92 -44.56
N PRO B 108 27.70 20.59 -43.30
CA PRO B 108 29.10 20.35 -42.94
C PRO B 108 29.67 19.06 -43.53
N CYS B 109 28.82 18.16 -44.03
CA CYS B 109 29.31 16.90 -44.59
C CYS B 109 30.10 17.13 -45.88
N LEU B 110 29.76 18.17 -46.64
CA LEU B 110 30.39 18.37 -47.93
C LEU B 110 31.84 18.84 -47.81
N LEU B 111 32.20 19.48 -46.70
CA LEU B 111 33.54 20.03 -46.53
C LEU B 111 34.57 18.99 -46.11
N THR B 112 34.15 17.78 -45.72
CA THR B 112 35.12 16.78 -45.29
C THR B 112 35.95 16.27 -46.46
N ASN B 113 35.29 15.99 -47.59
CA ASN B 113 35.99 15.53 -48.79
C ASN B 113 35.34 16.23 -49.99
N ARG B 114 36.14 17.03 -50.69
CA ARG B 114 35.60 17.83 -51.80
C ARG B 114 35.20 16.95 -52.98
N SER B 115 35.90 15.84 -53.19
CA SER B 115 35.65 14.99 -54.34
C SER B 115 34.69 13.85 -54.06
N ALA B 116 34.10 13.78 -52.86
CA ALA B 116 33.16 12.72 -52.55
C ALA B 116 31.71 13.14 -52.69
N ARG B 117 31.42 14.43 -52.53
CA ARG B 117 30.08 15.02 -52.64
C ARG B 117 29.01 14.21 -51.90
N ILE B 118 29.39 13.47 -50.86
CA ILE B 118 28.44 12.74 -50.04
C ILE B 118 27.85 13.69 -48.99
N PRO B 119 26.54 13.87 -48.95
CA PRO B 119 25.93 14.76 -47.96
C PRO B 119 25.70 14.03 -46.64
N CYS B 120 25.14 14.76 -45.68
CA CYS B 120 24.89 14.22 -44.35
C CYS B 120 23.61 13.37 -44.34
N PHE B 121 23.35 12.75 -43.19
CA PHE B 121 22.24 11.83 -43.07
C PHE B 121 21.06 12.49 -42.35
N LEU B 122 19.96 11.75 -42.22
CA LEU B 122 18.76 12.21 -41.54
C LEU B 122 18.27 11.10 -40.63
N ALA B 123 17.81 11.47 -39.44
CA ALA B 123 17.28 10.51 -38.47
C ALA B 123 16.35 11.24 -37.52
N GLY B 124 16.02 10.59 -36.41
CA GLY B 124 15.15 11.19 -35.41
C GLY B 124 15.79 12.33 -34.64
N ASP B 125 17.10 12.51 -34.74
CA ASP B 125 17.79 13.61 -34.10
C ASP B 125 18.74 14.28 -35.10
N THR B 126 19.14 15.50 -34.78
CA THR B 126 19.94 16.29 -35.70
C THR B 126 21.41 15.89 -35.69
N ARG B 127 21.84 15.10 -34.71
CA ARG B 127 23.25 14.73 -34.57
C ARG B 127 23.49 13.26 -34.92
N SER B 128 22.83 12.75 -35.95
CA SER B 128 22.97 11.34 -36.31
C SER B 128 24.33 11.06 -36.96
N SER B 129 24.74 11.92 -37.89
CA SER B 129 25.94 11.69 -38.69
C SER B 129 27.18 12.35 -38.10
N GLU B 130 27.23 12.51 -36.78
CA GLU B 130 28.35 13.17 -36.14
C GLU B 130 29.40 12.19 -35.61
N MET B 131 29.02 10.93 -35.35
CA MET B 131 29.95 9.90 -34.90
C MET B 131 29.52 8.60 -35.59
N PRO B 132 30.37 8.04 -36.46
CA PRO B 132 29.89 7.01 -37.40
C PRO B 132 29.25 5.78 -36.75
N GLU B 133 29.74 5.36 -35.58
CA GLU B 133 29.15 4.19 -34.93
C GLU B 133 27.69 4.42 -34.57
N LEU B 134 27.35 5.68 -34.24
CA LEU B 134 25.94 6.03 -34.04
C LEU B 134 25.13 5.78 -35.30
N THR B 135 25.68 6.14 -36.46
CA THR B 135 25.00 5.90 -37.73
C THR B 135 24.81 4.43 -37.98
N SER B 136 25.83 3.62 -37.70
CA SER B 136 25.70 2.17 -37.87
C SER B 136 24.61 1.62 -36.96
N MET B 137 24.57 2.08 -35.72
CA MET B 137 23.53 1.63 -34.79
C MET B 137 22.13 1.98 -35.30
N HIS B 138 21.95 3.20 -35.81
CA HIS B 138 20.65 3.60 -36.32
C HIS B 138 20.26 2.75 -37.53
N THR B 139 21.20 2.48 -38.43
CA THR B 139 20.92 1.64 -39.58
C THR B 139 20.49 0.24 -39.15
N LEU B 140 21.19 -0.33 -38.16
CA LEU B 140 20.85 -1.66 -37.68
C LEU B 140 19.45 -1.67 -37.07
N LEU B 141 19.11 -0.64 -36.28
CA LEU B 141 17.78 -0.57 -35.69
C LEU B 141 16.69 -0.48 -36.75
N LEU B 142 16.94 0.33 -37.80
CA LEU B 142 15.95 0.44 -38.87
C LEU B 142 15.76 -0.88 -39.59
N ARG B 143 16.86 -1.61 -39.85
CA ARG B 143 16.75 -2.91 -40.48
C ARG B 143 15.94 -3.88 -39.61
N GLU B 144 16.19 -3.86 -38.30
CA GLU B 144 15.44 -4.73 -37.40
C GLU B 144 13.95 -4.42 -37.43
N HIS B 145 13.60 -3.12 -37.42
CA HIS B 145 12.19 -2.76 -37.47
C HIS B 145 11.55 -3.22 -38.78
N ASN B 146 12.25 -3.05 -39.90
CA ASN B 146 11.71 -3.47 -41.18
C ASN B 146 11.45 -4.98 -41.21
N ARG B 147 12.41 -5.76 -40.71
CA ARG B 147 12.23 -7.21 -40.69
C ARG B 147 11.06 -7.61 -39.80
N LEU B 148 10.94 -6.98 -38.62
CA LEU B 148 9.83 -7.30 -37.73
C LEU B 148 8.50 -6.98 -38.37
N ALA B 149 8.39 -5.82 -39.03
CA ALA B 149 7.14 -5.45 -39.68
C ALA B 149 6.79 -6.42 -40.80
N THR B 150 7.79 -6.83 -41.59
CA THR B 150 7.54 -7.77 -42.67
C THR B 150 7.01 -9.09 -42.14
N GLU B 151 7.65 -9.62 -41.09
CA GLU B 151 7.19 -10.89 -40.53
C GLU B 151 5.78 -10.76 -39.94
N LEU B 152 5.53 -9.67 -39.21
CA LEU B 152 4.21 -9.49 -38.60
C LEU B 152 3.12 -9.39 -39.66
N LYS B 153 3.41 -8.71 -40.77
CA LYS B 153 2.45 -8.70 -41.88
C LYS B 153 2.26 -10.09 -42.44
N SER B 154 3.35 -10.86 -42.59
CA SER B 154 3.25 -12.19 -43.17
C SER B 154 2.41 -13.12 -42.31
N LEU B 155 2.39 -12.89 -40.99
CA LEU B 155 1.64 -13.80 -40.12
C LEU B 155 0.13 -13.71 -40.36
N ASN B 156 -0.41 -12.50 -40.42
CA ASN B 156 -1.85 -12.31 -40.59
C ASN B 156 -2.13 -11.47 -41.82
N PRO B 157 -2.97 -11.94 -42.74
CA PRO B 157 -3.14 -11.23 -44.01
C PRO B 157 -4.17 -10.11 -43.99
N ARG B 158 -5.15 -10.18 -43.09
CA ARG B 158 -6.30 -9.30 -43.16
C ARG B 158 -6.14 -8.01 -42.38
N TRP B 159 -4.95 -7.72 -41.84
CA TRP B 159 -4.75 -6.51 -41.09
C TRP B 159 -4.59 -5.31 -42.03
N ASP B 160 -4.48 -4.13 -41.42
CA ASP B 160 -4.24 -2.89 -42.12
C ASP B 160 -2.84 -2.37 -41.80
N GLY B 161 -2.36 -1.44 -42.62
CA GLY B 161 -1.00 -0.95 -42.46
C GLY B 161 -0.76 -0.25 -41.13
N GLU B 162 -1.74 0.55 -40.69
CA GLU B 162 -1.58 1.30 -39.45
C GLU B 162 -1.40 0.36 -38.26
N ARG B 163 -2.19 -0.72 -38.20
CA ARG B 163 -2.08 -1.66 -37.11
C ARG B 163 -0.68 -2.30 -37.06
N LEU B 164 -0.16 -2.70 -38.22
CA LEU B 164 1.17 -3.28 -38.28
C LEU B 164 2.23 -2.28 -37.83
N TYR B 165 2.11 -1.03 -38.29
CA TYR B 165 3.07 0.00 -37.91
C TYR B 165 3.09 0.19 -36.39
N GLN B 166 1.93 0.37 -35.78
CA GLN B 166 1.87 0.58 -34.34
C GLN B 166 2.36 -0.65 -33.57
N GLU B 167 2.01 -1.85 -34.04
CA GLU B 167 2.45 -3.06 -33.36
C GLU B 167 3.97 -3.17 -33.39
N ALA B 168 4.58 -2.93 -34.55
CA ALA B 168 6.03 -3.00 -34.66
C ALA B 168 6.70 -1.96 -33.76
N ARG B 169 6.16 -0.74 -33.75
CA ARG B 169 6.74 0.30 -32.90
C ARG B 169 6.68 -0.10 -31.42
N LYS B 170 5.53 -0.63 -30.99
CA LYS B 170 5.39 -1.03 -29.59
C LYS B 170 6.36 -2.15 -29.24
N ILE B 171 6.50 -3.15 -30.13
CA ILE B 171 7.41 -4.25 -29.86
C ILE B 171 8.83 -3.74 -29.73
N VAL B 172 9.25 -2.87 -30.66
CA VAL B 172 10.61 -2.35 -30.63
C VAL B 172 10.85 -1.55 -29.35
N GLY B 173 9.88 -0.73 -28.97
CA GLY B 173 10.06 0.08 -27.76
C GLY B 173 10.21 -0.75 -26.51
N ALA B 174 9.32 -1.73 -26.33
CA ALA B 174 9.41 -2.58 -25.14
C ALA B 174 10.72 -3.36 -25.14
N MET B 175 11.14 -3.84 -26.32
CA MET B 175 12.35 -4.64 -26.40
C MET B 175 13.59 -3.82 -26.06
N VAL B 176 13.68 -2.59 -26.59
CA VAL B 176 14.85 -1.76 -26.27
C VAL B 176 14.83 -1.38 -24.80
N GLN B 177 13.65 -1.11 -24.24
CA GLN B 177 13.56 -0.81 -22.82
C GLN B 177 14.15 -1.94 -21.98
N ILE B 178 13.69 -3.17 -22.23
CA ILE B 178 14.11 -4.29 -21.38
C ILE B 178 15.60 -4.56 -21.54
N ILE B 179 16.11 -4.56 -22.78
CA ILE B 179 17.53 -4.85 -22.96
C ILE B 179 18.38 -3.77 -22.29
N THR B 180 18.03 -2.49 -22.52
CA THR B 180 18.80 -1.40 -21.95
C THR B 180 18.86 -1.50 -20.43
N TYR B 181 17.70 -1.63 -19.78
CA TYR B 181 17.71 -1.75 -18.33
C TYR B 181 18.55 -2.94 -17.89
N ARG B 182 18.11 -4.15 -18.25
CA ARG B 182 18.67 -5.36 -17.65
C ARG B 182 20.14 -5.56 -17.98
N ASP B 183 20.64 -4.95 -19.06
CA ASP B 183 22.05 -5.11 -19.37
C ASP B 183 22.89 -3.95 -18.83
N TYR B 184 22.50 -2.71 -19.13
CA TYR B 184 23.33 -1.58 -18.79
C TYR B 184 23.38 -1.34 -17.28
N LEU B 185 22.23 -1.36 -16.61
CA LEU B 185 22.21 -0.91 -15.22
C LEU B 185 23.09 -1.72 -14.27
N PRO B 186 23.12 -3.05 -14.30
CA PRO B 186 23.94 -3.78 -13.31
C PRO B 186 25.43 -3.51 -13.38
N LEU B 187 25.93 -3.01 -14.51
CA LEU B 187 27.38 -2.87 -14.71
C LEU B 187 27.89 -1.46 -14.49
N VAL B 188 27.09 -0.58 -13.88
CA VAL B 188 27.54 0.79 -13.65
C VAL B 188 27.43 1.14 -12.17
N LEU B 189 26.23 0.96 -11.60
CA LEU B 189 26.01 1.37 -10.21
C LEU B 189 26.67 0.40 -9.24
N GLY B 190 26.58 -0.89 -9.51
CA GLY B 190 27.09 -1.90 -8.60
C GLY B 190 25.99 -2.64 -7.87
N PRO B 191 26.35 -3.73 -7.19
CA PRO B 191 25.33 -4.54 -6.51
C PRO B 191 24.63 -3.81 -5.37
N THR B 192 25.41 -3.26 -4.43
CA THR B 192 24.83 -2.61 -3.27
C THR B 192 24.05 -1.35 -3.66
N ALA B 193 24.58 -0.59 -4.63
CA ALA B 193 23.92 0.64 -5.04
C ALA B 193 22.52 0.38 -5.56
N MET B 194 22.37 -0.64 -6.41
CA MET B 194 21.03 -0.96 -6.92
C MET B 194 20.18 -1.68 -5.89
N ARG B 195 20.79 -2.49 -5.02
CA ARG B 195 20.02 -3.12 -3.95
C ARG B 195 19.44 -2.08 -3.00
N LYS B 196 20.08 -0.93 -2.88
CA LYS B 196 19.59 0.12 -2.00
C LYS B 196 18.73 1.16 -2.72
N TYR B 197 18.95 1.37 -4.02
CA TYR B 197 18.27 2.44 -4.74
C TYR B 197 17.13 1.97 -5.62
N LEU B 198 17.17 0.73 -6.12
CA LEU B 198 16.16 0.20 -7.04
C LEU B 198 15.53 -1.06 -6.48
N PRO B 199 14.41 -0.94 -5.77
CA PRO B 199 13.69 -2.15 -5.34
C PRO B 199 12.95 -2.80 -6.49
N THR B 200 12.19 -3.86 -6.20
CA THR B 200 11.45 -4.56 -7.23
C THR B 200 10.19 -3.78 -7.61
N TYR B 201 9.78 -3.94 -8.87
CA TYR B 201 8.59 -3.26 -9.36
C TYR B 201 7.34 -3.81 -8.67
N ARG B 202 6.40 -2.92 -8.36
CA ARG B 202 5.17 -3.31 -7.69
C ARG B 202 3.93 -3.04 -8.53
N SER B 203 3.75 -1.84 -9.06
CA SER B 203 2.57 -1.48 -9.84
C SER B 203 2.74 -0.05 -10.36
N TYR B 204 1.75 0.41 -11.13
CA TYR B 204 1.72 1.78 -11.62
C TYR B 204 1.50 2.75 -10.47
N ASN B 205 2.03 3.97 -10.64
CA ASN B 205 1.85 5.05 -9.67
C ASN B 205 1.78 6.37 -10.41
N ASP B 206 0.67 7.08 -10.27
CA ASP B 206 0.43 8.31 -11.00
C ASP B 206 0.70 9.57 -10.18
N SER B 207 1.25 9.42 -8.98
CA SER B 207 1.55 10.55 -8.11
C SER B 207 3.02 10.96 -8.17
N VAL B 208 3.80 10.37 -9.08
CA VAL B 208 5.22 10.69 -9.21
C VAL B 208 5.42 11.59 -10.42
N ASP B 209 6.50 12.38 -10.39
CA ASP B 209 6.80 13.32 -11.45
C ASP B 209 7.82 12.72 -12.39
N PRO B 210 7.48 12.44 -13.65
CA PRO B 210 8.45 11.85 -14.59
C PRO B 210 9.32 12.84 -15.34
N ARG B 211 9.39 14.10 -14.91
CA ARG B 211 10.18 15.09 -15.63
C ARG B 211 11.67 14.87 -15.40
N ILE B 212 12.48 15.77 -15.96
CA ILE B 212 13.93 15.68 -15.91
C ILE B 212 14.49 16.99 -15.38
N ALA B 213 15.72 16.93 -14.88
CA ALA B 213 16.36 18.07 -14.23
C ALA B 213 17.70 18.37 -14.89
N ASN B 214 18.16 19.62 -14.69
CA ASN B 214 19.42 20.06 -15.27
C ASN B 214 20.60 19.30 -14.68
N VAL B 215 20.53 18.94 -13.40
CA VAL B 215 21.64 18.28 -12.73
C VAL B 215 21.93 16.94 -13.38
N PHE B 216 20.89 16.19 -13.74
CA PHE B 216 21.09 14.93 -14.44
C PHE B 216 21.75 15.17 -15.80
N THR B 217 21.34 16.22 -16.50
CA THR B 217 21.93 16.53 -17.79
C THR B 217 23.42 16.81 -17.66
N ASN B 218 23.82 17.54 -16.63
CA ASN B 218 25.23 17.85 -16.45
C ASN B 218 26.02 16.77 -15.72
N ALA B 219 25.34 15.77 -15.15
CA ALA B 219 26.02 14.71 -14.41
C ALA B 219 26.08 13.38 -15.12
N PHE B 220 25.29 13.17 -16.17
CA PHE B 220 25.36 11.93 -16.94
C PHE B 220 26.55 11.90 -17.90
N ARG B 221 27.38 12.95 -17.90
CA ARG B 221 28.43 13.11 -18.89
C ARG B 221 29.78 12.55 -18.43
N TYR B 222 29.78 11.51 -17.59
CA TYR B 222 31.03 10.93 -17.14
C TYR B 222 31.74 10.17 -18.25
N GLY B 223 30.98 9.63 -19.20
CA GLY B 223 31.56 8.80 -20.24
C GLY B 223 32.66 9.46 -21.04
N HIS B 224 32.66 10.79 -21.10
CA HIS B 224 33.72 11.52 -21.80
C HIS B 224 35.10 11.21 -21.26
N THR B 225 35.21 10.53 -20.12
CA THR B 225 36.50 10.16 -19.55
C THR B 225 37.01 8.81 -20.03
N LEU B 226 36.30 8.15 -20.94
CA LEU B 226 36.68 6.81 -21.40
C LEU B 226 37.20 6.81 -22.83
N ILE B 227 37.53 7.98 -23.39
CA ILE B 227 37.76 8.11 -24.82
C ILE B 227 38.99 7.31 -25.24
N GLN B 228 38.86 6.57 -26.37
CA GLN B 228 39.96 5.87 -27.03
C GLN B 228 40.39 6.65 -28.26
N PRO B 229 41.70 6.85 -28.47
CA PRO B 229 42.14 7.83 -29.47
C PRO B 229 42.32 7.28 -30.87
N PHE B 230 41.75 6.11 -31.18
CA PHE B 230 41.92 5.54 -32.51
C PHE B 230 40.67 4.75 -32.90
N MET B 231 40.52 4.53 -34.20
CA MET B 231 39.45 3.70 -34.74
C MET B 231 40.08 2.53 -35.50
N PHE B 232 39.61 1.33 -35.19
CA PHE B 232 40.18 0.09 -35.70
C PHE B 232 39.15 -0.66 -36.55
N ARG B 233 39.63 -1.68 -37.25
CA ARG B 233 38.79 -2.47 -38.13
C ARG B 233 39.37 -3.88 -38.26
N LEU B 234 38.53 -4.82 -38.66
CA LEU B 234 38.95 -6.20 -38.91
C LEU B 234 38.20 -6.72 -40.13
N ASP B 235 38.38 -8.01 -40.43
CA ASP B 235 37.78 -8.64 -41.60
C ASP B 235 36.99 -9.88 -41.21
N ASN B 236 36.62 -10.69 -42.20
CA ASN B 236 35.74 -11.84 -41.95
C ASN B 236 36.35 -12.79 -40.92
N ARG B 237 37.64 -13.05 -41.01
CA ARG B 237 38.35 -13.82 -39.99
C ARG B 237 39.28 -12.88 -39.25
N TYR B 238 39.14 -12.85 -37.92
CA TYR B 238 39.68 -11.76 -37.10
C TYR B 238 41.16 -11.50 -37.33
N GLN B 239 41.47 -10.32 -37.86
CA GLN B 239 42.81 -9.84 -38.17
C GLN B 239 42.70 -8.38 -38.61
N PRO B 240 43.73 -7.56 -38.40
CA PRO B 240 43.69 -6.21 -38.98
C PRO B 240 43.55 -6.26 -40.49
N MET B 241 42.76 -5.34 -41.03
CA MET B 241 42.43 -5.33 -42.45
C MET B 241 43.19 -4.20 -43.15
N GLU B 242 43.79 -4.52 -44.29
CA GLU B 242 44.48 -3.54 -45.12
C GLU B 242 43.58 -3.12 -46.29
N PRO B 243 43.68 -1.87 -46.74
CA PRO B 243 44.53 -0.78 -46.24
C PRO B 243 43.85 0.04 -45.14
N ASN B 244 44.62 0.87 -44.44
CA ASN B 244 44.13 1.77 -43.40
C ASN B 244 43.41 1.00 -42.29
N PRO B 245 44.12 0.22 -41.49
CA PRO B 245 43.45 -0.53 -40.41
C PRO B 245 43.17 0.32 -39.18
N ARG B 246 44.05 1.30 -38.92
CA ARG B 246 43.93 2.18 -37.76
C ARG B 246 43.89 3.61 -38.25
N VAL B 247 42.90 4.37 -37.80
CA VAL B 247 42.79 5.77 -38.21
C VAL B 247 42.68 6.66 -36.97
N PRO B 248 43.35 7.81 -36.97
CA PRO B 248 43.20 8.74 -35.83
C PRO B 248 41.78 9.29 -35.75
N LEU B 249 41.36 9.59 -34.53
CA LEU B 249 40.01 10.10 -34.31
C LEU B 249 39.83 11.52 -34.83
N SER B 250 40.92 12.24 -35.09
CA SER B 250 40.80 13.63 -35.53
C SER B 250 40.18 13.71 -36.92
N ARG B 251 40.71 12.96 -37.87
CA ARG B 251 40.21 12.99 -39.25
C ARG B 251 39.14 11.94 -39.49
N VAL B 252 38.09 11.96 -38.66
CA VAL B 252 36.97 11.05 -38.83
C VAL B 252 35.67 11.78 -38.47
N PHE B 253 35.79 12.94 -37.84
CA PHE B 253 34.61 13.70 -37.42
C PHE B 253 33.84 14.18 -38.64
N PHE B 254 32.52 14.01 -38.61
CA PHE B 254 31.61 14.46 -39.67
C PHE B 254 31.94 13.83 -41.02
N ALA B 255 32.62 12.69 -41.02
CA ALA B 255 33.06 12.03 -42.26
C ALA B 255 32.15 10.81 -42.48
N SER B 256 31.00 11.06 -43.11
CA SER B 256 30.07 9.97 -43.40
C SER B 256 30.43 9.22 -44.68
N TRP B 257 31.28 9.80 -45.54
CA TRP B 257 31.64 9.15 -46.79
C TRP B 257 32.34 7.82 -46.55
N ARG B 258 33.14 7.72 -45.49
CA ARG B 258 33.80 6.46 -45.16
C ARG B 258 32.80 5.35 -44.87
N VAL B 259 31.55 5.69 -44.57
CA VAL B 259 30.53 4.67 -44.36
C VAL B 259 29.92 4.22 -45.68
N VAL B 260 29.94 5.06 -46.71
CA VAL B 260 29.27 4.76 -47.97
C VAL B 260 30.22 4.18 -49.00
N LEU B 261 31.28 4.91 -49.33
CA LEU B 261 32.18 4.49 -50.40
C LEU B 261 33.09 3.34 -50.00
N GLU B 262 33.33 3.13 -48.71
CA GLU B 262 34.27 2.12 -48.26
C GLU B 262 33.69 1.36 -47.07
N GLY B 263 34.23 0.17 -46.83
CA GLY B 263 33.91 -0.62 -45.65
C GLY B 263 32.66 -1.45 -45.75
N GLY B 264 31.50 -0.82 -45.61
CA GLY B 264 30.24 -1.54 -45.63
C GLY B 264 29.67 -1.82 -44.26
N ILE B 265 29.86 -0.89 -43.33
CA ILE B 265 29.23 -0.85 -42.00
C ILE B 265 29.63 -2.04 -41.13
N ASP B 266 29.79 -3.23 -41.73
CA ASP B 266 30.08 -4.42 -40.94
C ASP B 266 31.42 -4.36 -40.22
N PRO B 267 32.55 -3.97 -40.86
CA PRO B 267 33.82 -3.95 -40.12
C PRO B 267 33.82 -3.02 -38.92
N ILE B 268 33.04 -1.94 -38.96
CA ILE B 268 32.96 -1.05 -37.80
C ILE B 268 32.41 -1.82 -36.60
N LEU B 269 31.31 -2.55 -36.80
CA LEU B 269 30.77 -3.37 -35.73
C LEU B 269 31.77 -4.42 -35.29
N ARG B 270 32.41 -5.10 -36.25
CA ARG B 270 33.35 -6.16 -35.92
C ARG B 270 34.48 -5.64 -35.04
N GLY B 271 34.97 -4.44 -35.33
CA GLY B 271 35.90 -3.79 -34.43
C GLY B 271 35.27 -3.46 -33.09
N LEU B 272 33.97 -3.14 -33.10
CA LEU B 272 33.31 -2.77 -31.84
C LEU B 272 33.26 -3.92 -30.85
N MET B 273 32.89 -5.13 -31.30
CA MET B 273 32.69 -6.18 -30.29
C MET B 273 34.00 -6.67 -29.65
N ALA B 274 35.17 -6.35 -30.23
CA ALA B 274 36.41 -7.00 -29.81
C ALA B 274 37.51 -5.96 -29.55
N THR B 275 37.22 -5.00 -28.67
CA THR B 275 38.24 -4.03 -28.26
C THR B 275 37.95 -3.55 -26.85
N PRO B 276 38.94 -3.54 -25.96
CA PRO B 276 38.70 -3.08 -24.59
C PRO B 276 38.62 -1.56 -24.51
N ALA B 277 38.05 -1.09 -23.40
CA ALA B 277 37.86 0.33 -23.16
C ALA B 277 39.04 0.89 -22.38
N LYS B 278 38.92 2.13 -21.90
CA LYS B 278 39.98 2.81 -21.17
C LYS B 278 39.58 2.93 -19.70
N LEU B 279 40.52 2.59 -18.81
CA LEU B 279 40.28 2.72 -17.38
C LEU B 279 40.52 4.16 -16.93
N ASN B 280 39.85 4.53 -15.84
CA ASN B 280 39.96 5.87 -15.28
C ASN B 280 40.80 5.83 -14.00
N ARG B 281 41.76 6.75 -13.91
CA ARG B 281 42.62 6.87 -12.74
C ARG B 281 42.73 8.34 -12.37
N GLN B 282 43.19 8.58 -11.14
CA GLN B 282 43.25 9.95 -10.62
C GLN B 282 44.30 10.79 -11.31
N ASN B 283 45.21 10.19 -12.07
CA ASN B 283 46.22 10.93 -12.81
C ASN B 283 46.14 10.68 -14.32
N GLN B 284 45.07 10.05 -14.79
CA GLN B 284 44.83 9.75 -16.21
C GLN B 284 43.39 10.11 -16.58
N ILE B 285 42.99 11.33 -16.21
CA ILE B 285 41.57 11.67 -16.12
C ILE B 285 40.92 11.71 -17.52
N ALA B 286 41.61 12.25 -18.52
CA ALA B 286 40.98 12.41 -19.83
C ALA B 286 42.03 12.46 -20.92
N VAL B 287 41.71 11.84 -22.06
CA VAL B 287 42.64 11.66 -23.17
C VAL B 287 42.92 13.01 -23.82
N ASP B 288 44.18 13.18 -24.26
CA ASP B 288 44.61 14.44 -24.84
C ASP B 288 43.96 14.72 -26.20
N GLU B 289 43.54 13.68 -26.91
CA GLU B 289 43.08 13.87 -28.29
C GLU B 289 41.85 14.76 -28.35
N ILE B 290 40.89 14.56 -27.46
CA ILE B 290 39.68 15.38 -27.46
C ILE B 290 39.92 16.79 -26.95
N ARG B 291 41.09 17.06 -26.36
CA ARG B 291 41.39 18.35 -25.79
C ARG B 291 42.28 19.21 -26.68
N GLU B 292 42.69 18.71 -27.84
CA GLU B 292 43.64 19.46 -28.66
C GLU B 292 43.19 19.66 -30.10
N ARG B 293 42.53 18.67 -30.70
CA ARG B 293 42.20 18.70 -32.12
C ARG B 293 40.75 18.31 -32.34
N LEU B 294 39.84 18.91 -31.58
CA LEU B 294 38.42 18.63 -31.67
C LEU B 294 37.81 19.50 -32.77
N PHE B 295 37.18 18.86 -33.76
CA PHE B 295 36.52 19.55 -34.87
C PHE B 295 37.51 20.48 -35.58
N GLU B 296 38.73 19.99 -35.81
CA GLU B 296 39.78 20.81 -36.40
C GLU B 296 39.45 21.21 -37.83
N GLN B 297 38.95 20.27 -38.63
CA GLN B 297 38.74 20.52 -40.05
C GLN B 297 37.48 21.32 -40.36
N VAL B 298 36.61 21.54 -39.38
CA VAL B 298 35.36 22.26 -39.63
C VAL B 298 35.40 23.70 -39.14
N MET B 299 36.37 24.07 -38.29
CA MET B 299 36.46 25.43 -37.79
C MET B 299 37.87 25.98 -37.98
N ARG B 300 38.14 27.15 -37.41
CA ARG B 300 39.46 27.77 -37.53
C ARG B 300 40.42 27.32 -36.45
N ILE B 301 39.94 27.13 -35.22
CA ILE B 301 40.77 26.76 -34.08
C ILE B 301 40.10 25.59 -33.37
N GLY B 302 40.89 24.56 -33.06
CA GLY B 302 40.35 23.42 -32.35
C GLY B 302 39.92 23.79 -30.94
N LEU B 303 38.88 23.11 -30.46
CA LEU B 303 38.27 23.40 -29.17
C LEU B 303 38.68 22.37 -28.14
N ASP B 304 38.43 22.71 -26.88
CA ASP B 304 38.69 21.84 -25.74
C ASP B 304 37.37 21.39 -25.14
N LEU B 305 37.27 20.10 -24.81
CA LEU B 305 36.03 19.53 -24.30
C LEU B 305 35.80 19.85 -22.83
N PRO B 306 36.75 19.57 -21.92
CA PRO B 306 36.48 19.85 -20.50
C PRO B 306 36.24 21.33 -20.20
N ALA B 307 36.98 22.22 -20.86
CA ALA B 307 36.76 23.65 -20.67
C ALA B 307 35.36 24.05 -21.14
N LEU B 308 34.93 23.51 -22.28
CA LEU B 308 33.58 23.76 -22.76
C LEU B 308 32.55 23.27 -21.76
N ASN B 309 32.77 22.08 -21.19
CA ASN B 309 31.83 21.52 -20.24
C ASN B 309 31.73 22.38 -18.98
N MET B 310 32.87 22.84 -18.46
CA MET B 310 32.83 23.68 -17.28
C MET B 310 32.21 25.03 -17.56
N GLN B 311 32.44 25.58 -18.76
CA GLN B 311 31.79 26.83 -19.13
C GLN B 311 30.28 26.65 -19.20
N ARG B 312 29.81 25.54 -19.76
CA ARG B 312 28.38 25.27 -19.80
C ARG B 312 27.80 25.12 -18.40
N SER B 313 28.53 24.42 -17.52
CA SER B 313 28.06 24.25 -16.15
C SER B 313 27.95 25.60 -15.44
N ARG B 314 28.94 26.47 -15.63
CA ARG B 314 28.88 27.79 -15.02
C ARG B 314 27.72 28.62 -15.59
N ASP B 315 27.51 28.54 -16.90
CA ASP B 315 26.44 29.32 -17.53
C ASP B 315 25.06 28.86 -17.07
N HIS B 316 24.86 27.55 -16.95
CA HIS B 316 23.54 27.04 -16.57
C HIS B 316 23.14 27.44 -15.16
N GLY B 317 24.09 27.85 -14.33
CA GLY B 317 23.77 28.28 -12.98
C GLY B 317 23.48 27.14 -12.03
N LEU B 318 24.48 26.29 -11.80
CA LEU B 318 24.35 25.18 -10.89
C LEU B 318 25.13 25.43 -9.60
N PRO B 319 24.68 24.88 -8.48
CA PRO B 319 25.36 25.14 -7.20
C PRO B 319 26.73 24.49 -7.11
N GLY B 320 27.39 24.65 -5.97
CA GLY B 320 28.73 24.12 -5.77
C GLY B 320 28.72 22.64 -5.38
N TYR B 321 29.94 22.13 -5.17
CA TYR B 321 30.10 20.72 -4.83
C TYR B 321 29.63 20.43 -3.41
N ASN B 322 29.85 21.36 -2.48
CA ASN B 322 29.46 21.14 -1.10
C ASN B 322 27.94 21.05 -0.97
N ALA B 323 27.20 21.87 -1.72
CA ALA B 323 25.75 21.82 -1.65
C ALA B 323 25.23 20.45 -2.11
N TRP B 324 25.81 19.91 -3.17
CA TRP B 324 25.39 18.60 -3.64
C TRP B 324 25.84 17.49 -2.70
N ARG B 325 26.97 17.67 -2.02
CA ARG B 325 27.35 16.72 -0.97
C ARG B 325 26.33 16.72 0.16
N ARG B 326 25.85 17.91 0.54
CA ARG B 326 24.83 17.99 1.59
C ARG B 326 23.49 17.44 1.13
N PHE B 327 23.17 17.59 -0.16
CA PHE B 327 21.88 17.15 -0.66
C PHE B 327 21.70 15.64 -0.56
N CYS B 328 22.80 14.89 -0.65
CA CYS B 328 22.75 13.43 -0.63
C CYS B 328 22.97 12.84 0.76
N GLY B 329 23.02 13.68 1.79
CA GLY B 329 23.23 13.19 3.15
C GLY B 329 24.59 12.58 3.39
N LEU B 330 25.65 13.23 2.91
CA LEU B 330 27.01 12.78 3.12
C LEU B 330 27.80 13.86 3.87
N PRO B 331 28.85 13.49 4.59
CA PRO B 331 29.66 14.49 5.29
C PRO B 331 30.28 15.48 4.32
N GLN B 332 30.35 16.74 4.74
CA GLN B 332 30.89 17.81 3.91
C GLN B 332 32.23 18.28 4.45
N PRO B 333 33.32 18.09 3.72
CA PRO B 333 34.62 18.58 4.20
C PRO B 333 34.73 20.10 4.06
N GLU B 334 35.59 20.67 4.89
CA GLU B 334 35.82 22.12 4.88
C GLU B 334 37.28 22.50 4.73
N THR B 335 38.19 21.74 5.33
CA THR B 335 39.61 22.07 5.33
C THR B 335 40.36 21.21 4.33
N VAL B 336 41.63 21.57 4.11
CA VAL B 336 42.48 20.84 3.17
C VAL B 336 42.70 19.40 3.63
N GLY B 337 42.95 19.21 4.93
CA GLY B 337 43.12 17.86 5.44
C GLY B 337 41.88 17.00 5.27
N GLN B 338 40.71 17.57 5.57
CA GLN B 338 39.47 16.83 5.38
C GLN B 338 39.25 16.48 3.92
N LEU B 339 39.58 17.40 3.02
CA LEU B 339 39.50 17.11 1.59
C LEU B 339 40.43 15.95 1.22
N GLY B 340 41.65 15.95 1.77
CA GLY B 340 42.57 14.86 1.49
C GLY B 340 42.06 13.53 1.98
N THR B 341 41.50 13.49 3.19
CA THR B 341 40.95 12.23 3.69
C THR B 341 39.75 11.77 2.88
N VAL B 342 38.87 12.69 2.48
CA VAL B 342 37.66 12.28 1.79
C VAL B 342 37.96 11.91 0.34
N LEU B 343 39.05 12.42 -0.23
CA LEU B 343 39.41 12.12 -1.60
C LEU B 343 40.33 10.91 -1.73
N ARG B 344 40.78 10.34 -0.61
CA ARG B 344 41.70 9.21 -0.61
C ARG B 344 42.98 9.52 -1.38
N ASN B 345 43.40 10.78 -1.34
CA ASN B 345 44.60 11.22 -2.04
C ASN B 345 45.07 12.52 -1.40
N LEU B 346 46.32 12.87 -1.70
CA LEU B 346 46.93 14.07 -1.13
C LEU B 346 47.28 15.10 -2.18
N LYS B 347 48.00 14.71 -3.25
CA LYS B 347 48.43 15.67 -4.24
C LYS B 347 47.27 16.27 -5.00
N LEU B 348 46.27 15.45 -5.35
CA LEU B 348 45.12 15.96 -6.09
C LEU B 348 44.34 16.98 -5.30
N ALA B 349 44.12 16.72 -4.01
CA ALA B 349 43.44 17.68 -3.15
C ALA B 349 44.25 18.96 -3.01
N ARG B 350 45.57 18.83 -2.91
CA ARG B 350 46.43 20.01 -2.82
C ARG B 350 46.31 20.86 -4.07
N LYS B 351 46.34 20.23 -5.25
CA LYS B 351 46.19 20.97 -6.50
C LYS B 351 44.82 21.64 -6.59
N LEU B 352 43.77 20.93 -6.20
CA LEU B 352 42.43 21.51 -6.25
C LEU B 352 42.32 22.72 -5.32
N MET B 353 42.88 22.61 -4.12
CA MET B 353 42.83 23.73 -3.18
C MET B 353 43.67 24.90 -3.65
N GLU B 354 44.82 24.62 -4.29
CA GLU B 354 45.65 25.70 -4.82
C GLU B 354 44.95 26.44 -5.96
N GLN B 355 44.26 25.70 -6.84
CA GLN B 355 43.60 26.32 -7.98
C GLN B 355 42.32 27.05 -7.60
N TYR B 356 41.87 26.94 -6.35
CA TYR B 356 40.65 27.60 -5.90
C TYR B 356 40.89 28.30 -4.58
N GLY B 357 39.81 28.75 -3.93
CA GLY B 357 39.93 29.38 -2.63
C GLY B 357 39.29 28.59 -1.51
N THR B 358 38.35 27.73 -1.85
CA THR B 358 37.62 26.93 -0.87
C THR B 358 36.99 25.74 -1.58
N PRO B 359 36.79 24.62 -0.89
CA PRO B 359 36.08 23.49 -1.52
C PRO B 359 34.65 23.80 -1.90
N ASN B 360 34.06 24.85 -1.34
CA ASN B 360 32.67 25.19 -1.65
C ASN B 360 32.47 25.63 -3.09
N ASN B 361 33.54 26.04 -3.78
CA ASN B 361 33.44 26.54 -5.15
C ASN B 361 33.84 25.50 -6.18
N ILE B 362 34.01 24.23 -5.78
CA ILE B 362 34.40 23.19 -6.73
C ILE B 362 33.23 22.87 -7.65
N ASP B 363 33.52 22.81 -8.94
CA ASP B 363 32.47 22.53 -9.92
C ASP B 363 31.96 21.10 -9.78
N ILE B 364 30.73 20.88 -10.27
CA ILE B 364 30.08 19.59 -10.10
C ILE B 364 30.83 18.49 -10.87
N TRP B 365 31.23 18.76 -12.10
CA TRP B 365 31.79 17.71 -12.94
C TRP B 365 33.15 17.26 -12.45
N MET B 366 34.04 18.20 -12.14
CA MET B 366 35.36 17.83 -11.65
C MET B 366 35.27 17.11 -10.31
N GLY B 367 34.42 17.60 -9.41
CA GLY B 367 34.26 16.93 -8.12
C GLY B 367 33.72 15.52 -8.27
N GLY B 368 32.73 15.33 -9.15
CA GLY B 368 32.18 14.01 -9.35
C GLY B 368 33.17 13.05 -9.98
N VAL B 369 33.88 13.50 -11.02
CA VAL B 369 34.79 12.61 -11.75
C VAL B 369 36.01 12.27 -10.91
N SER B 370 36.58 13.27 -10.23
CA SER B 370 37.85 13.09 -9.54
C SER B 370 37.76 12.12 -8.36
N GLU B 371 36.56 11.86 -7.86
CA GLU B 371 36.42 10.99 -6.69
C GLU B 371 36.79 9.56 -7.04
N PRO B 372 37.31 8.80 -6.08
CA PRO B 372 37.61 7.38 -6.35
C PRO B 372 36.35 6.59 -6.63
N LEU B 373 36.47 5.63 -7.54
CA LEU B 373 35.33 4.82 -7.95
C LEU B 373 35.04 3.74 -6.91
N LYS B 374 33.86 3.12 -7.04
CA LYS B 374 33.44 2.06 -6.15
C LYS B 374 33.98 0.71 -6.62
N ARG B 375 33.71 -0.32 -5.85
CA ARG B 375 34.11 -1.68 -6.23
C ARG B 375 33.09 -2.28 -7.17
N LYS B 376 33.57 -2.88 -8.26
CA LYS B 376 32.71 -3.44 -9.30
C LYS B 376 31.76 -2.37 -9.85
N GLY B 377 32.29 -1.17 -10.08
CA GLY B 377 31.52 -0.08 -10.63
C GLY B 377 32.45 0.93 -11.27
N ARG B 378 31.85 1.94 -11.91
CA ARG B 378 32.61 2.95 -12.62
C ARG B 378 32.19 4.37 -12.25
N VAL B 379 31.53 4.55 -11.10
CA VAL B 379 31.10 5.87 -10.65
C VAL B 379 31.39 6.03 -9.17
N GLY B 380 31.42 7.28 -8.72
CA GLY B 380 31.63 7.58 -7.33
C GLY B 380 30.35 7.46 -6.52
N PRO B 381 30.46 7.80 -5.23
CA PRO B 381 29.30 7.72 -4.34
C PRO B 381 28.30 8.86 -4.48
N LEU B 382 28.47 9.73 -5.47
CA LEU B 382 27.57 10.87 -5.69
C LEU B 382 26.89 10.79 -7.05
N LEU B 383 27.66 10.59 -8.13
CA LEU B 383 27.07 10.42 -9.44
C LEU B 383 26.16 9.21 -9.47
N ALA B 384 26.53 8.14 -8.78
CA ALA B 384 25.69 6.95 -8.72
C ALA B 384 24.35 7.28 -8.07
N CYS B 385 24.35 8.03 -6.97
CA CYS B 385 23.10 8.40 -6.32
C CYS B 385 22.23 9.24 -7.25
N ILE B 386 22.82 10.24 -7.92
CA ILE B 386 22.05 11.10 -8.80
C ILE B 386 21.42 10.28 -9.92
N ILE B 387 22.23 9.44 -10.58
CA ILE B 387 21.75 8.66 -11.71
C ILE B 387 20.67 7.68 -11.26
N GLY B 388 20.87 7.02 -10.13
CA GLY B 388 19.87 6.08 -9.64
C GLY B 388 18.55 6.75 -9.30
N THR B 389 18.61 7.90 -8.63
CA THR B 389 17.38 8.63 -8.31
C THR B 389 16.64 9.04 -9.58
N GLN B 390 17.37 9.58 -10.56
CA GLN B 390 16.72 10.00 -11.80
C GLN B 390 16.09 8.81 -12.53
N PHE B 391 16.81 7.69 -12.60
CA PHE B 391 16.27 6.52 -13.29
C PHE B 391 15.05 5.96 -12.59
N ARG B 392 15.07 5.92 -11.25
CA ARG B 392 13.90 5.44 -10.52
C ARG B 392 12.70 6.35 -10.74
N LYS B 393 12.93 7.67 -10.75
CA LYS B 393 11.83 8.58 -11.04
C LYS B 393 11.29 8.37 -12.44
N LEU B 394 12.18 8.11 -13.40
CA LEU B 394 11.74 7.91 -14.78
C LEU B 394 11.04 6.56 -14.99
N ARG B 395 11.29 5.58 -14.13
CA ARG B 395 10.73 4.25 -14.36
C ARG B 395 9.28 4.16 -13.88
N ASP B 396 9.01 4.57 -12.64
CA ASP B 396 7.73 4.32 -11.99
C ASP B 396 6.65 5.33 -12.38
N GLY B 397 6.80 6.06 -13.48
CA GLY B 397 5.81 7.03 -13.86
C GLY B 397 5.16 6.77 -15.20
N ASP B 398 5.86 6.06 -16.08
CA ASP B 398 5.33 5.77 -17.41
C ASP B 398 4.18 4.79 -17.33
N ARG B 399 3.06 5.12 -17.98
CA ARG B 399 1.88 4.28 -17.91
C ARG B 399 2.00 3.04 -18.79
N PHE B 400 2.73 3.13 -19.90
CA PHE B 400 2.83 2.03 -20.87
C PHE B 400 4.04 1.14 -20.62
N TRP B 401 4.46 1.00 -19.35
CA TRP B 401 5.56 0.10 -19.02
C TRP B 401 5.18 -1.34 -19.38
N TRP B 402 6.17 -2.11 -19.86
CA TRP B 402 5.87 -3.43 -20.40
C TRP B 402 5.41 -4.40 -19.32
N GLU B 403 5.90 -4.25 -18.10
CA GLU B 403 5.49 -5.13 -17.01
C GLU B 403 4.16 -4.74 -16.40
N ASN B 404 3.62 -3.57 -16.75
CA ASN B 404 2.34 -3.14 -16.20
C ASN B 404 1.22 -4.04 -16.71
N GLU B 405 0.23 -4.28 -15.84
CA GLU B 405 -0.89 -5.13 -16.21
C GLU B 405 -1.75 -4.45 -17.26
N GLY B 406 -2.31 -5.25 -18.16
CA GLY B 406 -3.20 -4.75 -19.19
C GLY B 406 -2.55 -4.40 -20.51
N VAL B 407 -1.22 -4.50 -20.62
CA VAL B 407 -0.53 -4.19 -21.86
C VAL B 407 0.04 -5.43 -22.53
N PHE B 408 0.20 -6.55 -21.83
CA PHE B 408 0.68 -7.79 -22.42
C PHE B 408 0.06 -8.96 -21.68
N SER B 409 0.00 -10.09 -22.36
CA SER B 409 -0.59 -11.30 -21.78
C SER B 409 0.47 -12.13 -21.07
N MET B 410 0.01 -13.19 -20.40
CA MET B 410 0.94 -14.09 -19.71
C MET B 410 1.83 -14.82 -20.70
N GLN B 411 1.27 -15.27 -21.82
CA GLN B 411 2.06 -15.97 -22.82
C GLN B 411 3.11 -15.06 -23.44
N GLN B 412 2.71 -13.82 -23.77
CA GLN B 412 3.66 -12.87 -24.36
C GLN B 412 4.78 -12.52 -23.36
N ARG B 413 4.42 -12.35 -22.09
CA ARG B 413 5.45 -12.09 -21.08
C ARG B 413 6.39 -13.28 -20.93
N GLN B 414 5.83 -14.50 -20.96
CA GLN B 414 6.66 -15.69 -20.85
C GLN B 414 7.62 -15.82 -22.02
N ALA B 415 7.15 -15.55 -23.24
CA ALA B 415 7.95 -15.72 -24.44
C ALA B 415 8.80 -14.51 -24.79
N LEU B 416 8.63 -13.39 -24.11
CA LEU B 416 9.37 -12.18 -24.42
C LEU B 416 10.53 -11.91 -23.47
N ALA B 417 10.82 -12.84 -22.55
CA ALA B 417 11.86 -12.63 -21.55
C ALA B 417 13.24 -13.06 -22.02
N GLN B 418 13.38 -13.54 -23.26
CA GLN B 418 14.66 -14.05 -23.71
C GLN B 418 15.14 -13.36 -24.98
N ILE B 419 15.09 -12.03 -25.00
CA ILE B 419 15.56 -11.23 -26.13
C ILE B 419 16.93 -10.66 -25.78
N SER B 420 17.90 -10.87 -26.66
CA SER B 420 19.28 -10.45 -26.39
C SER B 420 19.86 -9.76 -27.61
N LEU B 421 20.78 -8.83 -27.34
CA LEU B 421 21.47 -8.12 -28.42
C LEU B 421 22.29 -9.02 -29.34
N PRO B 422 23.03 -10.03 -28.86
CA PRO B 422 23.79 -10.87 -29.80
C PRO B 422 22.93 -11.51 -30.88
N ARG B 423 21.72 -11.94 -30.53
CA ARG B 423 20.83 -12.49 -31.55
C ARG B 423 20.46 -11.39 -32.54
N ILE B 424 20.24 -10.17 -32.05
CA ILE B 424 19.96 -9.04 -32.94
C ILE B 424 21.07 -8.90 -33.97
N ILE B 425 22.33 -8.92 -33.51
CA ILE B 425 23.45 -8.68 -34.41
C ILE B 425 23.63 -9.85 -35.37
N CYS B 426 23.48 -11.08 -34.88
CA CYS B 426 23.69 -12.24 -35.73
C CYS B 426 22.57 -12.39 -36.76
N ASP B 427 21.39 -11.84 -36.46
CA ASP B 427 20.25 -11.99 -37.36
C ASP B 427 20.17 -10.86 -38.37
N ASN B 428 20.49 -9.64 -37.98
CA ASN B 428 20.29 -8.49 -38.85
C ASN B 428 21.40 -8.32 -39.89
N THR B 429 22.53 -9.00 -39.74
CA THR B 429 23.62 -8.88 -40.69
C THR B 429 24.39 -10.20 -40.74
N GLY B 430 25.58 -10.17 -41.31
CA GLY B 430 26.38 -11.36 -41.50
C GLY B 430 27.35 -11.65 -40.38
N ILE B 431 27.12 -11.05 -39.21
CA ILE B 431 27.99 -11.26 -38.05
C ILE B 431 27.73 -12.65 -37.50
N THR B 432 28.81 -13.40 -37.25
CA THR B 432 28.70 -14.76 -36.75
C THR B 432 29.37 -14.99 -35.40
N THR B 433 30.08 -14.01 -34.84
CA THR B 433 30.77 -14.17 -33.57
C THR B 433 30.21 -13.18 -32.57
N VAL B 434 29.76 -13.69 -31.42
CA VAL B 434 29.17 -12.88 -30.36
C VAL B 434 29.67 -13.39 -29.02
N SER B 435 29.41 -12.60 -27.97
CA SER B 435 29.71 -12.99 -26.60
C SER B 435 28.53 -13.75 -26.00
N LYS B 436 28.78 -14.42 -24.88
CA LYS B 436 27.78 -15.30 -24.30
C LYS B 436 26.73 -14.53 -23.50
N ASN B 437 27.16 -13.89 -22.42
CA ASN B 437 26.23 -13.34 -21.44
C ASN B 437 26.14 -11.82 -21.50
N ASN B 438 27.28 -11.12 -21.45
CA ASN B 438 27.30 -9.67 -21.49
C ASN B 438 28.36 -9.23 -22.49
N ILE B 439 27.90 -8.61 -23.59
CA ILE B 439 28.82 -8.04 -24.56
C ILE B 439 29.67 -6.94 -23.94
N PHE B 440 29.19 -6.35 -22.84
CA PHE B 440 29.94 -5.34 -22.12
C PHE B 440 31.03 -5.93 -21.23
N MET B 441 31.09 -7.26 -21.10
CA MET B 441 32.08 -7.91 -20.23
C MET B 441 33.08 -8.75 -21.00
N SER B 442 32.62 -9.60 -21.92
CA SER B 442 33.54 -10.44 -22.69
C SER B 442 34.19 -9.61 -23.79
N ASN B 443 35.53 -9.55 -23.79
CA ASN B 443 36.25 -8.69 -24.70
C ASN B 443 37.54 -9.33 -25.22
N SER B 444 37.54 -10.63 -25.43
CA SER B 444 38.76 -11.32 -25.86
C SER B 444 38.44 -12.35 -26.93
N TYR B 445 39.47 -12.69 -27.70
CA TYR B 445 39.44 -13.71 -28.75
C TYR B 445 40.61 -14.66 -28.57
N PRO B 446 40.43 -15.96 -28.81
CA PRO B 446 39.18 -16.64 -29.17
C PRO B 446 38.49 -17.27 -27.97
N ARG B 447 38.93 -16.97 -26.76
CA ARG B 447 38.38 -17.61 -25.57
C ARG B 447 36.99 -17.13 -25.21
N ASP B 448 36.49 -16.07 -25.85
CA ASP B 448 35.20 -15.49 -25.50
C ASP B 448 34.40 -15.16 -26.74
N PHE B 449 34.38 -16.07 -27.72
CA PHE B 449 33.57 -15.89 -28.92
C PHE B 449 33.16 -17.24 -29.48
N VAL B 450 31.85 -17.42 -29.67
CA VAL B 450 31.29 -18.63 -30.28
C VAL B 450 30.32 -18.22 -31.38
N ASN B 451 30.06 -19.17 -32.29
CA ASN B 451 29.09 -18.94 -33.35
C ASN B 451 27.68 -18.91 -32.77
N CYS B 452 26.81 -18.12 -33.41
CA CYS B 452 25.42 -18.00 -32.95
C CYS B 452 24.56 -19.18 -33.36
N SER B 453 25.15 -20.28 -33.83
CA SER B 453 24.38 -21.47 -34.11
C SER B 453 23.75 -22.02 -32.83
N THR B 454 24.51 -22.05 -31.73
CA THR B 454 23.97 -22.44 -30.43
C THR B 454 23.34 -21.24 -29.71
N LEU B 455 22.15 -20.83 -30.15
CA LEU B 455 21.47 -19.68 -29.60
C LEU B 455 19.98 -19.78 -29.89
N PRO B 456 19.12 -19.39 -28.96
CA PRO B 456 17.68 -19.48 -29.19
C PRO B 456 17.21 -18.39 -30.15
N ALA B 457 15.91 -18.42 -30.43
CA ALA B 457 15.28 -17.47 -31.35
C ALA B 457 13.97 -16.99 -30.77
N LEU B 458 13.55 -15.80 -31.19
CA LEU B 458 12.28 -15.25 -30.75
C LEU B 458 11.15 -15.69 -31.67
N ASN B 459 10.03 -16.09 -31.05
CA ASN B 459 8.87 -16.59 -31.77
C ASN B 459 7.70 -15.63 -31.61
N LEU B 460 6.89 -15.54 -32.66
CA LEU B 460 5.70 -14.70 -32.65
C LEU B 460 4.42 -15.49 -32.84
N ALA B 461 4.40 -16.76 -32.46
CA ALA B 461 3.19 -17.57 -32.60
C ALA B 461 2.06 -17.01 -31.75
N SER B 462 2.37 -16.54 -30.54
CA SER B 462 1.36 -16.00 -29.66
C SER B 462 0.74 -14.71 -30.21
N TRP B 463 1.45 -14.00 -31.08
CA TRP B 463 0.92 -12.78 -31.68
C TRP B 463 -0.06 -13.04 -32.81
N ARG B 464 -0.20 -14.30 -33.24
CA ARG B 464 -1.14 -14.63 -34.31
C ARG B 464 -2.55 -14.28 -33.90
N GLU B 465 -3.29 -13.64 -34.80
CA GLU B 465 -4.68 -13.28 -34.57
C GLU B 465 -5.57 -14.15 -35.45
N ALA B 466 -6.58 -14.77 -34.84
CA ALA B 466 -7.51 -15.63 -35.56
C ALA B 466 -8.85 -15.69 -34.84
N CYS C 3 25.97 43.82 -2.75
CA CYS C 3 25.90 44.40 -1.42
C CYS C 3 27.18 44.12 -0.63
N PRO C 4 27.55 45.04 0.26
CA PRO C 4 28.85 44.95 0.93
C PRO C 4 28.95 43.77 1.87
N GLU C 5 30.20 43.45 2.22
CA GLU C 5 30.47 42.32 3.12
C GLU C 5 29.85 42.55 4.49
N GLN C 6 29.97 43.76 5.02
CA GLN C 6 29.51 44.08 6.37
C GLN C 6 28.25 44.93 6.30
N ASP C 7 27.18 44.45 6.95
CA ASP C 7 25.95 45.22 7.09
C ASP C 7 25.38 44.97 8.48
N LYS C 8 24.56 45.91 8.94
CA LYS C 8 24.02 45.86 10.29
C LYS C 8 22.51 45.77 10.33
N TYR C 9 21.80 46.62 9.59
CA TYR C 9 20.36 46.72 9.68
C TYR C 9 19.71 46.22 8.41
N ARG C 10 18.37 46.13 8.45
CA ARG C 10 17.61 45.55 7.35
C ARG C 10 17.60 46.48 6.14
N THR C 11 17.00 45.97 5.06
CA THR C 11 16.79 46.73 3.83
C THR C 11 15.32 46.82 3.53
N ILE C 12 14.92 47.89 2.82
CA ILE C 12 13.52 48.11 2.53
C ILE C 12 12.98 47.03 1.60
N THR C 13 13.70 46.75 0.52
CA THR C 13 13.23 45.76 -0.45
C THR C 13 13.38 44.34 0.08
N GLY C 14 14.49 44.03 0.73
CA GLY C 14 14.74 42.72 1.26
C GLY C 14 15.81 41.91 0.55
N MET C 15 16.74 42.56 -0.15
CA MET C 15 17.80 41.83 -0.84
C MET C 15 18.92 41.47 0.14
N CYS C 16 19.75 40.51 -0.28
CA CYS C 16 20.84 39.98 0.54
C CYS C 16 20.34 39.50 1.90
N ASN C 17 19.17 38.86 1.91
CA ASN C 17 18.75 38.14 3.11
C ASN C 17 19.26 36.72 3.12
N ASN C 18 19.48 36.14 1.94
CA ASN C 18 20.15 34.87 1.77
C ASN C 18 21.39 35.11 0.94
N ARG C 19 22.57 34.94 1.54
CA ARG C 19 23.81 35.34 0.88
C ARG C 19 24.09 34.49 -0.36
N ARG C 20 23.65 33.23 -0.36
CA ARG C 20 23.88 32.37 -1.51
C ARG C 20 23.03 32.80 -2.70
N SER C 21 21.74 33.05 -2.47
CA SER C 21 20.82 33.52 -3.50
C SER C 21 20.13 34.78 -3.00
N PRO C 22 20.64 35.97 -3.36
CA PRO C 22 20.12 37.20 -2.75
C PRO C 22 18.67 37.52 -3.08
N THR C 23 18.11 36.96 -4.14
CA THR C 23 16.79 37.36 -4.60
C THR C 23 15.65 36.54 -4.01
N LEU C 24 15.95 35.60 -3.11
CA LEU C 24 14.92 34.69 -2.60
C LEU C 24 13.93 35.44 -1.73
N GLY C 25 12.70 35.57 -2.21
CA GLY C 25 11.60 36.10 -1.42
C GLY C 25 11.58 37.59 -1.20
N ALA C 26 12.38 38.36 -1.94
CA ALA C 26 12.41 39.80 -1.73
C ALA C 26 11.35 40.51 -2.56
N SER C 27 10.09 40.06 -2.45
CA SER C 27 8.94 40.66 -3.10
C SER C 27 9.02 40.64 -4.62
N ASN C 28 7.89 40.87 -5.28
CA ASN C 28 7.81 40.93 -6.75
C ASN C 28 8.34 39.65 -7.38
N ARG C 29 8.06 38.51 -6.75
CA ARG C 29 8.47 37.21 -7.27
C ARG C 29 7.29 36.25 -7.21
N ALA C 30 7.31 35.26 -8.10
CA ALA C 30 6.24 34.28 -8.16
C ALA C 30 6.29 33.35 -6.95
N PHE C 31 5.16 32.69 -6.70
CA PHE C 31 5.06 31.75 -5.59
C PHE C 31 5.84 30.48 -5.91
N VAL C 32 5.84 29.55 -4.95
CA VAL C 32 6.47 28.25 -5.10
C VAL C 32 5.39 27.18 -5.08
N ARG C 33 5.52 26.19 -5.96
CA ARG C 33 4.51 25.15 -6.13
C ARG C 33 4.95 23.90 -5.40
N TRP C 34 4.26 23.56 -4.31
CA TRP C 34 4.52 22.31 -3.62
C TRP C 34 4.07 21.11 -4.44
N LEU C 35 2.98 21.26 -5.18
CA LEU C 35 2.45 20.22 -6.06
C LEU C 35 2.18 20.82 -7.44
N PRO C 36 2.32 20.01 -8.50
CA PRO C 36 2.08 20.52 -9.85
C PRO C 36 0.64 20.99 -10.03
N ALA C 37 0.47 22.04 -10.84
CA ALA C 37 -0.83 22.63 -11.06
C ALA C 37 -1.70 21.73 -11.93
N GLU C 38 -2.95 22.15 -12.12
CA GLU C 38 -3.89 21.39 -12.93
C GLU C 38 -4.83 22.36 -13.63
N TYR C 39 -4.98 22.20 -14.94
CA TYR C 39 -5.82 23.05 -15.75
C TYR C 39 -6.57 22.21 -16.77
N GLU C 40 -7.71 22.73 -17.24
CA GLU C 40 -8.50 22.00 -18.22
C GLU C 40 -7.77 21.87 -19.55
N ASP C 41 -7.27 22.98 -20.08
CA ASP C 41 -6.53 22.92 -21.34
C ASP C 41 -5.15 22.33 -21.16
N GLY C 42 -4.54 22.55 -19.99
CA GLY C 42 -3.21 22.05 -19.73
C GLY C 42 -2.29 23.12 -19.21
N PHE C 43 -2.40 24.34 -19.74
CA PHE C 43 -1.52 25.43 -19.32
C PHE C 43 -2.24 26.75 -19.05
N SER C 44 -3.43 27.00 -19.58
CA SER C 44 -4.00 28.35 -19.46
C SER C 44 -5.48 28.43 -19.14
N LEU C 45 -6.25 27.35 -19.23
CA LEU C 45 -7.69 27.46 -19.04
C LEU C 45 -8.14 26.76 -17.77
N PRO C 46 -8.93 27.43 -16.93
CA PRO C 46 -9.44 26.78 -15.72
C PRO C 46 -10.66 25.92 -16.02
N TYR C 47 -11.01 25.10 -15.03
CA TYR C 47 -12.17 24.24 -15.16
C TYR C 47 -13.47 25.06 -15.12
N GLY C 48 -14.48 24.58 -15.84
CA GLY C 48 -15.75 25.26 -15.89
C GLY C 48 -15.84 26.39 -16.89
N TRP C 49 -14.87 26.50 -17.81
CA TRP C 49 -14.90 27.56 -18.81
C TRP C 49 -15.80 27.18 -19.98
N THR C 50 -15.49 26.06 -20.64
CA THR C 50 -16.27 25.61 -21.79
C THR C 50 -17.38 24.69 -21.32
N PRO C 51 -18.64 24.99 -21.62
CA PRO C 51 -19.73 24.12 -21.18
C PRO C 51 -19.63 22.73 -21.82
N GLY C 52 -20.07 21.73 -21.07
CA GLY C 52 -20.07 20.36 -21.54
C GLY C 52 -18.80 19.57 -21.27
N VAL C 53 -17.76 20.20 -20.73
CA VAL C 53 -16.50 19.54 -20.46
C VAL C 53 -16.52 19.02 -19.03
N LYS C 54 -16.35 17.72 -18.86
CA LYS C 54 -16.37 17.08 -17.56
C LYS C 54 -14.98 17.02 -16.96
N ARG C 55 -14.91 17.01 -15.64
CA ARG C 55 -13.66 16.86 -14.90
C ARG C 55 -13.64 15.48 -14.24
N ASN C 56 -12.65 14.67 -14.61
CA ASN C 56 -12.49 13.32 -14.08
C ASN C 56 -13.75 12.47 -14.30
N GLY C 57 -14.38 12.65 -15.47
CA GLY C 57 -15.54 11.87 -15.83
C GLY C 57 -16.83 12.26 -15.16
N PHE C 58 -16.86 13.40 -14.45
CA PHE C 58 -18.06 13.85 -13.77
C PHE C 58 -18.33 15.30 -14.10
N PRO C 59 -19.59 15.71 -14.13
CA PRO C 59 -19.91 17.11 -14.39
C PRO C 59 -19.45 18.01 -13.26
N VAL C 60 -19.13 19.25 -13.60
CA VAL C 60 -18.70 20.23 -12.61
C VAL C 60 -19.92 20.81 -11.89
N ALA C 61 -19.69 21.31 -10.69
CA ALA C 61 -20.75 21.86 -9.84
C ALA C 61 -20.57 23.35 -9.67
N LEU C 62 -21.67 24.09 -9.80
CA LEU C 62 -21.62 25.54 -9.63
C LEU C 62 -21.28 25.89 -8.18
N ALA C 63 -20.47 26.94 -8.01
CA ALA C 63 -20.08 27.36 -6.67
C ALA C 63 -21.28 27.88 -5.88
N ARG C 64 -22.16 28.65 -6.54
CA ARG C 64 -23.29 29.23 -5.84
C ARG C 64 -24.25 28.16 -5.35
N ALA C 65 -24.48 27.12 -6.14
CA ALA C 65 -25.35 26.04 -5.69
C ALA C 65 -24.79 25.35 -4.46
N VAL C 66 -23.48 25.07 -4.45
CA VAL C 66 -22.86 24.43 -3.29
C VAL C 66 -22.97 25.34 -2.07
N SER C 67 -22.74 26.64 -2.27
CA SER C 67 -22.87 27.58 -1.16
C SER C 67 -24.30 27.62 -0.62
N ASN C 68 -25.29 27.52 -1.50
CA ASN C 68 -26.68 27.55 -1.06
C ASN C 68 -27.10 26.25 -0.39
N GLU C 69 -26.45 25.13 -0.72
CA GLU C 69 -26.89 23.85 -0.17
C GLU C 69 -26.41 23.65 1.27
N ILE C 70 -25.10 23.65 1.48
CA ILE C 70 -24.55 23.22 2.77
C ILE C 70 -24.25 24.40 3.69
N VAL C 71 -23.74 25.50 3.14
CA VAL C 71 -23.33 26.63 3.97
C VAL C 71 -24.52 27.27 4.68
N ARG C 72 -25.69 27.30 4.02
CA ARG C 72 -26.87 27.97 4.56
C ARG C 72 -27.21 27.46 5.97
N PHE C 73 -27.54 28.40 6.85
CA PHE C 73 -27.95 28.07 8.21
C PHE C 73 -28.76 29.23 8.77
N PRO C 74 -29.74 28.97 9.63
CA PRO C 74 -30.55 30.06 10.19
C PRO C 74 -29.73 30.96 11.09
N THR C 75 -30.14 32.24 11.15
CA THR C 75 -29.33 33.24 11.84
C THR C 75 -29.66 33.36 13.32
N ASP C 76 -30.85 32.89 13.75
CA ASP C 76 -31.27 33.02 15.13
C ASP C 76 -30.84 31.84 16.00
N GLN C 77 -29.85 31.06 15.57
CA GLN C 77 -29.35 29.92 16.33
C GLN C 77 -27.85 30.03 16.55
N LEU C 78 -27.37 31.25 16.77
CA LEU C 78 -25.96 31.47 17.03
C LEU C 78 -25.55 30.88 18.37
N THR C 79 -24.38 30.26 18.42
CA THR C 79 -23.83 29.73 19.67
C THR C 79 -22.48 30.38 19.96
N PRO C 80 -22.38 31.22 20.99
CA PRO C 80 -21.11 31.86 21.30
C PRO C 80 -20.09 30.86 21.82
N ASP C 81 -18.82 31.18 21.59
CA ASP C 81 -17.73 30.41 22.15
C ASP C 81 -17.26 31.08 23.43
N GLN C 82 -17.18 30.30 24.52
CA GLN C 82 -16.94 30.83 25.85
C GLN C 82 -15.47 30.82 26.25
N GLU C 83 -14.55 30.86 25.28
CA GLU C 83 -13.13 30.84 25.62
C GLU C 83 -12.28 31.83 24.85
N ARG C 84 -12.78 32.44 23.77
CA ARG C 84 -11.97 33.36 22.96
C ARG C 84 -12.74 34.65 22.73
N SER C 85 -12.00 35.70 22.41
CA SER C 85 -12.54 37.03 22.15
C SER C 85 -12.28 37.41 20.70
N LEU C 86 -12.67 38.64 20.36
CA LEU C 86 -12.50 39.13 18.99
C LEU C 86 -11.05 39.50 18.69
N MET C 87 -10.22 39.67 19.73
CA MET C 87 -8.80 39.91 19.53
C MET C 87 -8.18 38.81 18.69
N PHE C 88 -8.65 37.57 18.85
CA PHE C 88 -8.19 36.45 18.04
C PHE C 88 -8.34 36.75 16.55
N MET C 89 -9.56 37.03 16.11
CA MET C 89 -9.82 37.28 14.70
C MET C 89 -9.10 38.52 14.21
N GLN C 90 -9.07 39.58 15.03
CA GLN C 90 -8.39 40.80 14.61
C GLN C 90 -6.90 40.58 14.39
N TRP C 91 -6.25 39.89 15.32
CA TRP C 91 -4.82 39.63 15.16
C TRP C 91 -4.56 38.68 14.00
N GLY C 92 -5.45 37.71 13.77
CA GLY C 92 -5.30 36.87 12.60
C GLY C 92 -5.36 37.68 11.31
N GLN C 93 -6.31 38.60 11.21
CA GLN C 93 -6.43 39.43 10.03
C GLN C 93 -5.21 40.33 9.86
N LEU C 94 -4.70 40.89 10.96
CA LEU C 94 -3.51 41.73 10.87
C LEU C 94 -2.31 40.93 10.40
N LEU C 95 -2.14 39.70 10.91
CA LEU C 95 -1.03 38.86 10.49
C LEU C 95 -1.14 38.52 9.00
N ASP C 96 -2.35 38.20 8.54
CA ASP C 96 -2.51 37.89 7.13
C ASP C 96 -2.20 39.08 6.25
N HIS C 97 -2.65 40.28 6.65
CA HIS C 97 -2.31 41.47 5.90
C HIS C 97 -0.80 41.72 5.91
N ASP C 98 -0.12 41.32 6.98
CA ASP C 98 1.32 41.47 7.04
C ASP C 98 2.02 40.51 6.07
N LEU C 99 1.53 39.28 5.97
CA LEU C 99 2.30 38.23 5.28
C LEU C 99 2.39 38.48 3.78
N ASP C 100 1.25 38.49 3.09
CA ASP C 100 1.26 38.45 1.62
C ASP C 100 0.10 39.26 1.05
N PHE C 101 0.07 39.35 -0.27
CA PHE C 101 -0.91 40.13 -1.04
C PHE C 101 -0.83 39.67 -2.49
N THR C 102 -1.96 39.79 -3.19
CA THR C 102 -2.05 39.39 -4.59
C THR C 102 -2.65 40.53 -5.40
N PRO C 103 -2.05 40.90 -6.53
CA PRO C 103 -2.59 41.99 -7.34
C PRO C 103 -3.58 41.50 -8.40
N GLU C 104 -4.35 42.45 -8.90
CA GLU C 104 -5.34 42.21 -9.95
C GLU C 104 -5.31 43.35 -10.95
N PRO C 105 -5.65 43.09 -12.20
CA PRO C 105 -5.70 44.17 -13.20
C PRO C 105 -6.85 45.13 -12.94
N ALA C 106 -6.68 46.36 -13.40
CA ALA C 106 -7.68 47.39 -13.23
C ALA C 106 -8.58 47.50 -14.47
N VAL D 1 -15.72 46.13 -22.09
CA VAL D 1 -14.71 45.36 -21.38
C VAL D 1 -14.79 45.66 -19.88
N ASN D 2 -15.54 46.69 -19.53
CA ASN D 2 -15.71 47.08 -18.13
C ASN D 2 -16.60 46.07 -17.43
N CYS D 3 -15.99 45.16 -16.67
CA CYS D 3 -16.75 44.13 -15.97
C CYS D 3 -17.61 44.68 -14.85
N GLU D 4 -17.36 45.92 -14.42
CA GLU D 4 -18.20 46.52 -13.39
C GLU D 4 -19.59 46.86 -13.89
N THR D 5 -19.81 46.86 -15.21
CA THR D 5 -21.13 47.13 -15.76
C THR D 5 -21.50 46.19 -16.90
N SER D 6 -20.79 45.08 -17.08
CA SER D 6 -21.06 44.15 -18.16
C SER D 6 -20.99 42.73 -17.65
N CYS D 7 -21.41 41.78 -18.49
CA CYS D 7 -21.38 40.38 -18.13
C CYS D 7 -20.90 39.48 -19.26
N VAL D 8 -20.30 40.04 -20.31
CA VAL D 8 -19.83 39.24 -21.44
C VAL D 8 -18.58 38.48 -21.04
N GLN D 9 -18.56 37.18 -21.33
CA GLN D 9 -17.43 36.32 -20.97
C GLN D 9 -16.33 36.47 -22.01
N GLN D 10 -15.54 37.53 -21.85
CA GLN D 10 -14.38 37.80 -22.70
C GLN D 10 -13.18 38.09 -21.79
N PRO D 11 -12.00 37.59 -22.12
CA PRO D 11 -10.83 37.82 -21.27
C PRO D 11 -10.50 39.29 -21.20
N PRO D 12 -10.02 39.78 -20.05
CA PRO D 12 -9.75 39.04 -18.81
C PRO D 12 -10.90 39.04 -17.82
N CYS D 13 -12.13 38.78 -18.25
CA CYS D 13 -13.29 38.73 -17.37
C CYS D 13 -13.73 37.30 -17.15
N PHE D 14 -14.44 37.07 -16.04
CA PHE D 14 -14.91 35.75 -15.67
C PHE D 14 -16.07 35.87 -14.70
N PRO D 15 -17.28 36.15 -15.18
CA PRO D 15 -18.41 36.32 -14.27
C PRO D 15 -18.89 34.98 -13.71
N LEU D 16 -19.74 35.07 -12.70
CA LEU D 16 -20.29 33.90 -12.02
C LEU D 16 -21.72 33.67 -12.48
N LYS D 17 -22.04 32.42 -12.81
CA LYS D 17 -23.37 32.04 -13.23
C LYS D 17 -24.22 31.68 -12.02
N ILE D 18 -25.52 31.92 -12.13
CA ILE D 18 -26.47 31.79 -11.02
C ILE D 18 -27.34 30.56 -11.28
N PRO D 19 -27.43 29.63 -10.33
CA PRO D 19 -28.30 28.47 -10.52
C PRO D 19 -29.76 28.86 -10.39
N PRO D 20 -30.67 28.06 -10.94
CA PRO D 20 -32.10 28.39 -10.83
C PRO D 20 -32.61 28.30 -9.41
N ASN D 21 -33.68 29.06 -9.15
CA ASN D 21 -34.37 29.05 -7.85
C ASN D 21 -33.48 29.57 -6.73
N ASP D 22 -32.73 30.62 -7.01
CA ASP D 22 -31.94 31.28 -5.97
C ASP D 22 -32.87 32.08 -5.07
N PRO D 23 -32.76 31.92 -3.74
CA PRO D 23 -33.67 32.67 -2.85
C PRO D 23 -33.59 34.18 -2.99
N ARG D 24 -32.42 34.73 -3.31
CA ARG D 24 -32.27 36.18 -3.37
C ARG D 24 -32.61 36.74 -4.76
N ILE D 25 -31.99 36.20 -5.80
CA ILE D 25 -32.19 36.69 -7.16
C ILE D 25 -33.01 35.68 -7.93
N LYS D 26 -34.06 36.15 -8.61
CA LYS D 26 -34.95 35.27 -9.35
C LYS D 26 -34.57 35.16 -10.82
N ASN D 27 -34.23 36.28 -11.46
CA ASN D 27 -33.91 36.27 -12.88
C ASN D 27 -32.62 35.50 -13.13
N GLN D 28 -32.59 34.75 -14.23
CA GLN D 28 -31.45 33.92 -14.57
C GLN D 28 -30.42 34.64 -15.46
N ALA D 29 -30.74 35.84 -15.93
CA ALA D 29 -29.86 36.57 -16.83
C ALA D 29 -28.84 37.44 -16.11
N ASP D 30 -28.88 37.48 -14.78
CA ASP D 30 -27.95 38.32 -14.03
C ASP D 30 -26.57 37.67 -13.96
N CYS D 31 -25.61 38.44 -13.45
CA CYS D 31 -24.23 37.98 -13.35
C CYS D 31 -23.58 38.63 -12.13
N ILE D 32 -22.52 37.99 -11.66
CA ILE D 32 -21.79 38.43 -10.47
C ILE D 32 -20.40 38.88 -10.92
N PRO D 33 -19.95 40.08 -10.58
CA PRO D 33 -18.64 40.54 -11.04
C PRO D 33 -17.51 39.71 -10.44
N PHE D 34 -16.44 39.57 -11.23
CA PHE D 34 -15.26 38.82 -10.82
C PHE D 34 -14.12 39.13 -11.76
N PHE D 35 -12.91 39.10 -11.22
CA PHE D 35 -11.69 39.40 -11.97
C PHE D 35 -10.73 38.22 -11.88
N ARG D 36 -9.84 38.13 -12.87
CA ARG D 36 -8.85 37.06 -12.91
C ARG D 36 -7.49 37.58 -12.49
N SER D 37 -6.67 36.67 -11.97
CA SER D 37 -5.36 37.04 -11.45
C SER D 37 -4.41 37.41 -12.58
N CYS D 38 -3.40 38.20 -12.24
CA CYS D 38 -2.43 38.67 -13.23
C CYS D 38 -1.43 37.56 -13.54
N PRO D 39 -1.29 37.15 -14.80
CA PRO D 39 -0.31 36.11 -15.13
C PRO D 39 1.12 36.62 -15.00
N ALA D 40 2.03 35.68 -14.69
CA ALA D 40 3.43 36.05 -14.54
C ALA D 40 4.08 36.34 -15.89
N CYS D 41 3.83 35.50 -16.88
CA CYS D 41 4.42 35.65 -18.21
C CYS D 41 3.32 35.97 -19.22
N PRO D 42 3.19 37.22 -19.67
CA PRO D 42 2.09 37.55 -20.60
C PRO D 42 2.35 36.96 -21.98
N GLY D 43 1.31 36.35 -22.54
CA GLY D 43 1.35 35.84 -23.90
C GLY D 43 2.39 34.77 -24.16
N SER D 44 2.47 33.78 -23.28
CA SER D 44 3.42 32.68 -23.42
C SER D 44 2.65 31.37 -23.48
N ASN D 45 2.95 30.56 -24.49
CA ASN D 45 2.33 29.25 -24.66
C ASN D 45 3.32 28.11 -24.43
N ILE D 46 4.29 28.33 -23.53
CA ILE D 46 5.31 27.32 -23.24
C ILE D 46 5.23 26.92 -21.77
N THR D 47 5.42 27.88 -20.88
CA THR D 47 5.43 27.61 -19.46
C THR D 47 4.01 27.51 -18.90
N ILE D 48 3.91 27.00 -17.68
CA ILE D 48 2.63 26.90 -16.99
C ILE D 48 2.34 28.20 -16.27
N ARG D 49 1.06 28.56 -16.18
CA ARG D 49 0.67 29.85 -15.61
C ARG D 49 1.07 29.95 -14.15
N ASN D 50 1.41 31.16 -13.72
CA ASN D 50 1.81 31.43 -12.35
C ASN D 50 1.40 32.85 -11.96
N GLN D 51 1.33 33.09 -10.67
CA GLN D 51 0.89 34.37 -10.12
C GLN D 51 2.06 35.12 -9.51
N ILE D 52 1.78 36.30 -8.96
CA ILE D 52 2.79 37.19 -8.44
C ILE D 52 2.47 37.53 -6.99
N ASN D 53 3.48 37.96 -6.25
CA ASN D 53 3.36 38.43 -4.88
C ASN D 53 3.99 39.80 -4.78
N ALA D 54 3.53 40.60 -3.82
CA ALA D 54 4.00 41.98 -3.73
C ALA D 54 4.35 42.41 -2.29
N LEU D 55 4.68 41.47 -1.42
CA LEU D 55 5.07 41.80 -0.05
C LEU D 55 6.18 40.86 0.41
N THR D 56 6.96 41.34 1.37
CA THR D 56 8.02 40.52 1.95
C THR D 56 7.43 39.42 2.81
N SER D 57 7.92 38.19 2.62
CA SER D 57 7.36 37.05 3.32
C SER D 57 7.77 37.00 4.79
N PHE D 58 8.86 37.67 5.17
CA PHE D 58 9.31 37.64 6.55
C PHE D 58 8.39 38.48 7.44
N VAL D 59 8.32 38.10 8.70
CA VAL D 59 7.48 38.80 9.68
C VAL D 59 8.38 39.84 10.34
N ASP D 60 8.44 41.02 9.73
CA ASP D 60 9.29 42.11 10.22
C ASP D 60 8.56 43.44 10.17
N ALA D 61 7.27 43.43 10.50
CA ALA D 61 6.44 44.64 10.56
C ALA D 61 6.49 45.40 9.23
N SER D 62 6.20 44.68 8.15
CA SER D 62 6.16 45.27 6.82
C SER D 62 4.82 45.93 6.49
N MET D 63 3.85 45.88 7.40
CA MET D 63 2.55 46.48 7.17
C MET D 63 2.48 47.95 7.58
N VAL D 64 3.53 48.48 8.21
CA VAL D 64 3.55 49.86 8.65
C VAL D 64 4.54 50.70 7.85
N TYR D 65 5.73 50.17 7.59
CA TYR D 65 6.78 50.90 6.90
C TYR D 65 6.78 50.69 5.39
N GLY D 66 5.85 49.89 4.86
CA GLY D 66 5.77 49.67 3.44
C GLY D 66 6.76 48.62 2.95
N SER D 67 6.72 48.40 1.64
CA SER D 67 7.59 47.41 1.00
C SER D 67 8.31 47.96 -0.22
N GLU D 68 8.28 49.28 -0.44
CA GLU D 68 8.96 49.88 -1.57
C GLU D 68 9.62 51.18 -1.12
N GLU D 69 10.72 51.52 -1.79
CA GLU D 69 11.46 52.74 -1.44
C GLU D 69 10.64 54.01 -1.62
N PRO D 70 9.95 54.24 -2.76
CA PRO D 70 9.15 55.46 -2.86
C PRO D 70 8.07 55.59 -1.79
N LEU D 71 7.42 54.48 -1.44
CA LEU D 71 6.38 54.54 -0.41
C LEU D 71 6.99 54.88 0.95
N ALA D 72 8.13 54.28 1.28
CA ALA D 72 8.79 54.59 2.55
C ALA D 72 9.23 56.04 2.59
N ARG D 73 9.76 56.56 1.47
CA ARG D 73 10.14 57.97 1.42
C ARG D 73 8.93 58.88 1.60
N ASN D 74 7.81 58.54 0.95
CA ASN D 74 6.62 59.36 1.06
C ASN D 74 6.06 59.35 2.48
N LEU D 75 6.07 58.19 3.14
CA LEU D 75 5.47 58.09 4.47
C LEU D 75 6.30 58.79 5.54
N ARG D 76 7.61 58.91 5.36
CA ARG D 76 8.45 59.51 6.38
C ARG D 76 8.23 61.01 6.48
N ASN D 77 8.52 61.55 7.66
CA ASN D 77 8.44 62.99 7.91
C ASN D 77 9.86 63.56 7.84
N MET D 78 10.09 64.47 6.89
CA MET D 78 11.40 65.05 6.67
C MET D 78 11.44 66.55 6.93
N SER D 79 10.40 67.11 7.54
CA SER D 79 10.37 68.55 7.79
C SER D 79 11.40 68.95 8.85
N ASN D 80 11.27 68.40 10.05
CA ASN D 80 12.21 68.67 11.13
C ASN D 80 13.29 67.58 11.17
N GLN D 81 14.14 67.61 12.20
CA GLN D 81 15.20 66.62 12.34
C GLN D 81 14.98 66.01 13.72
N LEU D 82 14.13 64.98 13.79
CA LEU D 82 14.04 64.04 14.90
C LEU D 82 14.00 62.59 14.43
N GLY D 83 13.33 62.32 13.32
CA GLY D 83 13.07 60.98 12.84
C GLY D 83 11.67 60.59 13.26
N LEU D 84 10.70 60.73 12.36
CA LEU D 84 9.30 60.67 12.74
C LEU D 84 8.46 60.25 11.55
N LEU D 85 7.23 59.85 11.84
CA LEU D 85 6.24 59.51 10.83
C LEU D 85 5.35 60.72 10.55
N ALA D 86 4.33 60.54 9.71
CA ALA D 86 3.43 61.60 9.30
C ALA D 86 2.08 61.44 9.97
N VAL D 87 1.48 62.57 10.35
CA VAL D 87 0.18 62.60 11.01
C VAL D 87 -0.72 63.60 10.29
N ASN D 88 -2.02 63.48 10.55
CA ASN D 88 -3.00 64.38 9.95
C ASN D 88 -2.90 65.77 10.57
N GLN D 89 -3.66 66.71 10.00
CA GLN D 89 -3.65 68.09 10.48
C GLN D 89 -5.06 68.60 10.74
N ARG D 90 -6.04 68.11 9.97
CA ARG D 90 -7.39 68.65 10.05
C ARG D 90 -8.16 68.17 11.27
N PHE D 91 -7.76 67.05 11.88
CA PHE D 91 -8.53 66.44 12.95
C PHE D 91 -7.59 65.88 14.01
N GLN D 92 -8.14 65.70 15.21
CA GLN D 92 -7.42 65.08 16.31
C GLN D 92 -8.39 64.26 17.14
N ASP D 93 -7.91 63.11 17.64
CA ASP D 93 -8.73 62.22 18.47
C ASP D 93 -8.37 62.48 19.93
N ASN D 94 -9.07 63.43 20.54
CA ASN D 94 -8.85 63.85 21.91
C ASN D 94 -7.42 64.34 22.14
N GLY D 95 -6.76 64.80 21.09
CA GLY D 95 -5.41 65.29 21.22
C GLY D 95 -4.35 64.23 21.46
N ARG D 96 -4.44 63.09 20.77
CA ARG D 96 -3.43 62.05 20.89
C ARG D 96 -2.66 61.84 19.59
N ALA D 97 -3.33 61.48 18.50
CA ALA D 97 -2.68 61.21 17.22
C ALA D 97 -3.76 60.89 16.19
N LEU D 98 -3.33 60.77 14.93
CA LEU D 98 -4.21 60.40 13.83
C LEU D 98 -3.33 60.04 12.62
N LEU D 99 -3.90 59.25 11.72
CA LEU D 99 -3.22 58.84 10.50
C LEU D 99 -3.31 59.92 9.42
N PRO D 100 -2.33 60.02 8.54
CA PRO D 100 -2.41 60.99 7.44
C PRO D 100 -3.41 60.56 6.38
N PHE D 101 -3.83 61.53 5.59
CA PHE D 101 -4.82 61.29 4.54
C PHE D 101 -4.14 60.77 3.28
N ASP D 102 -4.97 60.44 2.29
CA ASP D 102 -4.50 59.89 1.02
C ASP D 102 -5.27 60.52 -0.13
N ASN D 103 -4.65 60.54 -1.31
CA ASN D 103 -5.26 61.07 -2.52
C ASN D 103 -5.48 59.93 -3.51
N LEU D 104 -6.70 59.83 -4.02
CA LEU D 104 -7.05 58.78 -4.97
C LEU D 104 -7.85 59.38 -6.12
N HIS D 105 -7.83 58.69 -7.26
CA HIS D 105 -8.56 59.16 -8.43
C HIS D 105 -10.07 58.93 -8.25
N ASP D 106 -10.47 57.68 -8.01
CA ASP D 106 -11.87 57.31 -7.80
C ASP D 106 -11.94 56.48 -6.54
N ASP D 107 -12.07 57.14 -5.40
CA ASP D 107 -12.10 56.47 -4.11
C ASP D 107 -13.50 55.93 -3.81
N PRO D 108 -13.59 54.84 -3.06
CA PRO D 108 -14.90 54.35 -2.62
C PRO D 108 -15.28 54.91 -1.26
N CYS D 109 -14.38 55.68 -0.67
CA CYS D 109 -14.57 56.16 0.70
C CYS D 109 -15.56 57.33 0.73
N LEU D 110 -15.54 58.17 -0.30
CA LEU D 110 -16.38 59.36 -0.30
C LEU D 110 -17.83 59.06 -0.62
N LEU D 111 -18.14 57.84 -1.08
CA LEU D 111 -19.47 57.54 -1.57
C LEU D 111 -20.41 57.12 -0.44
N THR D 112 -19.90 56.37 0.53
CA THR D 112 -20.73 55.76 1.57
C THR D 112 -21.51 56.79 2.37
N ASN D 113 -20.91 57.97 2.61
CA ASN D 113 -21.56 59.07 3.33
C ASN D 113 -21.16 60.37 2.65
N ARG D 114 -22.01 60.84 1.74
CA ARG D 114 -21.72 62.02 0.95
C ARG D 114 -21.57 63.27 1.82
N SER D 115 -22.45 63.42 2.80
CA SER D 115 -22.45 64.59 3.67
C SER D 115 -21.19 64.64 4.52
N ALA D 116 -20.58 63.48 4.79
CA ALA D 116 -19.38 63.45 5.61
C ALA D 116 -18.21 64.14 4.92
N ARG D 117 -18.01 63.88 3.63
CA ARG D 117 -16.92 64.47 2.85
C ARG D 117 -15.57 64.21 3.50
N ILE D 118 -15.34 62.96 3.85
CA ILE D 118 -14.11 62.51 4.53
C ILE D 118 -13.37 61.57 3.60
N PRO D 119 -12.12 61.86 3.24
CA PRO D 119 -11.37 60.95 2.36
C PRO D 119 -10.84 59.71 3.09
N CYS D 120 -10.09 58.88 2.39
CA CYS D 120 -9.51 57.68 2.97
C CYS D 120 -8.19 57.99 3.67
N PHE D 121 -7.64 56.97 4.34
CA PHE D 121 -6.37 57.07 5.04
C PHE D 121 -5.24 56.48 4.20
N LEU D 122 -4.02 56.67 4.67
CA LEU D 122 -2.82 56.18 4.01
C LEU D 122 -2.01 55.36 5.00
N ALA D 123 -1.61 54.16 4.59
CA ALA D 123 -0.84 53.26 5.44
C ALA D 123 0.10 52.44 4.55
N GLY D 124 0.66 51.37 5.12
CA GLY D 124 1.56 50.52 4.37
C GLY D 124 0.89 49.53 3.44
N ASP D 125 -0.44 49.44 3.48
CA ASP D 125 -1.19 48.54 2.61
C ASP D 125 -2.44 49.25 2.12
N THR D 126 -3.00 48.74 1.03
CA THR D 126 -4.14 49.36 0.38
C THR D 126 -5.48 48.77 0.83
N ARG D 127 -5.49 47.86 1.80
CA ARG D 127 -6.71 47.25 2.29
C ARG D 127 -6.91 47.53 3.78
N SER D 128 -6.59 48.74 4.21
CA SER D 128 -6.66 49.08 5.63
C SER D 128 -7.97 49.74 6.03
N SER D 129 -8.78 50.18 5.08
CA SER D 129 -10.02 50.91 5.37
C SER D 129 -11.25 50.02 5.32
N GLU D 130 -11.08 48.70 5.42
CA GLU D 130 -12.23 47.80 5.35
C GLU D 130 -13.11 47.93 6.59
N MET D 131 -12.51 47.89 7.77
CA MET D 131 -13.22 48.05 9.03
C MET D 131 -12.46 49.02 9.93
N PRO D 132 -13.18 49.70 10.83
CA PRO D 132 -12.50 50.62 11.75
C PRO D 132 -11.48 49.94 12.66
N GLU D 133 -11.66 48.65 12.96
CA GLU D 133 -10.76 47.98 13.88
C GLU D 133 -9.33 47.88 13.33
N LEU D 134 -9.20 47.64 12.03
CA LEU D 134 -7.87 47.61 11.42
C LEU D 134 -7.20 48.97 11.53
N THR D 135 -7.97 50.06 11.30
CA THR D 135 -7.43 51.39 11.47
C THR D 135 -6.99 51.64 12.91
N SER D 136 -7.79 51.16 13.87
CA SER D 136 -7.42 51.30 15.28
C SER D 136 -6.11 50.58 15.58
N MET D 137 -5.96 49.36 15.06
CA MET D 137 -4.71 48.62 15.28
C MET D 137 -3.52 49.34 14.67
N HIS D 138 -3.67 49.85 13.44
CA HIS D 138 -2.57 50.57 12.80
C HIS D 138 -2.20 51.83 13.57
N THR D 139 -3.21 52.57 14.04
CA THR D 139 -2.94 53.77 14.82
C THR D 139 -2.23 53.44 16.13
N LEU D 140 -2.64 52.34 16.77
CA LEU D 140 -1.96 51.92 18.00
C LEU D 140 -0.50 51.59 17.74
N LEU D 141 -0.22 50.86 16.67
CA LEU D 141 1.17 50.54 16.34
C LEU D 141 1.97 51.80 16.05
N LEU D 142 1.38 52.74 15.29
CA LEU D 142 2.07 53.98 14.98
C LEU D 142 2.38 54.77 16.25
N ARG D 143 1.41 54.85 17.17
CA ARG D 143 1.63 55.59 18.42
C ARG D 143 2.73 54.92 19.25
N GLU D 144 2.74 53.59 19.29
CA GLU D 144 3.79 52.89 20.04
C GLU D 144 5.16 53.17 19.45
N HIS D 145 5.28 53.14 18.12
CA HIS D 145 6.56 53.44 17.48
C HIS D 145 6.97 54.88 17.77
N ASN D 146 6.01 55.80 17.73
CA ASN D 146 6.29 57.21 18.03
C ASN D 146 6.86 57.37 19.43
N ARG D 147 6.20 56.76 20.42
CA ARG D 147 6.66 56.90 21.80
C ARG D 147 8.04 56.26 21.99
N LEU D 148 8.26 55.09 21.37
CA LEU D 148 9.56 54.44 21.48
C LEU D 148 10.66 55.30 20.89
N ALA D 149 10.41 55.89 19.71
CA ALA D 149 11.42 56.75 19.09
C ALA D 149 11.69 57.98 19.95
N THR D 150 10.64 58.59 20.50
CA THR D 150 10.84 59.76 21.35
C THR D 150 11.68 59.43 22.58
N GLU D 151 11.39 58.30 23.23
CA GLU D 151 12.16 57.91 24.40
C GLU D 151 13.61 57.62 24.04
N LEU D 152 13.83 56.91 22.92
CA LEU D 152 15.19 56.59 22.51
C LEU D 152 15.99 57.85 22.20
N LYS D 153 15.37 58.82 21.55
CA LYS D 153 16.04 60.10 21.32
C LYS D 153 16.32 60.81 22.64
N SER D 154 15.36 60.79 23.56
CA SER D 154 15.55 61.46 24.84
C SER D 154 16.70 60.85 25.64
N LEU D 155 16.99 59.57 25.40
CA LEU D 155 18.08 58.92 26.14
C LEU D 155 19.44 59.48 25.72
N ASN D 156 19.81 59.31 24.45
CA ASN D 156 21.15 59.68 23.96
C ASN D 156 21.09 61.01 23.22
N PRO D 157 21.90 62.00 23.61
CA PRO D 157 21.88 63.29 22.91
C PRO D 157 22.81 63.36 21.71
N ARG D 158 23.84 62.51 21.69
CA ARG D 158 24.85 62.58 20.63
C ARG D 158 24.32 62.05 19.30
N TRP D 159 23.31 61.17 19.36
CA TRP D 159 22.89 60.40 18.20
C TRP D 159 22.06 61.26 17.25
N ASP D 160 22.04 60.84 15.98
CA ASP D 160 21.29 61.54 14.94
C ASP D 160 19.97 60.82 14.66
N GLY D 161 19.11 61.49 13.89
CA GLY D 161 17.75 61.01 13.73
C GLY D 161 17.65 59.68 13.02
N GLU D 162 18.50 59.46 12.00
CA GLU D 162 18.41 58.24 11.23
C GLU D 162 18.66 57.00 12.09
N ARG D 163 19.66 57.09 12.98
CA ARG D 163 19.95 55.97 13.86
C ARG D 163 18.76 55.64 14.76
N LEU D 164 18.13 56.67 15.32
CA LEU D 164 16.95 56.45 16.15
C LEU D 164 15.81 55.84 15.36
N TYR D 165 15.58 56.32 14.14
CA TYR D 165 14.54 55.77 13.30
C TYR D 165 14.76 54.28 13.04
N GLN D 166 15.97 53.92 12.60
CA GLN D 166 16.25 52.52 12.29
C GLN D 166 16.18 51.64 13.53
N GLU D 167 16.71 52.13 14.66
CA GLU D 167 16.65 51.36 15.91
C GLU D 167 15.22 51.15 16.39
N ALA D 168 14.38 52.18 16.27
CA ALA D 168 12.98 52.04 16.64
C ALA D 168 12.28 51.02 15.74
N ARG D 169 12.59 51.04 14.44
CA ARG D 169 12.03 50.04 13.54
C ARG D 169 12.43 48.63 13.96
N LYS D 170 13.71 48.45 14.29
CA LYS D 170 14.18 47.14 14.73
C LYS D 170 13.48 46.70 16.01
N ILE D 171 13.34 47.61 16.98
CA ILE D 171 12.69 47.27 18.25
C ILE D 171 11.25 46.87 18.02
N VAL D 172 10.53 47.64 17.19
CA VAL D 172 9.13 47.32 16.91
C VAL D 172 9.00 45.96 16.25
N GLY D 173 9.88 45.67 15.28
CA GLY D 173 9.83 44.39 14.62
C GLY D 173 10.07 43.23 15.57
N ALA D 174 11.08 43.35 16.42
CA ALA D 174 11.34 42.31 17.40
C ALA D 174 10.15 42.13 18.34
N MET D 175 9.56 43.23 18.78
CA MET D 175 8.43 43.15 19.70
C MET D 175 7.26 42.41 19.06
N VAL D 176 6.89 42.78 17.83
CA VAL D 176 5.75 42.12 17.20
C VAL D 176 6.06 40.65 16.97
N GLN D 177 7.29 40.34 16.57
CA GLN D 177 7.65 38.93 16.33
C GLN D 177 7.46 38.09 17.58
N ILE D 178 8.06 38.51 18.70
CA ILE D 178 7.95 37.70 19.92
C ILE D 178 6.51 37.65 20.41
N ILE D 179 5.78 38.76 20.28
CA ILE D 179 4.39 38.76 20.75
C ILE D 179 3.56 37.75 19.96
N THR D 180 3.60 37.86 18.63
CA THR D 180 2.74 37.00 17.83
C THR D 180 3.08 35.54 18.04
N TYR D 181 4.38 35.21 18.00
CA TYR D 181 4.72 33.80 18.21
C TYR D 181 4.27 33.35 19.58
N ARG D 182 4.90 33.91 20.63
CA ARG D 182 4.77 33.37 21.98
C ARG D 182 3.34 33.38 22.48
N ASP D 183 2.48 34.26 21.96
CA ASP D 183 1.09 34.27 22.41
C ASP D 183 0.16 33.53 21.46
N TYR D 184 0.14 33.92 20.18
CA TYR D 184 -0.87 33.39 19.27
C TYR D 184 -0.64 31.92 18.96
N LEU D 185 0.62 31.50 18.79
CA LEU D 185 0.86 30.16 18.21
C LEU D 185 0.25 29.01 19.01
N PRO D 186 0.45 28.91 20.34
CA PRO D 186 -0.05 27.71 21.04
C PRO D 186 -1.56 27.63 21.16
N LEU D 187 -2.29 28.73 20.94
CA LEU D 187 -3.72 28.74 21.22
C LEU D 187 -4.60 28.34 20.05
N VAL D 188 -4.02 28.06 18.89
CA VAL D 188 -4.80 27.74 17.69
C VAL D 188 -4.69 26.26 17.33
N LEU D 189 -3.48 25.69 17.37
CA LEU D 189 -3.26 24.33 16.89
C LEU D 189 -3.42 23.30 18.01
N GLY D 190 -2.71 23.49 19.11
CA GLY D 190 -2.77 22.56 20.21
C GLY D 190 -1.40 22.16 20.72
N PRO D 191 -1.35 21.44 21.84
CA PRO D 191 -0.05 21.02 22.38
C PRO D 191 0.61 19.93 21.57
N THR D 192 -0.16 18.98 21.03
CA THR D 192 0.42 17.92 20.22
C THR D 192 1.05 18.49 18.94
N ALA D 193 0.39 19.47 18.33
CA ALA D 193 0.95 20.08 17.13
C ALA D 193 2.26 20.81 17.44
N MET D 194 2.32 21.50 18.57
CA MET D 194 3.57 22.14 18.99
C MET D 194 4.65 21.09 19.23
N ARG D 195 4.31 19.97 19.85
CA ARG D 195 5.29 18.93 20.13
C ARG D 195 5.83 18.33 18.83
N LYS D 196 4.95 18.11 17.85
CA LYS D 196 5.34 17.39 16.64
C LYS D 196 5.98 18.28 15.58
N TYR D 197 5.50 19.51 15.41
CA TYR D 197 5.90 20.32 14.27
C TYR D 197 6.84 21.48 14.61
N LEU D 198 6.85 21.96 15.85
CA LEU D 198 7.65 23.13 16.23
C LEU D 198 8.52 22.80 17.43
N PRO D 199 9.71 22.27 17.19
CA PRO D 199 10.66 22.02 18.29
C PRO D 199 11.33 23.32 18.74
N THR D 200 12.24 23.17 19.69
CA THR D 200 12.95 24.32 20.24
C THR D 200 14.00 24.83 19.25
N TYR D 201 14.10 26.16 19.14
CA TYR D 201 15.07 26.78 18.26
C TYR D 201 16.49 26.35 18.64
N ARG D 202 17.27 25.96 17.63
CA ARG D 202 18.63 25.47 17.85
C ARG D 202 19.69 26.40 17.27
N SER D 203 19.64 26.67 15.96
CA SER D 203 20.65 27.49 15.32
C SER D 203 20.12 27.93 13.96
N TYR D 204 20.80 28.93 13.38
CA TYR D 204 20.41 29.46 12.08
C TYR D 204 20.78 28.49 10.97
N ASN D 205 19.94 28.46 9.93
CA ASN D 205 20.16 27.64 8.75
C ASN D 205 20.02 28.50 7.51
N ASP D 206 20.91 28.28 6.53
CA ASP D 206 20.94 29.07 5.31
C ASP D 206 20.49 28.31 4.08
N SER D 207 20.26 27.00 4.17
CA SER D 207 19.88 26.19 3.03
C SER D 207 18.38 25.95 2.93
N VAL D 208 17.59 26.63 3.77
CA VAL D 208 16.15 26.47 3.75
C VAL D 208 15.53 27.53 2.84
N ASP D 209 14.31 27.27 2.39
CA ASP D 209 13.63 28.16 1.45
C ASP D 209 12.61 28.99 2.19
N PRO D 210 12.81 30.30 2.33
CA PRO D 210 11.86 31.14 3.06
C PRO D 210 10.68 31.67 2.24
N ARG D 211 10.49 31.20 1.02
CA ARG D 211 9.42 31.71 0.19
C ARG D 211 8.06 31.19 0.68
N ILE D 212 7.02 31.95 0.37
CA ILE D 212 5.66 31.59 0.79
C ILE D 212 5.06 30.65 -0.26
N ALA D 213 4.25 29.70 0.21
CA ALA D 213 3.66 28.71 -0.69
C ALA D 213 2.39 29.26 -1.33
N ASN D 214 2.05 28.69 -2.49
CA ASN D 214 0.87 29.13 -3.22
C ASN D 214 -0.41 28.67 -2.52
N VAL D 215 -0.43 27.43 -2.02
CA VAL D 215 -1.64 26.86 -1.44
C VAL D 215 -1.95 27.54 -0.11
N PHE D 216 -0.93 27.78 0.71
CA PHE D 216 -1.06 28.29 2.08
C PHE D 216 -2.10 29.39 2.19
N THR D 217 -2.11 30.32 1.23
CA THR D 217 -3.07 31.42 1.23
C THR D 217 -4.49 30.94 1.53
N ASN D 218 -5.00 30.04 0.69
CA ASN D 218 -6.38 29.59 0.84
C ASN D 218 -6.62 28.99 2.22
N ALA D 219 -5.63 28.32 2.79
CA ALA D 219 -5.80 27.73 4.11
C ALA D 219 -6.13 28.79 5.14
N PHE D 220 -5.41 29.92 5.10
CA PHE D 220 -5.67 30.97 6.07
C PHE D 220 -7.07 31.56 5.91
N ARG D 221 -7.71 31.35 4.76
CA ARG D 221 -9.09 31.79 4.60
C ARG D 221 -10.04 31.12 5.60
N TYR D 222 -9.56 30.13 6.35
CA TYR D 222 -10.35 29.59 7.44
C TYR D 222 -10.75 30.68 8.42
N GLY D 223 -9.96 31.75 8.51
CA GLY D 223 -10.29 32.85 9.40
C GLY D 223 -11.60 33.51 9.06
N HIS D 224 -12.15 33.26 7.87
CA HIS D 224 -13.45 33.81 7.50
C HIS D 224 -14.61 33.05 8.13
N THR D 225 -14.33 32.00 8.89
CA THR D 225 -15.40 31.17 9.44
C THR D 225 -15.98 31.68 10.75
N LEU D 226 -15.37 32.69 11.36
CA LEU D 226 -15.82 33.20 12.67
C LEU D 226 -15.89 34.73 12.59
N ILE D 227 -17.09 35.25 12.33
CA ILE D 227 -17.34 36.68 12.27
C ILE D 227 -18.71 36.96 12.88
N GLN D 228 -18.75 37.86 13.85
CA GLN D 228 -20.03 38.24 14.45
C GLN D 228 -20.76 39.23 13.54
N PRO D 229 -22.09 39.20 13.55
CA PRO D 229 -22.87 40.08 12.66
C PRO D 229 -23.15 41.47 13.22
N PHE D 230 -22.63 41.81 14.41
CA PHE D 230 -22.90 43.09 15.04
C PHE D 230 -21.57 43.77 15.38
N MET D 231 -21.67 45.02 15.82
CA MET D 231 -20.54 45.76 16.36
C MET D 231 -21.00 46.49 17.60
N PHE D 232 -20.20 46.41 18.67
CA PHE D 232 -20.59 46.92 19.98
C PHE D 232 -19.60 47.97 20.47
N ARG D 233 -20.10 48.82 21.37
CA ARG D 233 -19.28 49.84 22.03
C ARG D 233 -19.73 49.96 23.48
N LEU D 234 -18.83 50.44 24.33
CA LEU D 234 -19.16 50.69 25.72
C LEU D 234 -18.18 51.70 26.31
N ASP D 235 -18.64 52.41 27.34
CA ASP D 235 -17.93 53.54 27.90
C ASP D 235 -16.89 53.06 28.91
N ASN D 236 -16.33 54.02 29.67
CA ASN D 236 -15.29 53.68 30.66
C ASN D 236 -15.84 52.73 31.71
N ARG D 237 -17.04 52.99 32.21
CA ARG D 237 -17.73 52.01 33.03
C ARG D 237 -18.50 51.09 32.11
N TYR D 238 -18.30 49.78 32.28
CA TYR D 238 -18.62 48.84 31.22
C TYR D 238 -20.13 48.64 31.04
N GLN D 239 -20.78 49.59 30.38
CA GLN D 239 -22.16 49.46 29.94
C GLN D 239 -22.25 49.97 28.50
N PRO D 240 -23.20 49.46 27.72
CA PRO D 240 -23.21 49.78 26.28
C PRO D 240 -23.43 51.26 26.00
N MET D 241 -23.02 51.66 24.80
CA MET D 241 -23.17 53.04 24.35
C MET D 241 -24.64 53.44 24.23
N GLU D 242 -24.89 54.74 24.37
CA GLU D 242 -26.18 55.34 24.10
C GLU D 242 -25.97 56.64 23.33
N PRO D 243 -26.47 56.73 22.08
CA PRO D 243 -27.23 55.73 21.33
C PRO D 243 -26.34 54.80 20.52
N ASN D 244 -26.94 54.00 19.63
CA ASN D 244 -26.24 53.05 18.78
C ASN D 244 -25.34 52.11 19.59
N PRO D 245 -25.92 51.28 20.47
CA PRO D 245 -25.08 50.34 21.23
C PRO D 245 -24.63 49.16 20.39
N ARG D 246 -25.51 48.68 19.53
CA ARG D 246 -25.25 47.52 18.66
C ARG D 246 -25.57 47.94 17.23
N VAL D 247 -24.54 48.21 16.45
CA VAL D 247 -24.70 48.62 15.05
C VAL D 247 -24.55 47.38 14.17
N PRO D 248 -25.49 47.10 13.28
CA PRO D 248 -25.39 45.92 12.43
C PRO D 248 -24.29 46.08 11.38
N LEU D 249 -23.86 44.94 10.84
CA LEU D 249 -22.86 44.92 9.78
C LEU D 249 -23.52 45.36 8.47
N SER D 250 -22.77 45.25 7.38
CA SER D 250 -23.18 45.67 6.04
C SER D 250 -23.44 47.17 5.94
N ARG D 251 -23.14 47.92 7.01
CA ARG D 251 -23.28 49.37 7.00
C ARG D 251 -22.03 50.08 7.50
N VAL D 252 -20.99 49.33 7.85
CA VAL D 252 -19.74 49.90 8.34
C VAL D 252 -18.57 49.66 7.40
N PHE D 253 -18.79 48.96 6.29
CA PHE D 253 -17.72 48.73 5.33
C PHE D 253 -17.30 50.05 4.67
N PHE D 254 -15.99 50.27 4.58
CA PHE D 254 -15.42 51.48 4.01
C PHE D 254 -15.99 52.73 4.69
N ALA D 255 -16.15 52.67 6.01
CA ALA D 255 -16.70 53.78 6.78
C ALA D 255 -15.56 54.46 7.54
N SER D 256 -14.90 55.39 6.85
CA SER D 256 -13.82 56.14 7.47
C SER D 256 -14.35 57.23 8.41
N TRP D 257 -15.56 57.72 8.17
CA TRP D 257 -16.10 58.81 8.98
C TRP D 257 -16.37 58.37 10.42
N ARG D 258 -16.60 57.07 10.64
CA ARG D 258 -16.93 56.60 11.98
C ARG D 258 -15.78 56.83 12.95
N VAL D 259 -14.55 56.57 12.53
CA VAL D 259 -13.40 56.76 13.41
C VAL D 259 -13.19 58.25 13.69
N VAL D 260 -13.42 59.09 12.69
CA VAL D 260 -13.05 60.50 12.81
C VAL D 260 -14.10 61.27 13.62
N LEU D 261 -15.37 61.18 13.22
CA LEU D 261 -16.40 62.07 13.74
C LEU D 261 -17.25 61.44 14.85
N GLU D 262 -16.98 60.20 15.24
CA GLU D 262 -17.81 59.51 16.22
C GLU D 262 -17.00 59.03 17.42
N GLY D 263 -16.14 59.90 17.94
CA GLY D 263 -15.48 59.63 19.20
C GLY D 263 -14.02 59.29 19.12
N GLY D 264 -13.64 58.45 18.16
CA GLY D 264 -12.25 58.04 18.04
C GLY D 264 -12.07 56.54 17.96
N ILE D 265 -11.11 56.01 18.71
CA ILE D 265 -10.79 54.59 18.66
C ILE D 265 -10.90 53.89 20.01
N ASP D 266 -10.90 54.62 21.13
CA ASP D 266 -10.91 53.97 22.44
C ASP D 266 -12.17 53.14 22.69
N PRO D 267 -13.39 53.63 22.43
CA PRO D 267 -14.56 52.76 22.62
C PRO D 267 -14.54 51.52 21.75
N ILE D 268 -13.97 51.60 20.54
CA ILE D 268 -13.86 50.43 19.70
C ILE D 268 -12.97 49.37 20.35
N LEU D 269 -11.84 49.80 20.92
CA LEU D 269 -10.96 48.87 21.63
C LEU D 269 -11.66 48.28 22.85
N ARG D 270 -12.40 49.12 23.58
CA ARG D 270 -13.12 48.61 24.75
C ARG D 270 -14.15 47.56 24.37
N GLY D 271 -14.86 47.78 23.26
CA GLY D 271 -15.78 46.77 22.77
C GLY D 271 -15.06 45.52 22.29
N LEU D 272 -13.89 45.69 21.66
CA LEU D 272 -13.11 44.56 21.19
C LEU D 272 -12.59 43.71 22.34
N MET D 273 -12.40 44.30 23.52
CA MET D 273 -11.75 43.59 24.62
C MET D 273 -12.68 42.55 25.26
N ALA D 274 -13.97 42.83 25.33
CA ALA D 274 -14.88 42.09 26.21
C ALA D 274 -16.08 41.56 25.42
N THR D 275 -15.82 40.92 24.29
CA THR D 275 -16.89 40.31 23.49
C THR D 275 -16.46 38.93 23.04
N PRO D 276 -17.28 37.90 23.27
CA PRO D 276 -16.92 36.55 22.84
C PRO D 276 -17.08 36.37 21.33
N ALA D 277 -16.39 35.38 20.81
CA ALA D 277 -16.38 35.06 19.39
C ALA D 277 -17.42 33.98 19.09
N LYS D 278 -17.38 33.47 17.86
CA LYS D 278 -18.33 32.46 17.40
C LYS D 278 -17.65 31.09 17.35
N LEU D 279 -18.42 30.05 17.67
CA LEU D 279 -17.91 28.69 17.72
C LEU D 279 -18.34 27.94 16.46
N ASN D 280 -17.38 27.30 15.80
CA ASN D 280 -17.66 26.56 14.58
C ASN D 280 -18.38 25.24 14.90
N ARG D 281 -19.25 24.83 13.99
CA ARG D 281 -19.97 23.57 14.10
C ARG D 281 -20.28 23.06 12.71
N GLN D 282 -20.60 21.77 12.63
CA GLN D 282 -20.82 21.12 11.34
C GLN D 282 -22.16 21.46 10.71
N ASN D 283 -23.08 22.09 11.46
CA ASN D 283 -24.31 22.59 10.88
C ASN D 283 -24.42 24.11 10.91
N GLN D 284 -23.42 24.80 11.45
CA GLN D 284 -23.37 26.27 11.44
C GLN D 284 -21.96 26.67 11.05
N ILE D 285 -21.79 27.21 9.84
CA ILE D 285 -20.45 27.48 9.33
C ILE D 285 -20.25 28.97 9.09
N ALA D 286 -21.03 29.55 8.19
CA ALA D 286 -20.83 30.92 7.73
C ALA D 286 -22.03 31.79 8.11
N VAL D 287 -21.74 32.96 8.67
CA VAL D 287 -22.81 33.87 9.10
C VAL D 287 -23.51 34.46 7.89
N ASP D 288 -24.83 34.58 7.99
CA ASP D 288 -25.63 35.06 6.86
C ASP D 288 -25.33 36.51 6.52
N GLU D 289 -24.86 37.30 7.48
CA GLU D 289 -24.70 38.73 7.27
C GLU D 289 -23.67 39.04 6.19
N ILE D 290 -22.54 38.34 6.20
CA ILE D 290 -21.45 38.64 5.28
C ILE D 290 -21.60 37.82 4.01
N ARG D 291 -22.74 37.15 3.85
CA ARG D 291 -22.96 36.29 2.70
C ARG D 291 -24.08 36.76 1.79
N GLU D 292 -24.85 37.77 2.19
CA GLU D 292 -25.96 38.27 1.37
C GLU D 292 -25.97 39.77 1.17
N ARG D 293 -25.30 40.55 2.03
CA ARG D 293 -25.27 42.00 1.91
C ARG D 293 -23.85 42.51 2.07
N LEU D 294 -22.92 41.87 1.36
CA LEU D 294 -21.49 42.23 1.44
C LEU D 294 -21.18 43.28 0.38
N PHE D 295 -20.58 44.39 0.82
CA PHE D 295 -20.27 45.53 -0.05
C PHE D 295 -21.53 45.99 -0.79
N GLU D 296 -22.65 46.03 -0.07
CA GLU D 296 -23.93 46.33 -0.71
C GLU D 296 -23.99 47.77 -1.20
N GLN D 297 -23.46 48.71 -0.44
CA GLN D 297 -23.63 50.12 -0.77
C GLN D 297 -22.75 50.54 -1.94
N VAL D 298 -21.50 50.07 -1.98
CA VAL D 298 -20.56 50.59 -2.95
C VAL D 298 -20.81 50.02 -4.35
N MET D 299 -21.40 48.84 -4.45
CA MET D 299 -21.68 48.22 -5.74
C MET D 299 -23.18 48.04 -5.93
N ARG D 300 -23.56 47.58 -7.13
CA ARG D 300 -24.97 47.45 -7.46
C ARG D 300 -25.61 46.23 -6.82
N ILE D 301 -24.84 45.15 -6.62
CA ILE D 301 -25.37 43.92 -6.02
C ILE D 301 -24.34 43.36 -5.05
N GLY D 302 -24.83 42.88 -3.91
CA GLY D 302 -23.95 42.28 -2.93
C GLY D 302 -23.43 40.93 -3.37
N LEU D 303 -22.25 40.57 -2.89
CA LEU D 303 -21.62 39.30 -3.21
C LEU D 303 -21.65 38.37 -2.00
N ASP D 304 -21.10 37.18 -2.19
CA ASP D 304 -20.96 36.20 -1.11
C ASP D 304 -19.52 35.72 -1.05
N LEU D 305 -19.02 35.53 0.16
CA LEU D 305 -17.62 35.21 0.38
C LEU D 305 -17.27 33.76 0.06
N PRO D 306 -18.05 32.76 0.52
CA PRO D 306 -17.70 31.37 0.16
C PRO D 306 -17.67 31.11 -1.33
N ALA D 307 -18.60 31.69 -2.08
CA ALA D 307 -18.59 31.51 -3.53
C ALA D 307 -17.34 32.11 -4.16
N LEU D 308 -16.93 33.30 -3.71
CA LEU D 308 -15.71 33.91 -4.21
C LEU D 308 -14.49 33.07 -3.85
N ASN D 309 -14.47 32.50 -2.64
CA ASN D 309 -13.36 31.65 -2.25
C ASN D 309 -13.27 30.41 -3.14
N MET D 310 -14.40 29.76 -3.40
CA MET D 310 -14.40 28.59 -4.27
C MET D 310 -13.97 28.96 -5.69
N GLN D 311 -14.44 30.11 -6.19
CA GLN D 311 -14.05 30.55 -7.53
C GLN D 311 -12.56 30.81 -7.61
N ARG D 312 -11.99 31.46 -6.59
CA ARG D 312 -10.56 31.71 -6.58
C ARG D 312 -9.76 30.42 -6.51
N SER D 313 -10.23 29.47 -5.69
CA SER D 313 -9.56 28.18 -5.61
C SER D 313 -9.56 27.47 -6.96
N ARG D 314 -10.70 27.51 -7.65
CA ARG D 314 -10.76 26.89 -8.98
C ARG D 314 -9.84 27.61 -9.96
N ASP D 315 -9.80 28.95 -9.90
CA ASP D 315 -8.98 29.71 -10.83
C ASP D 315 -7.49 29.43 -10.63
N HIS D 316 -7.05 29.32 -9.38
CA HIS D 316 -5.63 29.09 -9.13
C HIS D 316 -5.17 27.76 -9.71
N GLY D 317 -5.98 26.71 -9.57
CA GLY D 317 -5.65 25.42 -10.12
C GLY D 317 -5.15 24.39 -9.13
N LEU D 318 -5.45 24.55 -7.84
CA LEU D 318 -4.97 23.61 -6.84
C LEU D 318 -5.65 22.25 -7.01
N PRO D 319 -4.96 21.16 -6.66
CA PRO D 319 -5.55 19.82 -6.80
C PRO D 319 -6.69 19.57 -5.82
N GLY D 320 -7.21 18.35 -5.81
CA GLY D 320 -8.37 18.01 -5.02
C GLY D 320 -8.04 17.74 -3.57
N TYR D 321 -9.08 17.32 -2.83
CA TYR D 321 -8.94 17.10 -1.39
C TYR D 321 -8.18 15.82 -1.09
N ASN D 322 -8.40 14.77 -1.88
CA ASN D 322 -7.75 13.49 -1.62
C ASN D 322 -6.24 13.58 -1.81
N ALA D 323 -5.79 14.35 -2.82
CA ALA D 323 -4.36 14.52 -3.03
C ALA D 323 -3.72 15.21 -1.83
N TRP D 324 -4.39 16.21 -1.26
CA TRP D 324 -3.85 16.89 -0.09
C TRP D 324 -3.89 15.99 1.14
N ARG D 325 -4.89 15.11 1.24
CA ARG D 325 -4.88 14.13 2.32
C ARG D 325 -3.70 13.17 2.18
N ARG D 326 -3.38 12.78 0.95
CA ARG D 326 -2.23 11.91 0.72
C ARG D 326 -0.92 12.63 0.98
N PHE D 327 -0.87 13.94 0.74
CA PHE D 327 0.38 14.69 0.89
C PHE D 327 0.87 14.67 2.33
N CYS D 328 -0.04 14.85 3.29
CA CYS D 328 0.34 14.87 4.69
C CYS D 328 0.53 13.47 5.28
N GLY D 329 0.10 12.43 4.58
CA GLY D 329 0.28 11.06 5.07
C GLY D 329 -0.89 10.56 5.89
N LEU D 330 -2.09 10.67 5.34
CA LEU D 330 -3.32 10.26 6.01
C LEU D 330 -4.12 9.36 5.09
N PRO D 331 -5.00 8.52 5.64
CA PRO D 331 -5.78 7.61 4.80
C PRO D 331 -6.68 8.36 3.84
N GLN D 332 -6.91 7.75 2.67
CA GLN D 332 -7.73 8.35 1.62
C GLN D 332 -9.06 7.61 1.50
N PRO D 333 -10.18 8.24 1.82
CA PRO D 333 -11.47 7.54 1.67
C PRO D 333 -11.86 7.39 0.22
N GLU D 334 -12.67 6.37 -0.04
CA GLU D 334 -13.13 6.08 -1.39
C GLU D 334 -14.65 6.11 -1.52
N THR D 335 -15.38 5.45 -0.63
CA THR D 335 -16.82 5.33 -0.73
C THR D 335 -17.52 6.26 0.26
N VAL D 336 -18.85 6.17 0.29
CA VAL D 336 -19.64 7.02 1.18
C VAL D 336 -19.42 6.63 2.63
N GLY D 337 -19.35 5.32 2.91
CA GLY D 337 -19.20 4.89 4.29
C GLY D 337 -17.90 5.32 4.92
N GLN D 338 -16.80 5.20 4.16
CA GLN D 338 -15.49 5.59 4.69
C GLN D 338 -15.47 7.08 5.00
N LEU D 339 -15.97 7.91 4.09
CA LEU D 339 -16.00 9.35 4.33
C LEU D 339 -16.89 9.70 5.50
N GLY D 340 -18.05 9.05 5.60
CA GLY D 340 -18.93 9.31 6.73
C GLY D 340 -18.31 8.94 8.06
N THR D 341 -17.60 7.81 8.11
CA THR D 341 -16.90 7.44 9.33
C THR D 341 -15.79 8.42 9.65
N VAL D 342 -15.07 8.90 8.63
CA VAL D 342 -13.99 9.86 8.86
C VAL D 342 -14.54 11.15 9.44
N LEU D 343 -15.64 11.65 8.88
CA LEU D 343 -16.24 12.90 9.35
C LEU D 343 -17.21 12.68 10.50
N ARG D 344 -17.53 11.44 10.85
CA ARG D 344 -18.44 11.12 11.94
C ARG D 344 -19.82 11.75 11.73
N ASN D 345 -20.30 11.73 10.49
CA ASN D 345 -21.65 12.18 10.18
C ASN D 345 -22.05 11.61 8.83
N LEU D 346 -23.05 10.74 8.82
CA LEU D 346 -23.54 10.18 7.56
C LEU D 346 -24.39 11.17 6.78
N LYS D 347 -25.17 12.00 7.48
CA LYS D 347 -26.00 12.98 6.80
C LYS D 347 -25.17 13.97 6.01
N LEU D 348 -24.08 14.47 6.60
CA LEU D 348 -23.19 15.38 5.89
C LEU D 348 -22.48 14.68 4.73
N ALA D 349 -22.11 13.41 4.91
CA ALA D 349 -21.49 12.66 3.83
C ALA D 349 -22.42 12.54 2.63
N ARG D 350 -23.69 12.20 2.89
CA ARG D 350 -24.68 12.15 1.81
C ARG D 350 -24.88 13.52 1.17
N LYS D 351 -24.94 14.57 2.00
CA LYS D 351 -25.14 15.91 1.48
C LYS D 351 -24.01 16.31 0.53
N LEU D 352 -22.77 16.00 0.91
CA LEU D 352 -21.64 16.30 0.04
C LEU D 352 -21.65 15.42 -1.21
N MET D 353 -22.08 14.17 -1.07
CA MET D 353 -22.01 13.23 -2.18
C MET D 353 -23.04 13.51 -3.25
N GLU D 354 -24.21 14.05 -2.91
CA GLU D 354 -25.17 14.39 -3.96
C GLU D 354 -24.61 15.46 -4.89
N GLN D 355 -23.85 16.40 -4.33
CA GLN D 355 -23.39 17.55 -5.11
C GLN D 355 -22.04 17.33 -5.78
N TYR D 356 -21.05 16.81 -5.04
CA TYR D 356 -19.69 16.73 -5.58
C TYR D 356 -19.40 15.43 -6.31
N GLY D 357 -20.32 14.47 -6.30
CA GLY D 357 -20.13 13.25 -7.06
C GLY D 357 -19.13 12.28 -6.47
N THR D 358 -17.86 12.66 -6.46
CA THR D 358 -16.80 11.83 -5.93
C THR D 358 -15.93 12.63 -4.97
N PRO D 359 -15.34 11.99 -3.96
CA PRO D 359 -14.50 12.73 -3.00
C PRO D 359 -13.30 13.40 -3.63
N ASN D 360 -12.83 12.94 -4.79
CA ASN D 360 -11.63 13.50 -5.38
C ASN D 360 -11.83 14.95 -5.83
N ASN D 361 -13.06 15.35 -6.12
CA ASN D 361 -13.33 16.66 -6.68
C ASN D 361 -13.66 17.72 -5.65
N ILE D 362 -13.65 17.38 -4.36
CA ILE D 362 -13.97 18.34 -3.32
C ILE D 362 -12.86 19.39 -3.23
N ASP D 363 -13.25 20.66 -3.20
CA ASP D 363 -12.28 21.74 -3.13
C ASP D 363 -11.55 21.73 -1.79
N ILE D 364 -10.43 22.44 -1.73
CA ILE D 364 -9.59 22.44 -0.54
C ILE D 364 -10.31 23.12 0.63
N TRP D 365 -10.95 24.26 0.38
CA TRP D 365 -11.54 25.03 1.46
C TRP D 365 -12.71 24.28 2.10
N MET D 366 -13.64 23.78 1.28
CA MET D 366 -14.81 23.10 1.82
C MET D 366 -14.42 21.83 2.58
N GLY D 367 -13.46 21.08 2.04
CA GLY D 367 -13.01 19.89 2.75
C GLY D 367 -12.30 20.21 4.04
N GLY D 368 -11.46 21.24 4.03
CA GLY D 368 -10.70 21.60 5.23
C GLY D 368 -11.60 22.12 6.34
N VAL D 369 -12.58 22.96 6.00
CA VAL D 369 -13.45 23.54 7.02
C VAL D 369 -14.33 22.48 7.65
N SER D 370 -14.84 21.54 6.84
CA SER D 370 -15.79 20.55 7.32
C SER D 370 -15.18 19.53 8.27
N GLU D 371 -13.86 19.49 8.41
CA GLU D 371 -13.22 18.51 9.26
C GLU D 371 -13.58 18.75 10.72
N PRO D 372 -13.68 17.69 11.52
CA PRO D 372 -13.94 17.86 12.95
C PRO D 372 -12.79 18.56 13.66
N LEU D 373 -13.13 19.35 14.67
CA LEU D 373 -12.14 20.12 15.40
C LEU D 373 -11.32 19.24 16.34
N LYS D 374 -10.10 19.68 16.61
CA LYS D 374 -9.23 19.00 17.56
C LYS D 374 -9.60 19.41 18.98
N ARG D 375 -9.01 18.72 19.95
CA ARG D 375 -9.19 19.05 21.35
C ARG D 375 -8.21 20.15 21.74
N LYS D 376 -8.73 21.19 22.39
CA LYS D 376 -7.95 22.39 22.71
C LYS D 376 -7.35 23.00 21.44
N GLY D 377 -8.15 23.03 20.38
CA GLY D 377 -7.72 23.59 19.11
C GLY D 377 -8.87 24.20 18.32
N ARG D 378 -8.60 24.62 17.08
CA ARG D 378 -9.62 25.24 16.25
C ARG D 378 -9.64 24.75 14.81
N VAL D 379 -8.70 23.89 14.40
CA VAL D 379 -8.63 23.40 13.03
C VAL D 379 -8.46 21.90 13.05
N GLY D 380 -8.75 21.28 11.91
CA GLY D 380 -8.57 19.85 11.75
C GLY D 380 -7.11 19.50 11.50
N PRO D 381 -6.84 18.20 11.43
CA PRO D 381 -5.46 17.75 11.21
C PRO D 381 -4.86 18.26 9.91
N LEU D 382 -5.64 18.36 8.83
CA LEU D 382 -5.10 18.74 7.54
C LEU D 382 -4.60 20.17 7.54
N LEU D 383 -5.42 21.10 8.04
CA LEU D 383 -4.99 22.50 8.10
C LEU D 383 -3.82 22.68 9.05
N ALA D 384 -3.79 21.90 10.13
CA ALA D 384 -2.64 21.94 11.04
C ALA D 384 -1.37 21.51 10.32
N CYS D 385 -1.44 20.41 9.56
CA CYS D 385 -0.28 19.94 8.82
C CYS D 385 0.18 20.97 7.79
N ILE D 386 -0.77 21.66 7.17
CA ILE D 386 -0.42 22.67 6.18
C ILE D 386 0.25 23.87 6.84
N ILE D 387 -0.32 24.36 7.94
CA ILE D 387 0.15 25.61 8.53
C ILE D 387 1.48 25.42 9.25
N GLY D 388 1.62 24.31 9.99
CA GLY D 388 2.80 24.14 10.82
C GLY D 388 4.09 24.08 10.02
N THR D 389 4.08 23.34 8.90
CA THR D 389 5.28 23.25 8.07
C THR D 389 5.69 24.60 7.52
N GLN D 390 4.71 25.37 7.03
CA GLN D 390 5.01 26.69 6.49
C GLN D 390 5.59 27.61 7.55
N PHE D 391 5.00 27.63 8.75
CA PHE D 391 5.50 28.51 9.79
C PHE D 391 6.88 28.08 10.28
N ARG D 392 7.11 26.76 10.37
CA ARG D 392 8.44 26.28 10.74
C ARG D 392 9.48 26.68 9.71
N LYS D 393 9.15 26.55 8.43
CA LYS D 393 10.08 26.95 7.38
C LYS D 393 10.36 28.45 7.45
N LEU D 394 9.33 29.26 7.73
CA LEU D 394 9.54 30.69 7.84
C LEU D 394 10.40 31.06 9.04
N ARG D 395 10.30 30.30 10.12
CA ARG D 395 11.06 30.64 11.33
C ARG D 395 12.55 30.41 11.15
N ASP D 396 12.92 29.32 10.46
CA ASP D 396 14.31 28.88 10.37
C ASP D 396 15.04 29.43 9.15
N GLY D 397 14.64 30.59 8.65
CA GLY D 397 15.29 31.15 7.46
C GLY D 397 15.45 32.65 7.49
N ASP D 398 15.37 33.24 8.68
CA ASP D 398 15.50 34.68 8.86
C ASP D 398 16.83 34.98 9.54
N ARG D 399 17.70 35.72 8.84
CA ARG D 399 19.02 36.01 9.39
C ARG D 399 18.94 37.02 10.52
N PHE D 400 17.90 37.84 10.57
CA PHE D 400 17.74 38.87 11.59
C PHE D 400 16.79 38.47 12.71
N TRP D 401 16.72 37.18 13.01
CA TRP D 401 15.87 36.71 14.10
C TRP D 401 16.40 37.23 15.44
N TRP D 402 15.47 37.53 16.35
CA TRP D 402 15.85 38.18 17.61
C TRP D 402 16.68 37.28 18.51
N GLU D 403 16.60 35.96 18.33
CA GLU D 403 17.35 35.02 19.17
C GLU D 403 18.71 34.65 18.60
N ASN D 404 19.05 35.15 17.41
CA ASN D 404 20.32 34.81 16.80
C ASN D 404 21.46 35.56 17.49
N GLU D 405 22.59 34.87 17.67
CA GLU D 405 23.74 35.49 18.29
C GLU D 405 24.34 36.54 17.38
N GLY D 406 24.74 37.67 17.97
CA GLY D 406 25.31 38.78 17.23
C GLY D 406 24.34 39.90 16.92
N VAL D 407 23.06 39.72 17.17
CA VAL D 407 22.06 40.74 16.94
C VAL D 407 21.77 41.54 18.19
N PHE D 408 21.56 40.86 19.31
CA PHE D 408 21.31 41.48 20.61
C PHE D 408 22.38 41.04 21.60
N SER D 409 22.20 41.44 22.86
CA SER D 409 23.07 41.03 23.95
C SER D 409 22.27 40.23 24.96
N MET D 410 22.97 39.69 25.95
CA MET D 410 22.31 38.88 26.97
C MET D 410 21.38 39.72 27.82
N GLN D 411 21.86 40.86 28.33
CA GLN D 411 21.01 41.73 29.14
C GLN D 411 19.85 42.29 28.32
N GLN D 412 20.12 42.64 27.07
CA GLN D 412 19.05 43.14 26.20
C GLN D 412 17.98 42.08 25.98
N ARG D 413 18.39 40.84 25.74
CA ARG D 413 17.42 39.76 25.57
C ARG D 413 16.63 39.53 26.84
N GLN D 414 17.30 39.56 27.99
CA GLN D 414 16.61 39.38 29.27
C GLN D 414 15.57 40.46 29.48
N ALA D 415 15.92 41.71 29.19
CA ALA D 415 14.96 42.81 29.32
C ALA D 415 13.81 42.68 28.33
N LEU D 416 14.11 42.27 27.09
CA LEU D 416 13.11 42.22 26.05
C LEU D 416 12.17 41.03 26.18
N ALA D 417 12.56 39.99 26.91
CA ALA D 417 11.69 38.82 27.03
C ALA D 417 10.47 39.06 27.95
N GLN D 418 10.16 40.30 28.36
CA GLN D 418 9.05 40.55 29.27
C GLN D 418 7.82 41.13 28.59
N ILE D 419 7.96 41.66 27.38
CA ILE D 419 6.88 42.43 26.75
C ILE D 419 5.65 41.55 26.53
N SER D 420 4.49 42.08 26.90
CA SER D 420 3.20 41.44 26.67
C SER D 420 2.31 42.38 25.87
N LEU D 421 1.26 41.80 25.28
CA LEU D 421 0.35 42.62 24.48
C LEU D 421 -0.34 43.71 25.28
N PRO D 422 -0.85 43.48 26.51
CA PRO D 422 -1.30 44.60 27.33
C PRO D 422 -0.12 45.48 27.75
N ARG D 423 -0.39 46.52 28.55
CA ARG D 423 0.58 47.52 28.96
C ARG D 423 0.90 48.44 27.79
N ILE D 424 0.43 48.09 26.60
CA ILE D 424 0.54 48.98 25.44
C ILE D 424 -0.69 49.86 25.33
N ILE D 425 -1.88 49.28 25.48
CA ILE D 425 -3.11 50.05 25.47
C ILE D 425 -3.13 51.02 26.65
N CYS D 426 -2.67 50.57 27.82
CA CYS D 426 -2.66 51.43 29.00
C CYS D 426 -1.75 52.63 28.79
N ASP D 427 -0.58 52.42 28.21
CA ASP D 427 0.39 53.49 28.04
C ASP D 427 0.17 54.31 26.78
N ASN D 428 -0.72 53.89 25.89
CA ASN D 428 -1.02 54.65 24.69
C ASN D 428 -2.45 55.16 24.61
N THR D 429 -3.37 54.62 25.39
CA THR D 429 -4.75 55.11 25.40
C THR D 429 -5.17 55.47 26.82
N GLY D 430 -6.45 55.78 27.00
CA GLY D 430 -7.01 56.09 28.30
C GLY D 430 -7.59 54.89 29.05
N ILE D 431 -7.38 53.69 28.55
CA ILE D 431 -7.95 52.50 29.18
C ILE D 431 -7.17 52.18 30.46
N THR D 432 -7.91 51.90 31.54
CA THR D 432 -7.30 51.54 32.81
C THR D 432 -7.51 50.09 33.22
N THR D 433 -8.44 49.38 32.58
CA THR D 433 -8.76 48.00 32.92
C THR D 433 -8.48 47.11 31.71
N VAL D 434 -7.62 46.12 31.89
CA VAL D 434 -7.27 45.16 30.86
C VAL D 434 -7.34 43.76 31.43
N SER D 435 -7.06 42.77 30.59
CA SER D 435 -7.09 41.37 31.01
C SER D 435 -5.93 41.07 31.96
N LYS D 436 -5.84 39.80 32.38
CA LYS D 436 -4.88 39.41 33.40
C LYS D 436 -3.62 38.78 32.81
N ASN D 437 -3.76 37.66 32.11
CA ASN D 437 -2.59 36.93 31.62
C ASN D 437 -2.52 36.88 30.10
N ASN D 438 -3.60 36.46 29.43
CA ASN D 438 -3.62 36.37 27.98
C ASN D 438 -4.79 37.20 27.46
N ILE D 439 -4.50 38.09 26.52
CA ILE D 439 -5.55 38.91 25.92
C ILE D 439 -6.45 38.07 25.03
N PHE D 440 -6.00 36.90 24.60
CA PHE D 440 -6.74 36.06 23.66
C PHE D 440 -7.60 35.00 24.35
N MET D 441 -7.63 34.96 25.67
CA MET D 441 -8.33 33.90 26.38
C MET D 441 -9.36 34.40 27.38
N SER D 442 -9.08 35.51 28.07
CA SER D 442 -9.95 36.01 29.13
C SER D 442 -10.99 36.94 28.54
N ASN D 443 -12.27 36.61 28.73
CA ASN D 443 -13.36 37.43 28.22
C ASN D 443 -14.49 37.68 29.20
N SER D 444 -14.53 36.99 30.33
CA SER D 444 -15.60 37.15 31.30
C SER D 444 -15.35 38.38 32.16
N TYR D 445 -16.41 39.17 32.40
CA TYR D 445 -16.30 40.38 33.18
C TYR D 445 -17.11 40.29 34.46
N PRO D 446 -16.61 40.80 35.59
CA PRO D 446 -15.28 41.39 35.81
C PRO D 446 -14.33 40.38 36.44
N ARG D 447 -14.47 39.11 36.06
CA ARG D 447 -13.69 38.04 36.67
C ARG D 447 -12.22 38.08 36.27
N ASP D 448 -11.89 38.72 35.16
CA ASP D 448 -10.52 38.70 34.61
C ASP D 448 -10.08 40.11 34.25
N PHE D 449 -10.30 41.07 35.14
CA PHE D 449 -9.93 42.45 34.90
C PHE D 449 -9.21 43.03 36.12
N VAL D 450 -8.16 43.79 35.86
CA VAL D 450 -7.35 44.39 36.92
C VAL D 450 -7.13 45.86 36.60
N ASN D 451 -6.38 46.55 37.46
CA ASN D 451 -6.08 47.96 37.27
C ASN D 451 -4.82 48.14 36.44
N CYS D 452 -4.63 49.37 35.94
CA CYS D 452 -3.49 49.64 35.07
C CYS D 452 -2.18 49.72 35.83
N SER D 453 -2.23 50.07 37.11
CA SER D 453 -0.99 50.24 37.88
C SER D 453 -0.25 48.93 38.09
N THR D 454 -0.97 47.81 38.09
CA THR D 454 -0.34 46.51 38.34
C THR D 454 0.19 45.90 37.05
N LEU D 455 1.00 46.66 36.30
CA LEU D 455 1.57 46.20 35.04
C LEU D 455 2.99 46.73 34.94
N PRO D 456 3.97 45.87 34.65
CA PRO D 456 5.37 46.32 34.57
C PRO D 456 5.72 46.91 33.22
N ALA D 457 6.79 47.70 33.22
CA ALA D 457 7.27 48.41 32.03
C ALA D 457 8.67 47.91 31.67
N LEU D 458 9.27 48.58 30.69
CA LEU D 458 10.58 48.22 30.17
C LEU D 458 11.54 49.41 30.25
N ASN D 459 12.80 49.12 30.53
CA ASN D 459 13.84 50.13 30.63
C ASN D 459 14.80 50.00 29.47
N LEU D 460 15.29 51.15 28.99
CA LEU D 460 16.18 51.21 27.84
C LEU D 460 17.60 51.62 28.21
N ALA D 461 17.98 51.51 29.48
CA ALA D 461 19.29 52.00 29.92
C ALA D 461 20.43 51.27 29.22
N SER D 462 20.21 50.00 28.86
CA SER D 462 21.27 49.25 28.18
C SER D 462 21.58 49.85 26.82
N TRP D 463 20.57 50.33 26.11
CA TRP D 463 20.76 50.87 24.77
C TRP D 463 21.53 52.19 24.76
N ARG D 464 21.74 52.81 25.91
CA ARG D 464 22.49 54.06 25.96
C ARG D 464 23.93 53.83 25.51
N GLU D 465 24.41 54.70 24.64
CA GLU D 465 25.76 54.62 24.09
C GLU D 465 26.62 55.71 24.70
N ALA D 466 27.78 55.33 25.23
CA ALA D 466 28.69 56.29 25.85
C ALA D 466 30.13 55.81 25.74
N HIS E 3 36.80 -15.51 19.97
CA HIS E 3 35.75 -15.32 18.99
C HIS E 3 34.47 -16.04 19.41
N ARG E 4 33.46 -15.27 19.82
CA ARG E 4 32.20 -15.82 20.28
C ARG E 4 31.05 -15.20 19.48
N TYR E 5 30.02 -16.00 19.24
CA TYR E 5 28.83 -15.53 18.55
C TYR E 5 27.95 -14.74 19.53
N ARG E 6 26.75 -14.39 19.10
CA ARG E 6 25.81 -13.66 19.94
C ARG E 6 24.48 -14.41 19.98
N PRO E 7 23.74 -14.28 21.08
CA PRO E 7 22.49 -15.05 21.22
C PRO E 7 21.50 -14.75 20.12
N GLY E 8 21.16 -15.78 19.34
CA GLY E 8 20.16 -15.64 18.31
C GLY E 8 20.52 -16.25 16.97
N THR E 9 21.83 -16.36 16.69
CA THR E 9 22.25 -16.82 15.36
C THR E 9 22.26 -18.35 15.27
N VAL E 10 22.92 -19.02 16.22
CA VAL E 10 23.03 -20.47 16.15
C VAL E 10 21.67 -21.13 16.27
N ALA E 11 20.73 -20.47 16.94
CA ALA E 11 19.36 -21.01 17.00
C ALA E 11 18.72 -21.03 15.62
N LEU E 12 18.87 -19.93 14.86
CA LEU E 12 18.35 -19.90 13.50
C LEU E 12 19.06 -20.93 12.62
N ARG E 13 20.38 -21.06 12.78
CA ARG E 13 21.09 -22.07 12.00
C ARG E 13 20.60 -23.48 12.33
N GLU E 14 20.36 -23.76 13.61
CA GLU E 14 19.85 -25.06 14.01
C GLU E 14 18.46 -25.31 13.44
N ILE E 15 17.61 -24.28 13.45
CA ILE E 15 16.26 -24.42 12.88
C ILE E 15 16.36 -24.76 11.39
N ARG E 16 17.21 -24.03 10.67
CA ARG E 16 17.37 -24.27 9.24
C ARG E 16 17.89 -25.68 8.98
N ARG E 17 18.86 -26.13 9.78
CA ARG E 17 19.41 -27.47 9.57
C ARG E 17 18.38 -28.56 9.88
N TYR E 18 17.63 -28.40 10.96
CA TYR E 18 16.71 -29.45 11.39
C TYR E 18 15.38 -29.46 10.65
N GLN E 19 15.05 -28.38 9.93
CA GLN E 19 13.82 -28.36 9.16
C GLN E 19 13.96 -28.99 7.78
N LYS E 20 15.09 -29.63 7.50
CA LYS E 20 15.39 -30.18 6.18
C LYS E 20 15.93 -31.60 6.30
N SER E 21 15.25 -32.43 7.10
CA SER E 21 15.69 -33.81 7.30
C SER E 21 14.49 -34.66 7.66
N THR E 22 14.64 -35.98 7.52
CA THR E 22 13.59 -36.94 7.82
C THR E 22 14.09 -38.04 8.74
N GLU E 23 15.04 -37.71 9.62
CA GLU E 23 15.61 -38.69 10.53
C GLU E 23 14.68 -38.88 11.73
N LEU E 24 15.15 -39.61 12.75
CA LEU E 24 14.43 -39.80 13.99
C LEU E 24 15.21 -39.18 15.13
N LEU E 25 14.54 -38.38 15.95
CA LEU E 25 15.20 -37.58 16.97
C LEU E 25 15.35 -38.33 18.29
N ILE E 26 14.24 -38.87 18.82
CA ILE E 26 14.28 -39.55 20.10
C ILE E 26 15.04 -40.86 19.97
N ARG E 27 15.68 -41.28 21.06
CA ARG E 27 16.43 -42.53 21.05
C ARG E 27 15.48 -43.72 21.02
N LYS E 28 16.04 -44.89 20.74
CA LYS E 28 15.24 -46.10 20.52
C LYS E 28 15.05 -46.91 21.79
N LEU E 29 16.14 -47.32 22.44
CA LEU E 29 16.04 -48.21 23.59
C LEU E 29 15.26 -47.61 24.76
N PRO E 30 15.50 -46.37 25.20
CA PRO E 30 14.66 -45.83 26.28
C PRO E 30 13.19 -45.77 25.93
N PHE E 31 12.84 -45.42 24.69
CA PHE E 31 11.44 -45.38 24.29
C PHE E 31 10.83 -46.78 24.30
N GLN E 32 11.57 -47.77 23.82
CA GLN E 32 11.07 -49.14 23.84
C GLN E 32 10.84 -49.62 25.27
N ARG E 33 11.79 -49.32 26.17
CA ARG E 33 11.62 -49.71 27.57
C ARG E 33 10.42 -49.00 28.20
N LEU E 34 10.24 -47.71 27.89
CA LEU E 34 9.10 -46.98 28.43
C LEU E 34 7.78 -47.58 27.95
N VAL E 35 7.70 -47.95 26.67
CA VAL E 35 6.46 -48.53 26.14
C VAL E 35 6.21 -49.89 26.78
N ARG E 36 7.23 -50.73 26.87
CA ARG E 36 7.08 -52.05 27.46
C ARG E 36 6.79 -52.00 28.95
N GLU E 37 7.16 -50.91 29.64
CA GLU E 37 6.79 -50.74 31.03
C GLU E 37 5.38 -50.18 31.20
N ILE E 38 4.96 -49.27 30.32
CA ILE E 38 3.61 -48.73 30.39
C ILE E 38 2.59 -49.83 30.09
N ALA E 39 2.91 -50.71 29.15
CA ALA E 39 1.98 -51.78 28.80
C ALA E 39 1.78 -52.80 29.90
N GLN E 40 2.62 -52.77 30.96
CA GLN E 40 2.53 -53.77 32.01
C GLN E 40 1.31 -53.61 32.89
N ASP E 41 0.68 -52.44 32.91
CA ASP E 41 -0.40 -52.17 33.84
C ASP E 41 -1.72 -52.83 33.44
N PHE E 42 -1.88 -53.25 32.17
CA PHE E 42 -3.14 -53.80 31.71
C PHE E 42 -3.14 -55.33 31.63
N LYS E 43 -1.99 -55.95 31.46
CA LYS E 43 -1.90 -57.40 31.38
C LYS E 43 -0.54 -57.82 31.95
N THR E 44 -0.16 -59.08 31.69
CA THR E 44 1.10 -59.62 32.16
C THR E 44 1.79 -60.37 31.02
N ASP E 45 3.11 -60.50 31.15
CA ASP E 45 3.99 -61.24 30.24
C ASP E 45 3.69 -61.04 28.76
N LEU E 46 3.25 -59.83 28.40
CA LEU E 46 2.99 -59.51 27.00
C LEU E 46 4.26 -59.56 26.19
N ARG E 47 4.11 -59.83 24.89
CA ARG E 47 5.25 -60.00 23.99
C ARG E 47 5.00 -59.14 22.74
N PHE E 48 5.75 -58.05 22.63
CA PHE E 48 5.59 -57.15 21.49
C PHE E 48 6.34 -57.67 20.28
N GLN E 49 5.88 -57.25 19.10
CA GLN E 49 6.54 -57.56 17.85
C GLN E 49 7.68 -56.56 17.61
N SER E 50 8.27 -56.58 16.42
CA SER E 50 9.40 -55.73 16.08
C SER E 50 9.00 -54.56 15.20
N SER E 51 7.71 -54.27 15.05
CA SER E 51 7.25 -53.21 14.17
C SER E 51 6.28 -52.22 14.79
N ALA E 52 5.59 -52.58 15.88
CA ALA E 52 4.63 -51.65 16.48
C ALA E 52 5.34 -50.48 17.14
N VAL E 53 6.53 -50.71 17.70
CA VAL E 53 7.25 -49.65 18.40
C VAL E 53 7.57 -48.50 17.45
N MET E 54 7.97 -48.82 16.22
CA MET E 54 8.27 -47.77 15.25
C MET E 54 7.04 -46.93 14.93
N ALA E 55 5.88 -47.57 14.76
CA ALA E 55 4.66 -46.83 14.48
C ALA E 55 4.28 -45.92 15.65
N LEU E 56 4.40 -46.44 16.88
CA LEU E 56 4.13 -45.60 18.05
C LEU E 56 5.07 -44.40 18.10
N GLN E 57 6.35 -44.64 17.82
CA GLN E 57 7.34 -43.57 17.82
C GLN E 57 6.98 -42.49 16.80
N GLU E 58 6.62 -42.91 15.58
CA GLU E 58 6.29 -41.95 14.53
C GLU E 58 5.07 -41.13 14.91
N ALA E 59 4.01 -41.78 15.42
CA ALA E 59 2.81 -41.06 15.79
C ALA E 59 3.08 -40.07 16.92
N SER E 60 3.84 -40.49 17.93
CA SER E 60 4.17 -39.60 19.04
C SER E 60 4.96 -38.40 18.56
N GLU E 61 5.95 -38.62 17.69
CA GLU E 61 6.75 -37.50 17.19
C GLU E 61 5.90 -36.51 16.42
N ALA E 62 5.01 -37.00 15.55
CA ALA E 62 4.16 -36.10 14.78
C ALA E 62 3.25 -35.28 15.69
N TYR E 63 2.63 -35.95 16.68
CA TYR E 63 1.73 -35.24 17.59
C TYR E 63 2.47 -34.16 18.37
N LEU E 64 3.67 -34.47 18.88
CA LEU E 64 4.43 -33.49 19.63
C LEU E 64 4.83 -32.31 18.76
N VAL E 65 5.24 -32.58 17.52
CA VAL E 65 5.64 -31.49 16.63
C VAL E 65 4.46 -30.55 16.37
N ALA E 66 3.28 -31.12 16.09
CA ALA E 66 2.11 -30.28 15.85
C ALA E 66 1.76 -29.45 17.07
N LEU E 67 1.79 -30.06 18.26
CA LEU E 67 1.46 -29.33 19.47
C LEU E 67 2.44 -28.18 19.71
N PHE E 68 3.73 -28.43 19.48
CA PHE E 68 4.73 -27.38 19.68
C PHE E 68 4.54 -26.23 18.70
N GLU E 69 4.21 -26.54 17.44
CA GLU E 69 3.95 -25.47 16.48
C GLU E 69 2.76 -24.61 16.92
N ASP E 70 1.68 -25.25 17.35
CA ASP E 70 0.50 -24.50 17.78
C ASP E 70 0.81 -23.65 19.01
N THR E 71 1.57 -24.19 19.97
CA THR E 71 1.87 -23.42 21.16
C THR E 71 2.81 -22.26 20.85
N ASN E 72 3.70 -22.43 19.85
CA ASN E 72 4.53 -21.31 19.43
C ASN E 72 3.70 -20.19 18.83
N LEU E 73 2.73 -20.55 17.99
CA LEU E 73 1.84 -19.52 17.44
C LEU E 73 1.07 -18.80 18.55
N CYS E 74 0.53 -19.56 19.50
CA CYS E 74 -0.22 -18.94 20.59
C CYS E 74 0.67 -18.04 21.43
N ALA E 75 1.95 -18.41 21.59
CA ALA E 75 2.87 -17.58 22.36
C ALA E 75 3.20 -16.28 21.62
N ILE E 76 3.50 -16.37 20.32
CA ILE E 76 3.86 -15.17 19.59
C ILE E 76 2.67 -14.24 19.42
N HIS E 77 1.44 -14.77 19.58
CA HIS E 77 0.27 -13.91 19.53
C HIS E 77 0.36 -12.75 20.53
N ALA E 78 0.91 -13.00 21.72
CA ALA E 78 0.81 -12.06 22.84
C ALA E 78 2.06 -11.21 23.01
N LYS E 79 2.71 -10.81 21.92
CA LYS E 79 3.90 -9.95 21.94
C LYS E 79 4.99 -10.53 22.85
N ARG E 80 5.49 -11.69 22.46
CA ARG E 80 6.53 -12.36 23.21
C ARG E 80 7.25 -13.34 22.29
N VAL E 81 8.43 -13.79 22.73
CA VAL E 81 9.24 -14.71 21.95
C VAL E 81 9.64 -15.91 22.80
N THR E 82 8.88 -16.17 23.86
CA THR E 82 9.15 -17.28 24.76
C THR E 82 7.86 -18.02 25.06
N ILE E 83 7.97 -19.29 25.40
CA ILE E 83 6.82 -20.16 25.66
C ILE E 83 6.88 -20.62 27.12
N MET E 84 5.75 -20.54 27.80
CA MET E 84 5.55 -21.01 29.16
C MET E 84 4.29 -21.85 29.21
N PRO E 85 4.11 -22.66 30.26
CA PRO E 85 3.00 -23.63 30.26
C PRO E 85 1.62 -23.03 30.07
N LYS E 86 1.44 -21.73 30.31
CA LYS E 86 0.14 -21.11 30.07
C LYS E 86 -0.28 -21.25 28.60
N ASP E 87 0.67 -21.06 27.68
CA ASP E 87 0.36 -21.20 26.27
C ASP E 87 -0.06 -22.61 25.92
N ILE E 88 0.65 -23.61 26.46
CA ILE E 88 0.31 -25.00 26.19
C ILE E 88 -1.07 -25.32 26.72
N GLN E 89 -1.37 -24.88 27.95
CA GLN E 89 -2.68 -25.15 28.53
C GLN E 89 -3.79 -24.48 27.73
N LEU E 90 -3.58 -23.24 27.30
CA LEU E 90 -4.60 -22.54 26.53
C LEU E 90 -4.83 -23.21 25.18
N ALA E 91 -3.74 -23.63 24.52
CA ALA E 91 -3.89 -24.32 23.23
C ALA E 91 -4.64 -25.63 23.40
N ARG E 92 -4.32 -26.40 24.44
CA ARG E 92 -5.02 -27.66 24.68
C ARG E 92 -6.49 -27.41 24.97
N ARG E 93 -6.80 -26.37 25.75
CA ARG E 93 -8.20 -26.08 26.06
C ARG E 93 -8.97 -25.66 24.81
N ILE E 94 -8.38 -24.79 23.98
CA ILE E 94 -9.08 -24.27 22.81
C ILE E 94 -9.27 -25.38 21.78
N ARG E 95 -8.28 -26.26 21.61
CA ARG E 95 -8.38 -27.29 20.60
C ARG E 95 -9.57 -28.20 20.82
N GLY E 96 -9.82 -28.59 22.07
CA GLY E 96 -10.96 -29.43 22.38
C GLY E 96 -10.65 -30.59 23.28
N GLU E 97 -9.36 -30.80 23.57
CA GLU E 97 -8.93 -31.89 24.43
C GLU E 97 -9.31 -31.63 25.88
N ARG F 8 11.30 -48.73 39.24
CA ARG F 8 11.21 -48.83 37.78
C ARG F 8 10.77 -47.51 37.16
N ASP F 9 11.64 -46.51 37.24
CA ASP F 9 11.36 -45.20 36.67
C ASP F 9 11.95 -45.14 35.26
N ASN F 10 11.08 -45.11 34.26
CA ASN F 10 11.51 -45.06 32.87
C ASN F 10 11.08 -43.80 32.14
N ILE F 11 10.25 -42.94 32.77
CA ILE F 11 9.88 -41.69 32.14
C ILE F 11 11.06 -40.73 32.06
N GLN F 12 12.13 -41.00 32.80
CA GLN F 12 13.33 -40.18 32.74
C GLN F 12 14.19 -40.48 31.51
N GLY F 13 13.82 -41.47 30.70
CA GLY F 13 14.57 -41.75 29.49
C GLY F 13 14.56 -40.59 28.51
N ILE F 14 13.40 -39.96 28.35
CA ILE F 14 13.30 -38.76 27.52
C ILE F 14 14.02 -37.63 28.25
N THR F 15 15.13 -37.17 27.67
CA THR F 15 16.01 -36.22 28.35
C THR F 15 15.79 -34.81 27.81
N LYS F 16 16.63 -33.88 28.26
CA LYS F 16 16.45 -32.48 27.90
C LYS F 16 16.87 -32.17 26.47
N PRO F 17 18.07 -32.56 26.00
CA PRO F 17 18.43 -32.27 24.60
C PRO F 17 17.49 -32.91 23.60
N ALA F 18 16.90 -34.07 23.92
CA ALA F 18 15.92 -34.66 23.02
C ALA F 18 14.70 -33.77 22.87
N ILE F 19 14.22 -33.19 23.97
CA ILE F 19 13.09 -32.27 23.91
C ILE F 19 13.49 -31.01 23.14
N ARG F 20 14.72 -30.53 23.35
CA ARG F 20 15.17 -29.35 22.62
C ARG F 20 15.21 -29.62 21.11
N ARG F 21 15.71 -30.77 20.70
CA ARG F 21 15.75 -31.11 19.28
C ARG F 21 14.33 -31.27 18.72
N LEU F 22 13.44 -31.90 19.47
CA LEU F 22 12.07 -32.08 19.00
C LEU F 22 11.32 -30.76 18.91
N ALA F 23 11.69 -29.79 19.75
CA ALA F 23 11.00 -28.49 19.71
C ALA F 23 11.43 -27.66 18.51
N ARG F 24 12.69 -27.78 18.08
CA ARG F 24 13.19 -26.94 17.00
C ARG F 24 12.76 -27.47 15.64
N ARG F 25 11.45 -27.71 15.48
CA ARG F 25 10.88 -28.04 14.18
C ARG F 25 9.58 -27.30 13.92
N GLY F 26 9.09 -26.52 14.87
CA GLY F 26 7.93 -25.68 14.64
C GLY F 26 8.31 -24.24 14.44
N GLY F 27 9.49 -23.86 14.94
CA GLY F 27 9.99 -22.51 14.76
C GLY F 27 10.25 -21.77 16.04
N VAL F 28 10.27 -22.48 17.17
CA VAL F 28 10.53 -21.83 18.45
C VAL F 28 11.97 -21.33 18.50
N LYS F 29 12.17 -20.22 19.20
CA LYS F 29 13.49 -19.61 19.31
C LYS F 29 14.02 -19.52 20.73
N ARG F 30 13.15 -19.44 21.73
CA ARG F 30 13.55 -19.40 23.13
C ARG F 30 12.76 -20.42 23.91
N ILE F 31 13.41 -21.12 24.83
CA ILE F 31 12.80 -22.20 25.61
C ILE F 31 12.93 -21.84 27.08
N SER F 32 11.83 -21.93 27.81
CA SER F 32 11.80 -21.61 29.22
C SER F 32 12.31 -22.80 30.04
N GLY F 33 12.17 -22.73 31.35
CA GLY F 33 12.68 -23.74 32.25
C GLY F 33 11.67 -24.74 32.80
N LEU F 34 10.40 -24.63 32.44
CA LEU F 34 9.37 -25.51 32.98
C LEU F 34 8.61 -26.26 31.90
N ILE F 35 9.02 -26.16 30.63
CA ILE F 35 8.32 -26.84 29.55
C ILE F 35 8.49 -28.35 29.63
N TYR F 36 9.69 -28.79 30.03
CA TYR F 36 10.03 -30.22 29.97
C TYR F 36 9.09 -31.05 30.83
N GLU F 37 8.81 -30.60 32.06
CA GLU F 37 7.93 -31.35 32.94
C GLU F 37 6.53 -31.46 32.36
N GLU F 38 6.01 -30.38 31.80
CA GLU F 38 4.68 -30.40 31.19
C GLU F 38 4.62 -31.36 30.01
N THR F 39 5.66 -31.35 29.17
CA THR F 39 5.70 -32.26 28.02
C THR F 39 5.75 -33.71 28.48
N ARG F 40 6.57 -34.00 29.49
CA ARG F 40 6.65 -35.36 30.01
C ARG F 40 5.32 -35.81 30.58
N GLY F 41 4.61 -34.91 31.27
CA GLY F 41 3.29 -35.25 31.77
C GLY F 41 2.28 -35.46 30.65
N VAL F 42 2.40 -34.70 29.57
CA VAL F 42 1.44 -34.79 28.47
C VAL F 42 1.60 -36.12 27.72
N LEU F 43 2.85 -36.54 27.49
CA LEU F 43 3.09 -37.71 26.64
C LEU F 43 2.43 -38.97 27.17
N LYS F 44 2.42 -39.13 28.50
CA LYS F 44 1.94 -40.37 29.11
C LYS F 44 0.47 -40.62 28.81
N VAL F 45 -0.34 -39.56 28.80
CA VAL F 45 -1.77 -39.71 28.57
C VAL F 45 -2.03 -40.29 27.18
N PHE F 46 -1.36 -39.73 26.17
CA PHE F 46 -1.53 -40.23 24.80
C PHE F 46 -1.04 -41.67 24.68
N LEU F 47 0.11 -41.97 25.28
CA LEU F 47 0.64 -43.32 25.19
C LEU F 47 -0.33 -44.33 25.82
N GLU F 48 -0.86 -44.00 27.00
CA GLU F 48 -1.80 -44.89 27.66
C GLU F 48 -3.08 -45.06 26.84
N ASN F 49 -3.59 -43.96 26.28
CA ASN F 49 -4.83 -44.02 25.51
C ASN F 49 -4.67 -44.94 24.30
N VAL F 50 -3.54 -44.87 23.61
CA VAL F 50 -3.34 -45.76 22.48
C VAL F 50 -3.14 -47.20 22.94
N ILE F 51 -2.34 -47.40 23.99
CA ILE F 51 -1.94 -48.74 24.39
C ILE F 51 -3.12 -49.54 24.91
N ARG F 52 -4.03 -48.89 25.64
CA ARG F 52 -5.19 -49.62 26.18
C ARG F 52 -6.04 -50.22 25.07
N ASP F 53 -6.35 -49.41 24.05
CA ASP F 53 -7.14 -49.92 22.93
C ASP F 53 -6.39 -50.98 22.15
N ALA F 54 -5.08 -50.80 21.96
CA ALA F 54 -4.31 -51.83 21.26
C ALA F 54 -4.36 -53.16 22.02
N VAL F 55 -4.21 -53.11 23.34
CA VAL F 55 -4.23 -54.33 24.14
C VAL F 55 -5.61 -54.98 24.11
N THR F 56 -6.68 -54.18 24.14
CA THR F 56 -8.02 -54.74 24.06
C THR F 56 -8.23 -55.43 22.71
N TYR F 57 -7.79 -54.80 21.62
CA TYR F 57 -7.92 -55.42 20.30
C TYR F 57 -7.14 -56.73 20.23
N THR F 58 -5.92 -56.75 20.78
CA THR F 58 -5.15 -57.98 20.78
C THR F 58 -5.83 -59.06 21.61
N GLU F 59 -6.38 -58.69 22.77
CA GLU F 59 -6.99 -59.66 23.67
C GLU F 59 -8.21 -60.29 23.02
N HIS F 60 -9.03 -59.50 22.32
CA HIS F 60 -10.26 -60.04 21.77
C HIS F 60 -10.02 -61.19 20.81
N ALA F 61 -8.86 -61.22 20.15
CA ALA F 61 -8.57 -62.25 19.17
C ALA F 61 -7.92 -63.50 19.76
N LYS F 62 -7.76 -63.55 21.08
CA LYS F 62 -7.18 -64.69 21.78
C LYS F 62 -5.75 -64.96 21.31
N ARG F 63 -4.89 -63.96 21.52
CA ARG F 63 -3.49 -64.05 21.17
C ARG F 63 -2.65 -63.45 22.29
N LYS F 64 -1.39 -63.84 22.34
CA LYS F 64 -0.46 -63.38 23.36
C LYS F 64 0.68 -62.55 22.77
N THR F 65 0.41 -61.83 21.68
CA THR F 65 1.38 -60.93 21.09
C THR F 65 0.65 -59.79 20.41
N VAL F 66 1.34 -58.67 20.27
CA VAL F 66 0.77 -57.46 19.66
C VAL F 66 1.32 -57.33 18.25
N THR F 67 0.43 -57.36 17.27
CA THR F 67 0.81 -57.14 15.89
C THR F 67 0.88 -55.65 15.61
N ALA F 68 1.68 -55.30 14.60
CA ALA F 68 1.77 -53.90 14.16
C ALA F 68 0.48 -53.41 13.53
N MET F 69 -0.45 -54.31 13.22
CA MET F 69 -1.68 -53.95 12.54
C MET F 69 -2.71 -53.43 13.53
N ASP F 70 -2.74 -54.02 14.73
CA ASP F 70 -3.68 -53.59 15.76
C ASP F 70 -3.43 -52.15 16.16
N VAL F 71 -2.17 -51.73 16.18
CA VAL F 71 -1.84 -50.33 16.48
C VAL F 71 -2.41 -49.41 15.42
N VAL F 72 -2.37 -49.81 14.14
CA VAL F 72 -2.93 -48.99 13.08
C VAL F 72 -4.42 -48.80 13.26
N TYR F 73 -5.14 -49.90 13.52
CA TYR F 73 -6.59 -49.75 13.77
C TYR F 73 -6.90 -49.18 15.15
N ALA F 74 -5.93 -49.15 16.05
CA ALA F 74 -6.11 -48.42 17.30
C ALA F 74 -6.01 -46.91 17.07
N LEU F 75 -5.07 -46.50 16.21
CA LEU F 75 -4.93 -45.09 15.87
C LEU F 75 -6.07 -44.60 14.99
N LYS F 76 -6.61 -45.46 14.13
CA LYS F 76 -7.64 -45.04 13.20
C LYS F 76 -8.91 -44.59 13.91
N ARG F 77 -9.30 -45.26 14.99
CA ARG F 77 -10.55 -44.94 15.66
C ARG F 77 -10.56 -43.52 16.20
N GLN F 78 -9.45 -43.09 16.80
CA GLN F 78 -9.39 -41.75 17.40
C GLN F 78 -9.51 -40.66 16.35
N GLY F 79 -8.95 -40.88 15.15
CA GLY F 79 -9.04 -39.90 14.10
C GLY F 79 -7.70 -39.50 13.51
N ARG F 80 -6.68 -40.33 13.73
CA ARG F 80 -5.33 -40.10 13.21
C ARG F 80 -4.90 -41.35 12.44
N THR F 81 -5.11 -41.32 11.12
CA THR F 81 -4.71 -42.44 10.27
C THR F 81 -3.19 -42.44 10.09
N LEU F 82 -2.67 -43.58 9.66
CA LEU F 82 -1.23 -43.76 9.48
C LEU F 82 -0.99 -44.62 8.24
N TYR F 83 -0.59 -43.98 7.15
CA TYR F 83 -0.23 -44.70 5.94
C TYR F 83 1.19 -45.23 6.02
N GLY F 84 1.41 -46.43 5.50
CA GLY F 84 2.77 -46.95 5.39
C GLY F 84 2.98 -48.35 5.90
N PHE F 85 2.27 -48.74 6.95
CA PHE F 85 2.46 -50.04 7.58
C PHE F 85 1.41 -51.06 7.17
N GLY F 86 0.57 -50.74 6.19
CA GLY F 86 -0.45 -51.66 5.73
C GLY F 86 -1.67 -50.98 5.16
N LYS G 4 -49.75 -71.80 25.62
CA LYS G 4 -49.90 -70.37 25.78
C LYS G 4 -48.61 -69.65 25.40
N ALA G 5 -48.72 -68.66 24.51
CA ALA G 5 -47.57 -67.91 24.05
C ALA G 5 -47.08 -66.95 25.13
N LYS G 6 -45.76 -66.90 25.30
CA LYS G 6 -45.13 -65.99 26.25
C LYS G 6 -44.07 -65.18 25.52
N THR G 7 -44.09 -63.87 25.71
CA THR G 7 -43.11 -63.00 25.06
C THR G 7 -41.72 -63.25 25.61
N ARG G 8 -40.71 -63.13 24.73
CA ARG G 8 -39.34 -63.33 25.15
C ARG G 8 -38.86 -62.26 26.12
N SER G 9 -39.46 -61.07 26.09
CA SER G 9 -39.08 -60.03 27.03
C SER G 9 -39.44 -60.43 28.46
N SER G 10 -40.57 -61.11 28.65
CA SER G 10 -40.96 -61.56 29.98
C SER G 10 -39.96 -62.57 30.54
N ARG G 11 -39.46 -63.47 29.70
CA ARG G 11 -38.53 -64.50 30.16
C ARG G 11 -37.24 -63.88 30.67
N ALA G 12 -36.72 -62.86 29.98
CA ALA G 12 -35.47 -62.23 30.38
C ALA G 12 -35.67 -61.17 31.46
N GLY G 13 -36.90 -60.86 31.84
CA GLY G 13 -37.14 -59.85 32.86
C GLY G 13 -36.73 -58.46 32.45
N LEU G 14 -37.03 -58.06 31.22
CA LEU G 14 -36.68 -56.75 30.71
C LEU G 14 -37.92 -56.04 30.20
N GLN G 15 -37.95 -54.71 30.35
CA GLN G 15 -39.06 -53.89 29.90
C GLN G 15 -38.96 -53.51 28.43
N PHE G 16 -37.80 -53.74 27.79
CA PHE G 16 -37.61 -53.37 26.40
C PHE G 16 -37.92 -54.56 25.48
N PRO G 17 -38.37 -54.29 24.26
CA PRO G 17 -38.70 -55.39 23.35
C PRO G 17 -37.46 -56.13 22.88
N VAL G 18 -37.65 -57.40 22.51
CA VAL G 18 -36.58 -58.26 22.06
C VAL G 18 -36.72 -58.59 20.58
N GLY G 19 -37.93 -58.90 20.12
CA GLY G 19 -38.11 -59.28 18.73
C GLY G 19 -37.81 -58.15 17.76
N ARG G 20 -38.22 -56.92 18.11
CA ARG G 20 -37.99 -55.78 17.22
C ARG G 20 -36.49 -55.54 17.01
N VAL G 21 -35.71 -55.64 18.08
CA VAL G 21 -34.26 -55.45 17.96
C VAL G 21 -33.65 -56.52 17.07
N HIS G 22 -34.09 -57.77 17.24
CA HIS G 22 -33.58 -58.85 16.40
C HIS G 22 -33.92 -58.62 14.93
N ARG G 23 -35.16 -58.22 14.65
CA ARG G 23 -35.55 -57.95 13.26
C ARG G 23 -34.75 -56.81 12.67
N LEU G 24 -34.55 -55.74 13.44
CA LEU G 24 -33.77 -54.60 12.94
C LEU G 24 -32.33 -55.00 12.69
N LEU G 25 -31.75 -55.83 13.56
CA LEU G 25 -30.38 -56.30 13.35
C LEU G 25 -30.28 -57.16 12.09
N ARG G 26 -31.27 -58.03 11.87
CA ARG G 26 -31.21 -58.93 10.72
C ARG G 26 -31.42 -58.18 9.41
N LYS G 27 -32.37 -57.25 9.37
CA LYS G 27 -32.72 -56.56 8.13
C LYS G 27 -31.84 -55.35 7.84
N GLY G 28 -30.91 -55.01 8.73
CA GLY G 28 -30.08 -53.85 8.53
C GLY G 28 -28.77 -54.16 7.85
N ASN G 29 -28.66 -55.35 7.27
CA ASN G 29 -27.50 -55.86 6.54
C ASN G 29 -26.17 -55.59 7.26
N TYR G 30 -26.20 -55.55 8.59
CA TYR G 30 -24.96 -55.35 9.34
C TYR G 30 -24.04 -56.56 9.20
N ALA G 31 -24.61 -57.76 9.18
CA ALA G 31 -23.85 -58.99 8.99
C ALA G 31 -24.74 -59.97 8.24
N GLU G 32 -24.26 -61.21 8.09
CA GLU G 32 -24.99 -62.20 7.33
C GLU G 32 -25.66 -63.25 8.22
N ARG G 33 -25.10 -63.51 9.40
CA ARG G 33 -25.75 -64.32 10.41
C ARG G 33 -25.80 -63.56 11.73
N VAL G 34 -26.85 -63.82 12.51
CA VAL G 34 -27.04 -63.20 13.82
C VAL G 34 -27.26 -64.30 14.85
N GLY G 35 -26.51 -64.24 15.95
CA GLY G 35 -26.63 -65.26 16.96
C GLY G 35 -27.95 -65.20 17.71
N ALA G 36 -28.26 -66.31 18.39
CA ALA G 36 -29.54 -66.40 19.09
C ALA G 36 -29.58 -65.47 20.30
N GLY G 37 -28.48 -65.34 21.03
CA GLY G 37 -28.44 -64.56 22.24
C GLY G 37 -28.03 -63.12 22.09
N ALA G 38 -27.87 -62.63 20.86
CA ALA G 38 -27.42 -61.25 20.66
C ALA G 38 -28.38 -60.19 21.18
N PRO G 39 -29.68 -60.22 20.88
CA PRO G 39 -30.53 -59.06 21.22
C PRO G 39 -30.64 -58.76 22.71
N VAL G 40 -30.49 -59.76 23.57
CA VAL G 40 -30.71 -59.55 25.00
C VAL G 40 -29.70 -58.58 25.58
N TYR G 41 -28.43 -58.72 25.17
CA TYR G 41 -27.38 -57.81 25.65
C TYR G 41 -27.69 -56.37 25.28
N LEU G 42 -28.04 -56.14 24.02
CA LEU G 42 -28.34 -54.78 23.56
C LEU G 42 -29.56 -54.22 24.29
N ALA G 43 -30.60 -55.03 24.46
CA ALA G 43 -31.78 -54.56 25.16
C ALA G 43 -31.46 -54.14 26.59
N ALA G 44 -30.68 -54.98 27.30
CA ALA G 44 -30.32 -54.65 28.68
C ALA G 44 -29.49 -53.37 28.75
N VAL G 45 -28.52 -53.23 27.85
CA VAL G 45 -27.67 -52.03 27.87
C VAL G 45 -28.49 -50.78 27.61
N LEU G 46 -29.37 -50.82 26.60
CA LEU G 46 -30.19 -49.66 26.29
C LEU G 46 -31.12 -49.30 27.45
N GLU G 47 -31.73 -50.32 28.07
CA GLU G 47 -32.61 -50.06 29.21
C GLU G 47 -31.83 -49.41 30.36
N TYR G 48 -30.63 -49.91 30.65
CA TYR G 48 -29.84 -49.33 31.72
C TYR G 48 -29.48 -47.89 31.43
N LEU G 49 -29.07 -47.58 30.20
CA LEU G 49 -28.71 -46.21 29.85
C LEU G 49 -29.92 -45.28 29.97
N THR G 50 -31.08 -45.72 29.48
CA THR G 50 -32.26 -44.88 29.56
C THR G 50 -32.66 -44.61 31.00
N ALA G 51 -32.62 -45.65 31.84
CA ALA G 51 -32.94 -45.44 33.26
C ALA G 51 -31.96 -44.49 33.92
N GLU G 52 -30.67 -44.63 33.60
CA GLU G 52 -29.65 -43.75 34.19
C GLU G 52 -29.90 -42.30 33.81
N ILE G 53 -30.23 -42.03 32.55
CA ILE G 53 -30.52 -40.66 32.15
C ILE G 53 -31.78 -40.15 32.83
N LEU G 54 -32.83 -40.97 32.86
CA LEU G 54 -34.13 -40.50 33.35
C LEU G 54 -34.10 -40.20 34.84
N GLU G 55 -33.33 -40.97 35.61
CA GLU G 55 -33.25 -40.70 37.05
C GLU G 55 -32.72 -39.30 37.32
N LEU G 56 -31.60 -38.95 36.69
CA LEU G 56 -31.03 -37.62 36.87
C LEU G 56 -31.95 -36.54 36.31
N ALA G 57 -32.61 -36.82 35.18
CA ALA G 57 -33.53 -35.84 34.61
C ALA G 57 -34.65 -35.51 35.60
N GLY G 58 -35.27 -36.54 36.18
CA GLY G 58 -36.33 -36.30 37.14
C GLY G 58 -35.84 -35.62 38.40
N ASN G 59 -34.65 -36.01 38.88
CA ASN G 59 -34.10 -35.38 40.07
C ASN G 59 -33.85 -33.90 39.85
N ALA G 60 -33.33 -33.53 38.67
CA ALA G 60 -33.14 -32.12 38.36
C ALA G 60 -34.48 -31.40 38.21
N ALA G 61 -35.46 -32.05 37.60
CA ALA G 61 -36.75 -31.41 37.37
C ALA G 61 -37.50 -31.16 38.67
N ARG G 62 -37.26 -31.99 39.69
CA ARG G 62 -37.96 -31.83 40.96
C ARG G 62 -37.63 -30.51 41.66
N ASP G 63 -36.47 -29.91 41.34
CA ASP G 63 -36.01 -28.74 42.08
C ASP G 63 -36.95 -27.55 41.89
N ASN G 64 -37.41 -27.32 40.66
CA ASN G 64 -38.09 -26.08 40.30
C ASN G 64 -39.56 -26.06 40.71
N LYS G 65 -39.97 -26.88 41.67
CA LYS G 65 -41.36 -26.95 42.13
C LYS G 65 -42.32 -27.18 40.97
N LYS G 66 -41.92 -28.07 40.05
CA LYS G 66 -42.72 -28.41 38.89
C LYS G 66 -42.88 -29.92 38.82
N THR G 67 -43.75 -30.37 37.91
CA THR G 67 -44.06 -31.78 37.75
C THR G 67 -43.60 -32.33 36.41
N ARG G 68 -43.96 -31.68 35.31
CA ARG G 68 -43.58 -32.16 33.99
C ARG G 68 -42.11 -31.85 33.72
N ILE G 69 -41.61 -32.40 32.62
CA ILE G 69 -40.21 -32.31 32.24
C ILE G 69 -40.10 -31.57 30.92
N ILE G 70 -39.21 -30.59 30.86
CA ILE G 70 -38.99 -29.80 29.65
C ILE G 70 -37.51 -29.94 29.28
N PRO G 71 -37.17 -29.66 28.01
CA PRO G 71 -35.78 -29.92 27.57
C PRO G 71 -34.71 -29.18 28.36
N ARG G 72 -35.05 -28.05 29.00
CA ARG G 72 -34.07 -27.36 29.81
C ARG G 72 -33.59 -28.26 30.96
N HIS G 73 -34.50 -29.00 31.59
CA HIS G 73 -34.12 -29.91 32.64
C HIS G 73 -33.20 -31.01 32.11
N LEU G 74 -33.48 -31.53 30.92
CA LEU G 74 -32.63 -32.54 30.33
C LEU G 74 -31.24 -32.01 30.06
N GLN G 75 -31.13 -30.78 29.53
CA GLN G 75 -29.83 -30.18 29.30
C GLN G 75 -29.07 -29.97 30.62
N LEU G 76 -29.77 -29.52 31.65
CA LEU G 76 -29.14 -29.32 32.95
C LEU G 76 -28.61 -30.64 33.51
N ALA G 77 -29.41 -31.72 33.38
CA ALA G 77 -28.97 -33.01 33.90
C ALA G 77 -27.80 -33.57 33.11
N VAL G 78 -27.82 -33.41 31.79
CA VAL G 78 -26.76 -33.98 30.96
C VAL G 78 -25.44 -33.24 31.17
N ARG G 79 -25.50 -31.90 31.18
CA ARG G 79 -24.26 -31.13 31.24
C ARG G 79 -23.61 -31.22 32.62
N ASN G 80 -24.40 -31.37 33.68
CA ASN G 80 -23.84 -31.32 35.03
C ASN G 80 -23.06 -32.57 35.40
N ASP G 81 -23.21 -33.65 34.65
CA ASP G 81 -22.50 -34.90 34.96
C ASP G 81 -21.20 -34.98 34.16
N GLU G 82 -20.27 -35.79 34.68
CA GLU G 82 -18.95 -35.88 34.08
C GLU G 82 -18.92 -36.85 32.90
N GLU G 83 -19.21 -38.13 33.15
CA GLU G 83 -19.10 -39.15 32.11
C GLU G 83 -20.13 -38.93 31.00
N LEU G 84 -21.35 -38.55 31.38
CA LEU G 84 -22.38 -38.30 30.38
C LEU G 84 -22.02 -37.11 29.50
N ASN G 85 -21.28 -36.14 30.04
CA ASN G 85 -20.77 -35.06 29.21
C ASN G 85 -19.79 -35.57 28.17
N LYS G 86 -18.91 -36.50 28.57
CA LYS G 86 -17.97 -37.09 27.63
C LYS G 86 -18.70 -37.88 26.54
N LEU G 87 -19.73 -38.64 26.94
CA LEU G 87 -20.46 -39.43 25.96
C LEU G 87 -21.21 -38.56 24.97
N LEU G 88 -21.84 -37.49 25.45
CA LEU G 88 -22.67 -36.62 24.61
C LEU G 88 -22.09 -35.22 24.52
N GLY G 89 -20.79 -35.12 24.31
CA GLY G 89 -20.14 -33.82 24.13
C GLY G 89 -20.04 -33.46 22.67
N ARG G 90 -20.89 -34.08 21.85
CA ARG G 90 -20.77 -33.93 20.40
C ARG G 90 -22.17 -33.78 19.79
N VAL G 91 -23.12 -33.28 20.60
CA VAL G 91 -24.52 -33.23 20.20
C VAL G 91 -25.14 -31.94 20.72
N THR G 92 -25.96 -31.31 19.90
CA THR G 92 -26.69 -30.09 20.27
C THR G 92 -28.16 -30.44 20.52
N ILE G 93 -28.68 -29.98 21.65
CA ILE G 93 -30.07 -30.21 22.02
C ILE G 93 -30.87 -28.94 21.78
N ALA G 94 -31.99 -29.08 21.07
CA ALA G 94 -32.83 -27.93 20.78
C ALA G 94 -33.49 -27.39 22.04
N GLN G 95 -33.49 -26.06 22.18
CA GLN G 95 -34.10 -25.37 23.32
C GLN G 95 -33.49 -25.88 24.64
N GLY G 96 -32.18 -25.67 24.77
CA GLY G 96 -31.46 -26.19 25.92
C GLY G 96 -30.87 -25.14 26.84
N GLY G 97 -30.49 -23.99 26.28
CA GLY G 97 -29.86 -22.97 27.08
C GLY G 97 -28.37 -23.21 27.24
N VAL G 98 -27.80 -22.48 28.20
CA VAL G 98 -26.36 -22.52 28.46
C VAL G 98 -26.14 -22.53 29.97
N LEU G 99 -25.18 -23.35 30.41
CA LEU G 99 -24.85 -23.42 31.83
C LEU G 99 -24.33 -22.07 32.31
N PRO G 100 -24.79 -21.57 33.46
CA PRO G 100 -24.35 -20.24 33.92
C PRO G 100 -22.91 -20.26 34.41
N ASN G 101 -22.11 -19.30 33.93
CA ASN G 101 -20.74 -19.13 34.39
C ASN G 101 -20.19 -17.77 33.99
N ILE G 102 -19.58 -17.07 34.94
CA ILE G 102 -18.97 -15.76 34.70
C ILE G 102 -17.52 -15.82 35.18
N GLN G 103 -16.61 -15.30 34.36
CA GLN G 103 -15.20 -15.28 34.73
C GLN G 103 -14.98 -14.39 35.95
N SER G 104 -14.02 -14.79 36.77
CA SER G 104 -13.76 -14.08 38.02
C SER G 104 -13.07 -12.74 37.79
N VAL G 105 -12.41 -12.55 36.65
CA VAL G 105 -11.70 -11.30 36.40
C VAL G 105 -12.70 -10.16 36.16
N LEU G 106 -13.75 -10.43 35.40
CA LEU G 106 -14.70 -9.38 35.01
C LEU G 106 -15.54 -8.86 36.17
N LEU G 107 -15.54 -9.54 37.30
CA LEU G 107 -16.36 -9.11 38.42
C LEU G 107 -15.88 -7.76 38.95
N PRO G 108 -16.77 -6.88 39.39
CA PRO G 108 -16.36 -5.54 39.83
C PRO G 108 -15.72 -5.56 41.20
N LYS G 109 -14.66 -4.77 41.34
CA LYS G 109 -13.98 -4.62 42.62
C LYS G 109 -13.10 -3.37 42.62
N LYS H 3 -53.87 -44.01 7.23
CA LYS H 3 -52.66 -43.77 6.46
C LYS H 3 -51.73 -44.98 6.51
N THR H 4 -50.52 -44.76 7.04
CA THR H 4 -49.52 -45.81 7.15
C THR H 4 -48.99 -45.87 8.57
N ARG H 5 -48.49 -47.04 8.95
CA ARG H 5 -47.96 -47.26 10.29
C ARG H 5 -46.53 -46.77 10.39
N LYS H 6 -46.24 -46.06 11.48
CA LYS H 6 -44.88 -45.64 11.82
C LYS H 6 -44.57 -46.11 13.23
N GLU H 7 -43.43 -46.76 13.41
CA GLU H 7 -43.07 -47.39 14.66
C GLU H 7 -41.98 -46.59 15.37
N SER H 8 -42.14 -46.40 16.67
CA SER H 8 -41.17 -45.69 17.48
C SER H 8 -41.33 -46.12 18.93
N TYR H 9 -40.28 -45.90 19.72
CA TYR H 9 -40.29 -46.22 21.15
C TYR H 9 -41.04 -45.11 21.87
N ALA H 10 -42.30 -45.38 22.22
CA ALA H 10 -43.14 -44.39 22.90
C ALA H 10 -43.82 -44.92 24.15
N ILE H 11 -43.88 -46.23 24.37
CA ILE H 11 -44.48 -46.78 25.56
C ILE H 11 -43.45 -47.41 26.50
N TYR H 12 -42.32 -47.90 25.97
CA TYR H 12 -41.31 -48.50 26.82
C TYR H 12 -40.63 -47.46 27.70
N VAL H 13 -40.38 -46.27 27.15
CA VAL H 13 -39.79 -45.19 27.94
C VAL H 13 -40.72 -44.79 29.07
N TYR H 14 -42.02 -44.68 28.78
CA TYR H 14 -42.99 -44.36 29.83
C TYR H 14 -43.06 -45.46 30.88
N LYS H 15 -43.00 -46.73 30.45
CA LYS H 15 -43.01 -47.83 31.40
C LYS H 15 -41.79 -47.76 32.32
N VAL H 16 -40.62 -47.46 31.76
CA VAL H 16 -39.42 -47.33 32.57
C VAL H 16 -39.55 -46.16 33.54
N LEU H 17 -40.08 -45.03 33.07
CA LEU H 17 -40.23 -43.86 33.92
C LEU H 17 -41.20 -44.12 35.07
N LYS H 18 -42.24 -44.92 34.83
CA LYS H 18 -43.20 -45.24 35.89
C LYS H 18 -42.61 -46.10 37.00
N GLN H 19 -41.33 -46.47 36.90
CA GLN H 19 -40.67 -47.29 37.92
C GLN H 19 -39.74 -46.48 38.81
N VAL H 20 -38.85 -45.68 38.22
CA VAL H 20 -37.91 -44.91 39.02
C VAL H 20 -38.65 -43.82 39.80
N HIS H 21 -39.54 -43.09 39.14
CA HIS H 21 -40.31 -42.02 39.77
C HIS H 21 -41.78 -42.22 39.44
N PRO H 22 -42.62 -42.59 40.40
CA PRO H 22 -44.02 -42.90 40.12
C PRO H 22 -44.96 -41.69 40.12
N ASP H 23 -44.45 -40.47 40.27
CA ASP H 23 -45.30 -39.29 40.37
C ASP H 23 -44.78 -38.17 39.48
N THR H 24 -44.43 -38.49 38.23
CA THR H 24 -43.89 -37.49 37.32
C THR H 24 -44.24 -37.86 35.89
N GLY H 25 -44.76 -36.88 35.15
CA GLY H 25 -45.07 -37.05 33.75
C GLY H 25 -44.01 -36.44 32.84
N ILE H 26 -44.25 -36.58 31.54
CA ILE H 26 -43.34 -36.10 30.51
C ILE H 26 -44.12 -35.38 29.43
N SER H 27 -43.42 -34.55 28.67
CA SER H 27 -44.01 -33.77 27.59
C SER H 27 -43.67 -34.39 26.24
N SER H 28 -44.19 -33.78 25.17
CA SER H 28 -44.03 -34.34 23.84
C SER H 28 -42.61 -34.15 23.32
N LYS H 29 -42.04 -32.95 23.49
CA LYS H 29 -40.71 -32.69 22.93
C LYS H 29 -39.64 -33.51 23.65
N ALA H 30 -39.77 -33.66 24.97
CA ALA H 30 -38.84 -34.52 25.71
C ALA H 30 -38.96 -35.96 25.24
N MET H 31 -40.18 -36.42 24.97
CA MET H 31 -40.37 -37.77 24.45
C MET H 31 -39.71 -37.93 23.10
N SER H 32 -39.82 -36.92 22.22
CA SER H 32 -39.17 -36.99 20.92
C SER H 32 -37.65 -37.03 21.07
N ILE H 33 -37.10 -36.22 21.97
CA ILE H 33 -35.66 -36.21 22.19
C ILE H 33 -35.19 -37.57 22.69
N MET H 34 -35.92 -38.15 23.64
CA MET H 34 -35.54 -39.46 24.17
C MET H 34 -35.66 -40.54 23.11
N ASN H 35 -36.68 -40.47 22.25
CA ASN H 35 -36.82 -41.45 21.18
C ASN H 35 -35.67 -41.33 20.19
N SER H 36 -35.24 -40.11 19.88
CA SER H 36 -34.13 -39.93 18.95
C SER H 36 -32.79 -40.27 19.58
N PHE H 37 -32.68 -40.27 20.90
CA PHE H 37 -31.41 -40.56 21.55
C PHE H 37 -31.00 -42.01 21.38
N VAL H 38 -31.96 -42.95 21.42
CA VAL H 38 -31.64 -44.37 21.46
C VAL H 38 -31.01 -44.82 20.13
N ASN H 39 -31.50 -44.29 19.02
CA ASN H 39 -31.06 -44.77 17.70
C ASN H 39 -29.58 -44.54 17.49
N ASP H 40 -29.04 -43.42 17.99
CA ASP H 40 -27.63 -43.13 17.81
C ASP H 40 -26.76 -44.20 18.46
N VAL H 41 -27.05 -44.52 19.73
CA VAL H 41 -26.28 -45.54 20.44
C VAL H 41 -26.44 -46.89 19.77
N PHE H 42 -27.67 -47.22 19.36
CA PHE H 42 -27.90 -48.51 18.72
C PHE H 42 -27.09 -48.64 17.43
N GLU H 43 -27.11 -47.60 16.60
CA GLU H 43 -26.38 -47.64 15.35
C GLU H 43 -24.87 -47.74 15.60
N ARG H 44 -24.36 -46.96 16.56
CA ARG H 44 -22.93 -47.01 16.85
C ARG H 44 -22.50 -48.40 17.28
N ILE H 45 -23.24 -49.01 18.21
CA ILE H 45 -22.85 -50.32 18.73
C ILE H 45 -22.96 -51.37 17.63
N ALA H 46 -24.04 -51.34 16.84
CA ALA H 46 -24.20 -52.32 15.78
C ALA H 46 -23.09 -52.21 14.75
N GLY H 47 -22.72 -50.98 14.37
CA GLY H 47 -21.65 -50.81 13.40
C GLY H 47 -20.31 -51.29 13.92
N GLU H 48 -19.99 -50.96 15.17
CA GLU H 48 -18.73 -51.44 15.76
C GLU H 48 -18.71 -52.96 15.81
N ALA H 49 -19.83 -53.58 16.20
CA ALA H 49 -19.88 -55.03 16.26
C ALA H 49 -19.70 -55.67 14.89
N SER H 50 -20.36 -55.12 13.87
CA SER H 50 -20.20 -55.65 12.52
C SER H 50 -18.76 -55.51 12.04
N ARG H 51 -18.15 -54.37 12.31
CA ARG H 51 -16.76 -54.16 11.91
C ARG H 51 -15.85 -55.19 12.56
N LEU H 52 -15.97 -55.35 13.89
CA LEU H 52 -15.12 -56.31 14.60
C LEU H 52 -15.35 -57.74 14.12
N ALA H 53 -16.61 -58.10 13.84
CA ALA H 53 -16.90 -59.43 13.34
C ALA H 53 -16.26 -59.66 11.98
N HIS H 54 -16.27 -58.64 11.12
CA HIS H 54 -15.65 -58.77 9.80
C HIS H 54 -14.14 -58.84 9.89
N TYR H 55 -13.55 -58.25 10.93
CA TYR H 55 -12.09 -58.16 11.01
C TYR H 55 -11.41 -59.52 11.08
N ASN H 56 -11.94 -60.44 11.88
CA ASN H 56 -11.27 -61.69 12.17
C ASN H 56 -11.53 -62.77 11.13
N LYS H 57 -11.92 -62.38 9.91
CA LYS H 57 -12.20 -63.33 8.82
C LYS H 57 -13.25 -64.36 9.24
N ARG H 58 -14.32 -63.85 9.85
CA ARG H 58 -15.43 -64.66 10.30
C ARG H 58 -16.72 -63.99 9.88
N SER H 59 -17.78 -64.79 9.73
CA SER H 59 -19.10 -64.29 9.34
C SER H 59 -20.12 -64.81 10.35
N THR H 60 -20.25 -64.10 11.47
CA THR H 60 -21.22 -64.37 12.52
C THR H 60 -21.17 -63.20 13.51
N ILE H 61 -22.29 -62.90 14.13
CA ILE H 61 -22.36 -61.92 15.21
C ILE H 61 -22.90 -62.64 16.45
N THR H 62 -22.15 -62.56 17.55
CA THR H 62 -22.57 -63.22 18.78
C THR H 62 -22.36 -62.31 19.99
N SER H 63 -22.48 -62.87 21.19
CA SER H 63 -22.46 -62.05 22.40
C SER H 63 -21.09 -61.42 22.64
N ARG H 64 -20.01 -62.15 22.32
CA ARG H 64 -18.67 -61.65 22.62
C ARG H 64 -18.35 -60.37 21.86
N GLU H 65 -18.76 -60.30 20.59
CA GLU H 65 -18.51 -59.10 19.81
C GLU H 65 -19.24 -57.90 20.40
N ILE H 66 -20.49 -58.09 20.81
CA ILE H 66 -21.25 -57.00 21.41
C ILE H 66 -20.62 -56.57 22.73
N GLN H 67 -20.16 -57.52 23.52
CA GLN H 67 -19.50 -57.19 24.78
C GLN H 67 -18.23 -56.38 24.55
N THR H 68 -17.42 -56.79 23.57
CA THR H 68 -16.19 -56.06 23.28
C THR H 68 -16.50 -54.66 22.76
N ALA H 69 -17.51 -54.53 21.90
CA ALA H 69 -17.90 -53.21 21.40
C ALA H 69 -18.37 -52.32 22.53
N VAL H 70 -19.16 -52.86 23.46
CA VAL H 70 -19.63 -52.08 24.59
C VAL H 70 -18.47 -51.63 25.46
N ARG H 71 -17.51 -52.52 25.71
CA ARG H 71 -16.35 -52.15 26.51
C ARG H 71 -15.51 -51.08 25.80
N LEU H 72 -15.42 -51.15 24.47
CA LEU H 72 -14.62 -50.17 23.74
C LEU H 72 -15.29 -48.80 23.69
N LEU H 73 -16.61 -48.78 23.53
CA LEU H 73 -17.31 -47.52 23.27
C LEU H 73 -17.53 -46.70 24.54
N LEU H 74 -18.23 -47.27 25.51
CA LEU H 74 -18.62 -46.51 26.70
C LEU H 74 -17.39 -46.21 27.55
N PRO H 75 -17.08 -44.94 27.82
CA PRO H 75 -15.91 -44.59 28.62
C PRO H 75 -16.26 -44.44 30.09
N GLY H 76 -15.21 -44.31 30.90
CA GLY H 76 -15.39 -44.01 32.31
C GLY H 76 -15.74 -45.25 33.10
N GLU H 77 -16.82 -45.15 33.89
CA GLU H 77 -17.19 -46.19 34.84
C GLU H 77 -18.47 -46.92 34.47
N LEU H 78 -19.25 -46.42 33.51
CA LEU H 78 -20.50 -47.08 33.12
C LEU H 78 -20.27 -48.45 32.52
N ALA H 79 -19.06 -48.70 31.99
CA ALA H 79 -18.81 -49.96 31.28
C ALA H 79 -18.95 -51.16 32.22
N LYS H 80 -18.44 -51.04 33.45
CA LYS H 80 -18.50 -52.16 34.39
C LYS H 80 -19.94 -52.55 34.70
N HIS H 81 -20.76 -51.56 35.07
CA HIS H 81 -22.15 -51.84 35.39
C HIS H 81 -22.91 -52.37 34.18
N ALA H 82 -22.69 -51.77 33.00
CA ALA H 82 -23.39 -52.24 31.81
C ALA H 82 -23.03 -53.68 31.48
N VAL H 83 -21.74 -54.02 31.56
CA VAL H 83 -21.31 -55.38 31.27
C VAL H 83 -21.89 -56.36 32.28
N SER H 84 -21.88 -55.98 33.56
CA SER H 84 -22.43 -56.87 34.58
C SER H 84 -23.91 -57.12 34.35
N GLU H 85 -24.68 -56.06 34.04
CA GLU H 85 -26.10 -56.22 33.80
C GLU H 85 -26.36 -57.08 32.57
N GLY H 86 -25.60 -56.87 31.49
CA GLY H 86 -25.78 -57.68 30.30
C GLY H 86 -25.47 -59.15 30.55
N THR H 87 -24.38 -59.42 31.27
CA THR H 87 -24.04 -60.81 31.58
C THR H 87 -25.11 -61.47 32.43
N LYS H 88 -25.62 -60.74 33.44
CA LYS H 88 -26.67 -61.30 34.27
C LYS H 88 -27.93 -61.60 33.46
N ALA H 89 -28.32 -60.68 32.57
CA ALA H 89 -29.50 -60.91 31.76
C ALA H 89 -29.31 -62.11 30.83
N VAL H 90 -28.14 -62.22 30.21
CA VAL H 90 -27.89 -63.34 29.31
C VAL H 90 -27.93 -64.66 30.06
N THR H 91 -27.31 -64.69 31.26
CA THR H 91 -27.34 -65.92 32.06
C THR H 91 -28.76 -66.28 32.46
N LYS H 92 -29.55 -65.29 32.87
CA LYS H 92 -30.93 -65.57 33.26
C LYS H 92 -31.75 -66.10 32.11
N TYR H 93 -31.58 -65.53 30.91
CA TYR H 93 -32.30 -66.03 29.74
C TYR H 93 -31.85 -67.45 29.40
N THR H 94 -30.54 -67.71 29.48
CA THR H 94 -30.04 -69.05 29.16
C THR H 94 -30.58 -70.09 30.14
N SER H 95 -30.74 -69.71 31.41
CA SER H 95 -31.28 -70.64 32.39
C SER H 95 -32.69 -71.10 32.00
N ALA H 96 -33.52 -70.17 31.54
CA ALA H 96 -34.88 -70.47 31.09
C ALA H 96 -35.70 -71.18 32.17
N HIS I 3 -29.83 10.77 38.50
CA HIS I 3 -29.44 9.42 38.88
C HIS I 3 -28.94 8.66 37.66
N ARG I 4 -27.69 8.22 37.71
CA ARG I 4 -27.06 7.53 36.60
C ARG I 4 -26.31 6.30 37.12
N TYR I 5 -26.07 5.36 36.20
CA TYR I 5 -25.35 4.14 36.51
C TYR I 5 -23.96 4.21 35.89
N ARG I 6 -22.94 3.90 36.69
CA ARG I 6 -21.59 3.85 36.17
C ARG I 6 -21.46 2.72 35.15
N PRO I 7 -20.62 2.89 34.13
CA PRO I 7 -20.51 1.87 33.09
C PRO I 7 -20.09 0.53 33.64
N GLY I 8 -20.68 -0.54 33.11
CA GLY I 8 -20.34 -1.89 33.51
C GLY I 8 -21.46 -2.64 34.21
N THR I 9 -22.26 -1.94 35.00
CA THR I 9 -23.32 -2.59 35.76
C THR I 9 -24.40 -3.17 34.86
N VAL I 10 -24.86 -2.38 33.89
CA VAL I 10 -25.96 -2.82 33.03
C VAL I 10 -25.54 -4.03 32.19
N ALA I 11 -24.28 -4.09 31.78
CA ALA I 11 -23.80 -5.25 31.04
C ALA I 11 -23.88 -6.52 31.87
N LEU I 12 -23.46 -6.44 33.15
CA LEU I 12 -23.56 -7.59 34.03
C LEU I 12 -25.02 -7.99 34.25
N ARG I 13 -25.90 -7.01 34.43
CA ARG I 13 -27.32 -7.31 34.60
C ARG I 13 -27.88 -8.01 33.37
N GLU I 14 -27.51 -7.53 32.18
CA GLU I 14 -27.98 -8.15 30.95
C GLU I 14 -27.46 -9.57 30.80
N ILE I 15 -26.19 -9.80 31.16
CA ILE I 15 -25.63 -11.14 31.10
C ILE I 15 -26.41 -12.08 32.02
N ARG I 16 -26.66 -11.64 33.26
CA ARG I 16 -27.38 -12.47 34.21
C ARG I 16 -28.80 -12.75 33.73
N ARG I 17 -29.46 -11.76 33.15
CA ARG I 17 -30.83 -11.97 32.67
C ARG I 17 -30.86 -12.91 31.47
N TYR I 18 -29.93 -12.76 30.53
CA TYR I 18 -29.98 -13.51 29.28
C TYR I 18 -29.36 -14.89 29.37
N GLN I 19 -28.62 -15.19 30.44
CA GLN I 19 -28.04 -16.52 30.60
C GLN I 19 -28.97 -17.49 31.33
N LYS I 20 -30.20 -17.06 31.63
CA LYS I 20 -31.13 -17.88 32.42
C LYS I 20 -32.46 -18.05 31.70
N SER I 21 -32.44 -18.08 30.37
CA SER I 21 -33.67 -18.24 29.60
C SER I 21 -33.35 -18.87 28.26
N THR I 22 -34.37 -19.46 27.65
CA THR I 22 -34.25 -20.10 26.34
C THR I 22 -35.31 -19.52 25.39
N GLU I 23 -34.87 -19.03 24.25
CA GLU I 23 -35.74 -18.44 23.23
C GLU I 23 -34.92 -18.28 21.96
N LEU I 24 -35.49 -17.59 20.98
CA LEU I 24 -34.80 -17.27 19.73
C LEU I 24 -34.55 -15.77 19.66
N LEU I 25 -33.29 -15.39 19.42
CA LEU I 25 -32.89 -14.00 19.48
C LEU I 25 -33.11 -13.27 18.16
N ILE I 26 -32.57 -13.81 17.06
CA ILE I 26 -32.72 -13.16 15.76
C ILE I 26 -34.16 -13.24 15.30
N ARG I 27 -34.63 -12.20 14.62
CA ARG I 27 -35.98 -12.19 14.08
C ARG I 27 -36.14 -13.26 13.01
N LYS I 28 -37.38 -13.50 12.59
CA LYS I 28 -37.69 -14.64 11.74
C LYS I 28 -37.75 -14.27 10.26
N LEU I 29 -38.47 -13.20 9.91
CA LEU I 29 -38.68 -12.88 8.50
C LEU I 29 -37.39 -12.55 7.75
N PRO I 30 -36.49 -11.70 8.25
CA PRO I 30 -35.23 -11.48 7.53
C PRO I 30 -34.40 -12.73 7.36
N PHE I 31 -34.37 -13.60 8.37
CA PHE I 31 -33.66 -14.86 8.25
C PHE I 31 -34.27 -15.74 7.17
N GLN I 32 -35.61 -15.78 7.12
CA GLN I 32 -36.29 -16.55 6.08
C GLN I 32 -35.95 -16.03 4.69
N ARG I 33 -35.96 -14.70 4.53
CA ARG I 33 -35.64 -14.12 3.23
C ARG I 33 -34.20 -14.42 2.83
N LEU I 34 -33.27 -14.30 3.77
CA LEU I 34 -31.87 -14.60 3.47
C LEU I 34 -31.68 -16.06 3.08
N VAL I 35 -32.31 -16.98 3.80
CA VAL I 35 -32.19 -18.40 3.47
C VAL I 35 -32.78 -18.66 2.10
N ARG I 36 -33.94 -18.07 1.81
CA ARG I 36 -34.56 -18.28 0.50
C ARG I 36 -33.66 -17.76 -0.62
N GLU I 37 -33.05 -16.58 -0.43
CA GLU I 37 -32.18 -16.04 -1.46
C GLU I 37 -30.96 -16.92 -1.68
N ILE I 38 -30.33 -17.37 -0.59
CA ILE I 38 -29.15 -18.21 -0.71
C ILE I 38 -29.49 -19.51 -1.42
N ALA I 39 -30.62 -20.13 -1.06
CA ALA I 39 -31.02 -21.36 -1.73
C ALA I 39 -31.34 -21.11 -3.20
N GLN I 40 -32.00 -20.01 -3.52
CA GLN I 40 -32.34 -19.70 -4.90
C GLN I 40 -31.10 -19.44 -5.74
N ASP I 41 -29.99 -19.02 -5.10
CA ASP I 41 -28.76 -18.81 -5.84
C ASP I 41 -28.29 -20.08 -6.55
N PHE I 42 -28.65 -21.25 -6.03
CA PHE I 42 -28.19 -22.52 -6.59
C PHE I 42 -29.18 -23.16 -7.54
N LYS I 43 -30.48 -22.94 -7.36
CA LYS I 43 -31.49 -23.57 -8.19
C LYS I 43 -32.70 -22.65 -8.28
N THR I 44 -33.54 -22.90 -9.28
CA THR I 44 -34.69 -22.05 -9.57
C THR I 44 -35.96 -22.87 -9.41
N ASP I 45 -37.03 -22.20 -8.95
CA ASP I 45 -38.29 -22.84 -8.55
C ASP I 45 -38.08 -23.85 -7.42
N LEU I 46 -37.66 -23.33 -6.27
CA LEU I 46 -37.46 -24.11 -5.07
C LEU I 46 -38.51 -23.75 -4.03
N ARG I 47 -39.11 -24.75 -3.41
CA ARG I 47 -40.12 -24.56 -2.38
C ARG I 47 -39.65 -25.21 -1.08
N PHE I 48 -39.88 -24.52 0.03
CA PHE I 48 -39.40 -24.94 1.33
C PHE I 48 -40.56 -25.36 2.24
N GLN I 49 -40.25 -26.24 3.18
CA GLN I 49 -41.21 -26.64 4.21
C GLN I 49 -41.11 -25.66 5.39
N SER I 50 -41.72 -26.03 6.51
CA SER I 50 -41.83 -25.12 7.64
C SER I 50 -40.84 -25.39 8.77
N SER I 51 -40.15 -26.53 8.75
CA SER I 51 -39.26 -26.89 9.86
C SER I 51 -37.78 -26.71 9.53
N ALA I 52 -37.41 -26.77 8.25
CA ALA I 52 -36.00 -26.63 7.88
C ALA I 52 -35.45 -25.27 8.29
N VAL I 53 -36.27 -24.22 8.16
CA VAL I 53 -35.84 -22.89 8.59
C VAL I 53 -35.53 -22.88 10.08
N MET I 54 -36.40 -23.49 10.88
CA MET I 54 -36.16 -23.54 12.32
C MET I 54 -34.89 -24.31 12.65
N ALA I 55 -34.68 -25.45 11.99
CA ALA I 55 -33.47 -26.23 12.25
C ALA I 55 -32.21 -25.45 11.90
N LEU I 56 -32.22 -24.78 10.74
CA LEU I 56 -31.06 -23.97 10.36
C LEU I 56 -30.82 -22.84 11.33
N GLN I 57 -31.90 -22.19 11.80
CA GLN I 57 -31.76 -21.12 12.77
C GLN I 57 -31.13 -21.62 14.06
N GLU I 58 -31.58 -22.78 14.56
CA GLU I 58 -31.05 -23.32 15.81
C GLU I 58 -29.57 -23.64 15.66
N ALA I 59 -29.20 -24.32 14.57
CA ALA I 59 -27.80 -24.66 14.37
C ALA I 59 -26.93 -23.42 14.27
N SER I 60 -27.40 -22.40 13.54
CA SER I 60 -26.64 -21.17 13.41
C SER I 60 -26.44 -20.49 14.76
N GLU I 61 -27.49 -20.44 15.57
CA GLU I 61 -27.38 -19.81 16.89
C GLU I 61 -26.35 -20.53 17.75
N ALA I 62 -26.40 -21.86 17.76
CA ALA I 62 -25.45 -22.62 18.58
C ALA I 62 -24.01 -22.37 18.11
N TYR I 63 -23.79 -22.40 16.80
CA TYR I 63 -22.45 -22.19 16.27
C TYR I 63 -21.91 -20.82 16.65
N LEU I 64 -22.74 -19.78 16.48
CA LEU I 64 -22.30 -18.43 16.80
C LEU I 64 -21.99 -18.28 18.29
N VAL I 65 -22.83 -18.86 19.15
CA VAL I 65 -22.59 -18.76 20.59
C VAL I 65 -21.26 -19.41 20.96
N ALA I 66 -21.00 -20.60 20.43
CA ALA I 66 -19.74 -21.28 20.73
C ALA I 66 -18.55 -20.46 20.26
N LEU I 67 -18.63 -19.92 19.04
CA LEU I 67 -17.52 -19.12 18.52
C LEU I 67 -17.27 -17.89 19.39
N PHE I 68 -18.34 -17.22 19.83
CA PHE I 68 -18.17 -16.04 20.66
C PHE I 68 -17.54 -16.38 22.01
N GLU I 69 -17.94 -17.51 22.60
CA GLU I 69 -17.33 -17.91 23.86
C GLU I 69 -15.84 -18.17 23.70
N ASP I 70 -15.46 -18.89 22.65
CA ASP I 70 -14.04 -19.16 22.42
C ASP I 70 -13.27 -17.86 22.17
N THR I 71 -13.86 -16.94 21.42
CA THR I 71 -13.21 -15.66 21.17
C THR I 71 -13.01 -14.87 22.46
N ASN I 72 -14.01 -14.90 23.35
CA ASN I 72 -13.88 -14.20 24.63
C ASN I 72 -12.74 -14.79 25.46
N LEU I 73 -12.62 -16.13 25.47
CA LEU I 73 -11.52 -16.74 26.20
C LEU I 73 -10.18 -16.33 25.62
N CYS I 74 -10.05 -16.37 24.29
CA CYS I 74 -8.80 -15.96 23.67
C CYS I 74 -8.48 -14.50 23.93
N ALA I 75 -9.51 -13.66 24.04
CA ALA I 75 -9.29 -12.24 24.33
C ALA I 75 -8.81 -12.03 25.76
N ILE I 76 -9.48 -12.68 26.73
CA ILE I 76 -9.08 -12.51 28.12
C ILE I 76 -7.72 -13.13 28.38
N HIS I 77 -7.24 -14.01 27.49
CA HIS I 77 -5.88 -14.53 27.63
C HIS I 77 -4.84 -13.43 27.71
N ALA I 78 -4.96 -12.41 26.85
CA ALA I 78 -3.87 -11.47 26.58
C ALA I 78 -4.00 -10.17 27.35
N LYS I 79 -4.52 -10.22 28.59
CA LYS I 79 -4.58 -9.06 29.48
C LYS I 79 -5.37 -7.91 28.86
N ARG I 80 -6.63 -8.20 28.55
CA ARG I 80 -7.54 -7.21 27.98
C ARG I 80 -8.97 -7.62 28.32
N VAL I 81 -9.90 -6.70 28.07
CA VAL I 81 -11.33 -6.95 28.27
C VAL I 81 -12.13 -6.81 26.99
N THR I 82 -11.64 -6.07 26.00
CA THR I 82 -12.35 -5.82 24.76
C THR I 82 -11.89 -6.79 23.69
N ILE I 83 -12.84 -7.34 22.94
CA ILE I 83 -12.54 -8.30 21.86
C ILE I 83 -12.29 -7.54 20.57
N MET I 84 -11.42 -8.08 19.73
CA MET I 84 -11.03 -7.47 18.47
C MET I 84 -10.95 -8.56 17.41
N PRO I 85 -11.03 -8.20 16.12
CA PRO I 85 -11.07 -9.23 15.06
C PRO I 85 -9.87 -10.15 15.04
N LYS I 86 -8.70 -9.70 15.52
CA LYS I 86 -7.54 -10.58 15.55
C LYS I 86 -7.80 -11.82 16.40
N ASP I 87 -8.48 -11.64 17.53
CA ASP I 87 -8.81 -12.78 18.38
C ASP I 87 -9.73 -13.76 17.66
N ILE I 88 -10.73 -13.25 16.94
CA ILE I 88 -11.63 -14.14 16.21
C ILE I 88 -10.86 -14.92 15.15
N GLN I 89 -9.99 -14.22 14.41
CA GLN I 89 -9.23 -14.89 13.36
C GLN I 89 -8.31 -15.96 13.94
N LEU I 90 -7.63 -15.66 15.04
CA LEU I 90 -6.73 -16.64 15.63
C LEU I 90 -7.49 -17.83 16.20
N ALA I 91 -8.66 -17.58 16.83
CA ALA I 91 -9.46 -18.68 17.35
C ALA I 91 -9.95 -19.58 16.23
N ARG I 92 -10.37 -18.99 15.11
CA ARG I 92 -10.76 -19.81 13.97
C ARG I 92 -9.58 -20.59 13.40
N ARG I 93 -8.41 -19.97 13.36
CA ARG I 93 -7.23 -20.63 12.79
C ARG I 93 -6.78 -21.82 13.63
N ILE I 94 -6.80 -21.67 14.96
CA ILE I 94 -6.22 -22.71 15.82
C ILE I 94 -7.00 -24.01 15.70
N ARG I 95 -8.33 -23.93 15.75
CA ARG I 95 -9.13 -25.15 15.70
C ARG I 95 -9.04 -25.83 14.33
N GLY I 96 -8.93 -25.05 13.26
CA GLY I 96 -8.82 -25.61 11.93
C GLY I 96 -10.07 -25.44 11.10
N GLU I 97 -10.07 -24.47 10.19
CA GLU I 97 -11.22 -24.21 9.33
C GLU I 97 -10.77 -23.74 7.96
N ARG J 8 -31.69 -6.32 -2.91
CA ARG J 8 -31.21 -7.70 -2.79
C ARG J 8 -30.12 -7.79 -1.72
N ASP J 9 -30.03 -6.76 -0.88
CA ASP J 9 -29.05 -6.73 0.21
C ASP J 9 -29.66 -7.29 1.49
N ASN J 10 -30.16 -8.52 1.38
CA ASN J 10 -30.83 -9.16 2.51
C ASN J 10 -29.88 -9.47 3.66
N ILE J 11 -28.57 -9.51 3.41
CA ILE J 11 -27.60 -9.80 4.46
C ILE J 11 -27.62 -8.72 5.54
N GLN J 12 -28.11 -7.53 5.21
CA GLN J 12 -28.21 -6.45 6.18
C GLN J 12 -29.44 -6.57 7.09
N GLY J 13 -30.29 -7.58 6.86
CA GLY J 13 -31.45 -7.78 7.72
C GLY J 13 -31.12 -8.37 9.07
N ILE J 14 -29.89 -8.85 9.26
CA ILE J 14 -29.49 -9.40 10.55
C ILE J 14 -29.43 -8.32 11.62
N THR J 15 -29.07 -7.09 11.22
CA THR J 15 -28.99 -5.86 12.03
C THR J 15 -28.03 -5.99 13.21
N LYS J 16 -27.78 -4.87 13.88
CA LYS J 16 -26.72 -4.75 14.88
C LYS J 16 -27.05 -5.34 16.24
N PRO J 17 -28.18 -5.00 16.88
CA PRO J 17 -28.39 -5.46 18.26
C PRO J 17 -28.44 -6.97 18.44
N ALA J 18 -28.74 -7.73 17.39
CA ALA J 18 -28.76 -9.19 17.52
C ALA J 18 -27.39 -9.73 17.88
N ILE J 19 -26.34 -9.18 17.26
CA ILE J 19 -24.98 -9.59 17.60
C ILE J 19 -24.67 -9.27 19.05
N ARG J 20 -25.14 -8.11 19.53
CA ARG J 20 -24.93 -7.75 20.93
C ARG J 20 -25.63 -8.74 21.86
N ARG J 21 -26.86 -9.13 21.52
CA ARG J 21 -27.58 -10.10 22.36
C ARG J 21 -26.86 -11.44 22.38
N LEU J 22 -26.39 -11.90 21.22
CA LEU J 22 -25.66 -13.16 21.16
C LEU J 22 -24.38 -13.09 21.99
N ALA J 23 -23.64 -11.99 21.89
CA ALA J 23 -22.42 -11.84 22.67
C ALA J 23 -22.72 -11.82 24.17
N ARG J 24 -23.80 -11.13 24.57
CA ARG J 24 -24.17 -11.10 25.97
C ARG J 24 -24.53 -12.49 26.47
N ARG J 25 -25.22 -13.29 25.65
CA ARG J 25 -25.50 -14.66 26.03
C ARG J 25 -24.21 -15.46 26.18
N GLY J 26 -23.29 -15.30 25.24
CA GLY J 26 -22.00 -15.97 25.37
C GLY J 26 -21.20 -15.49 26.57
N GLY J 27 -21.24 -14.18 26.82
CA GLY J 27 -20.59 -13.59 27.96
C GLY J 27 -19.41 -12.72 27.57
N VAL J 28 -19.64 -11.42 27.46
CA VAL J 28 -18.63 -10.42 27.14
C VAL J 28 -18.98 -9.15 27.92
N LYS J 29 -18.01 -8.26 28.04
CA LYS J 29 -18.22 -6.99 28.71
C LYS J 29 -17.92 -5.76 27.84
N ARG J 30 -17.20 -5.91 26.74
CA ARG J 30 -16.89 -4.77 25.88
C ARG J 30 -16.67 -5.28 24.46
N ILE J 31 -17.28 -4.60 23.49
CA ILE J 31 -17.22 -5.00 22.09
C ILE J 31 -16.71 -3.82 21.27
N SER J 32 -15.78 -4.10 20.35
CA SER J 32 -15.24 -3.08 19.48
C SER J 32 -16.23 -2.78 18.35
N GLY J 33 -15.81 -1.96 17.39
CA GLY J 33 -16.68 -1.50 16.32
C GLY J 33 -16.49 -2.16 14.97
N LEU J 34 -15.71 -3.24 14.87
CA LEU J 34 -15.48 -3.91 13.60
C LEU J 34 -15.83 -5.40 13.64
N ILE J 35 -16.51 -5.86 14.69
CA ILE J 35 -16.83 -7.28 14.81
C ILE J 35 -17.93 -7.69 13.84
N TYR J 36 -18.87 -6.78 13.55
CA TYR J 36 -20.09 -7.16 12.85
C TYR J 36 -19.81 -7.68 11.45
N GLU J 37 -18.88 -7.05 10.73
CA GLU J 37 -18.57 -7.47 9.36
C GLU J 37 -18.03 -8.90 9.35
N GLU J 38 -17.08 -9.19 10.26
CA GLU J 38 -16.53 -10.53 10.33
C GLU J 38 -17.59 -11.56 10.71
N THR J 39 -18.48 -11.20 11.65
CA THR J 39 -19.55 -12.12 12.03
C THR J 39 -20.45 -12.43 10.85
N ARG J 40 -20.84 -11.40 10.09
CA ARG J 40 -21.70 -11.63 8.92
C ARG J 40 -21.00 -12.50 7.89
N GLY J 41 -19.71 -12.24 7.63
CA GLY J 41 -18.98 -13.06 6.67
C GLY J 41 -18.89 -14.52 7.09
N VAL J 42 -18.61 -14.76 8.37
CA VAL J 42 -18.52 -16.13 8.86
C VAL J 42 -19.87 -16.83 8.73
N LEU J 43 -20.95 -16.13 9.09
CA LEU J 43 -22.27 -16.74 9.00
C LEU J 43 -22.62 -17.09 7.55
N LYS J 44 -22.32 -16.19 6.62
CA LYS J 44 -22.58 -16.46 5.21
C LYS J 44 -21.78 -17.68 4.74
N VAL J 45 -20.51 -17.75 5.13
CA VAL J 45 -19.66 -18.88 4.72
C VAL J 45 -20.25 -20.20 5.21
N PHE J 46 -20.68 -20.24 6.48
CA PHE J 46 -21.26 -21.46 7.02
C PHE J 46 -22.56 -21.84 6.30
N LEU J 47 -23.43 -20.84 6.09
CA LEU J 47 -24.74 -21.12 5.51
C LEU J 47 -24.61 -21.62 4.08
N GLU J 48 -23.66 -21.09 3.31
CA GLU J 48 -23.49 -21.55 1.94
C GLU J 48 -23.23 -23.05 1.88
N ASN J 49 -22.26 -23.53 2.67
CA ASN J 49 -21.92 -24.94 2.67
C ASN J 49 -23.09 -25.79 3.14
N VAL J 50 -23.76 -25.38 4.22
CA VAL J 50 -24.85 -26.20 4.74
C VAL J 50 -25.98 -26.28 3.71
N ILE J 51 -26.31 -25.16 3.08
CA ILE J 51 -27.40 -25.14 2.11
C ILE J 51 -27.07 -26.00 0.89
N ARG J 52 -25.82 -25.92 0.41
CA ARG J 52 -25.43 -26.76 -0.74
C ARG J 52 -25.55 -28.23 -0.41
N ASP J 53 -25.04 -28.63 0.76
CA ASP J 53 -25.11 -30.03 1.15
C ASP J 53 -26.55 -30.51 1.30
N ALA J 54 -27.43 -29.65 1.83
CA ALA J 54 -28.84 -30.03 1.93
C ALA J 54 -29.49 -30.12 0.56
N VAL J 55 -29.15 -29.21 -0.36
CA VAL J 55 -29.81 -29.16 -1.66
C VAL J 55 -29.44 -30.38 -2.51
N THR J 56 -28.21 -30.86 -2.38
CA THR J 56 -27.78 -32.00 -3.20
C THR J 56 -28.66 -33.22 -2.95
N TYR J 57 -28.98 -33.51 -1.68
CA TYR J 57 -29.77 -34.69 -1.36
C TYR J 57 -31.14 -34.64 -2.01
N THR J 58 -31.86 -33.53 -1.84
CA THR J 58 -33.19 -33.43 -2.44
C THR J 58 -33.12 -33.34 -3.96
N GLU J 59 -31.99 -32.90 -4.51
CA GLU J 59 -31.81 -32.98 -5.96
C GLU J 59 -31.72 -34.43 -6.42
N HIS J 60 -31.05 -35.27 -5.64
CA HIS J 60 -30.91 -36.68 -6.04
C HIS J 60 -32.25 -37.40 -6.07
N ALA J 61 -33.13 -37.11 -5.11
CA ALA J 61 -34.34 -37.89 -4.92
C ALA J 61 -35.47 -37.52 -5.89
N LYS J 62 -35.22 -36.61 -6.83
CA LYS J 62 -36.22 -36.19 -7.82
C LYS J 62 -37.46 -35.61 -7.14
N ARG J 63 -37.24 -34.53 -6.40
CA ARG J 63 -38.31 -33.84 -5.69
C ARG J 63 -38.06 -32.33 -5.78
N LYS J 64 -39.12 -31.57 -5.53
CA LYS J 64 -39.06 -30.11 -5.58
C LYS J 64 -39.13 -29.44 -4.22
N THR J 65 -39.62 -30.13 -3.19
CA THR J 65 -39.80 -29.56 -1.87
C THR J 65 -38.73 -30.11 -0.93
N VAL J 66 -38.03 -29.21 -0.25
CA VAL J 66 -36.99 -29.59 0.69
C VAL J 66 -37.60 -29.80 2.07
N THR J 67 -37.31 -30.94 2.69
CA THR J 67 -37.81 -31.29 4.00
C THR J 67 -36.68 -31.17 5.03
N ALA J 68 -37.08 -31.07 6.30
CA ALA J 68 -36.12 -30.97 7.39
C ALA J 68 -35.27 -32.23 7.54
N MET J 69 -35.78 -33.36 7.04
CA MET J 69 -35.05 -34.62 7.16
C MET J 69 -33.71 -34.53 6.41
N ASP J 70 -33.73 -33.94 5.22
CA ASP J 70 -32.50 -33.76 4.45
C ASP J 70 -31.53 -32.82 5.15
N VAL J 71 -32.06 -31.76 5.79
CA VAL J 71 -31.20 -30.83 6.53
C VAL J 71 -30.52 -31.55 7.68
N VAL J 72 -31.28 -32.38 8.41
CA VAL J 72 -30.68 -33.15 9.50
C VAL J 72 -29.61 -34.09 8.97
N TYR J 73 -29.87 -34.73 7.83
CA TYR J 73 -28.90 -35.65 7.24
C TYR J 73 -27.62 -34.93 6.85
N ALA J 74 -27.73 -33.75 6.22
CA ALA J 74 -26.55 -33.00 5.84
C ALA J 74 -25.78 -32.54 7.08
N LEU J 75 -26.49 -32.06 8.10
CA LEU J 75 -25.84 -31.62 9.33
C LEU J 75 -25.13 -32.78 10.02
N LYS J 76 -25.67 -34.00 9.90
CA LYS J 76 -24.98 -35.15 10.48
C LYS J 76 -23.78 -35.55 9.65
N ARG J 77 -23.90 -35.49 8.32
CA ARG J 77 -22.78 -35.87 7.46
C ARG J 77 -21.58 -34.96 7.68
N GLN J 78 -21.80 -33.64 7.63
CA GLN J 78 -20.74 -32.72 8.02
C GLN J 78 -20.40 -32.89 9.50
N GLY J 79 -21.44 -33.01 10.33
CA GLY J 79 -21.36 -33.35 11.73
C GLY J 79 -21.57 -32.18 12.65
N ARG J 80 -22.84 -31.95 13.01
CA ARG J 80 -23.29 -31.08 14.09
C ARG J 80 -24.50 -31.70 14.77
N THR J 81 -24.45 -33.01 15.01
CA THR J 81 -25.62 -33.85 15.26
C THR J 81 -26.67 -33.14 16.10
N LEU J 82 -27.89 -33.10 15.58
CA LEU J 82 -28.99 -32.34 16.16
C LEU J 82 -30.11 -33.30 16.59
N TYR J 83 -30.68 -33.03 17.76
CA TYR J 83 -31.73 -33.84 18.34
C TYR J 83 -33.03 -33.06 18.39
N GLY J 84 -34.14 -33.77 18.22
CA GLY J 84 -35.46 -33.18 18.36
C GLY J 84 -36.20 -32.89 17.07
N PHE J 85 -35.69 -33.33 15.93
CA PHE J 85 -36.35 -33.12 14.65
C PHE J 85 -36.40 -34.41 13.86
N GLY J 86 -36.77 -35.51 14.51
CA GLY J 86 -36.87 -36.80 13.86
C GLY J 86 -35.52 -37.39 13.50
N ARG K 2 -16.71 -72.11 -28.90
CA ARG K 2 -16.58 -70.94 -28.05
C ARG K 2 -15.54 -69.97 -28.60
N ALA K 3 -15.85 -68.68 -28.56
CA ALA K 3 -14.94 -67.66 -29.07
C ALA K 3 -13.84 -67.38 -28.05
N LYS K 4 -12.82 -66.65 -28.50
CA LYS K 4 -11.71 -66.29 -27.64
C LYS K 4 -12.16 -65.31 -26.56
N ALA K 5 -11.62 -65.48 -25.36
CA ALA K 5 -11.99 -64.61 -24.25
C ALA K 5 -11.39 -63.23 -24.42
N LYS K 6 -12.17 -62.20 -24.09
CA LYS K 6 -11.74 -60.81 -24.13
C LYS K 6 -11.95 -60.20 -22.77
N THR K 7 -10.88 -59.65 -22.19
CA THR K 7 -10.95 -59.11 -20.84
C THR K 7 -11.84 -57.87 -20.81
N ARG K 8 -12.70 -57.80 -19.79
CA ARG K 8 -13.64 -56.69 -19.66
C ARG K 8 -12.95 -55.34 -19.53
N SER K 9 -11.72 -55.31 -19.02
CA SER K 9 -10.99 -54.04 -18.94
C SER K 9 -10.62 -53.53 -20.33
N SER K 10 -10.43 -54.43 -21.29
CA SER K 10 -10.07 -54.01 -22.65
C SER K 10 -11.23 -53.33 -23.35
N ARG K 11 -12.47 -53.77 -23.07
CA ARG K 11 -13.63 -53.19 -23.74
C ARG K 11 -13.80 -51.73 -23.37
N ALA K 12 -13.60 -51.38 -22.10
CA ALA K 12 -13.79 -50.02 -21.64
C ALA K 12 -12.58 -49.13 -21.86
N GLY K 13 -11.47 -49.67 -22.35
CA GLY K 13 -10.28 -48.88 -22.58
C GLY K 13 -9.67 -48.34 -21.29
N LEU K 14 -9.49 -49.20 -20.30
CA LEU K 14 -8.96 -48.78 -19.01
C LEU K 14 -7.67 -49.54 -18.67
N GLN K 15 -7.16 -49.33 -17.47
CA GLN K 15 -5.99 -50.04 -16.97
C GLN K 15 -6.24 -50.77 -15.67
N PHE K 16 -7.05 -50.19 -14.78
CA PHE K 16 -7.38 -50.85 -13.52
C PHE K 16 -8.30 -52.05 -13.78
N PRO K 17 -8.24 -53.07 -12.93
CA PRO K 17 -9.10 -54.24 -13.12
C PRO K 17 -10.56 -53.91 -12.84
N VAL K 18 -11.44 -54.70 -13.44
CA VAL K 18 -12.88 -54.54 -13.31
C VAL K 18 -13.51 -55.67 -12.50
N GLY K 19 -13.14 -56.92 -12.82
CA GLY K 19 -13.73 -58.05 -12.12
C GLY K 19 -13.40 -58.06 -10.64
N ARG K 20 -12.17 -57.69 -10.28
CA ARG K 20 -11.78 -57.68 -8.87
C ARG K 20 -12.62 -56.67 -8.09
N VAL K 21 -12.85 -55.48 -8.65
CA VAL K 21 -13.67 -54.49 -7.97
C VAL K 21 -15.09 -54.98 -7.81
N HIS K 22 -15.64 -55.64 -8.85
CA HIS K 22 -16.99 -56.17 -8.76
C HIS K 22 -17.10 -57.22 -7.66
N ARG K 23 -16.14 -58.14 -7.60
CA ARG K 23 -16.17 -59.18 -6.57
C ARG K 23 -16.02 -58.58 -5.17
N LEU K 24 -15.13 -57.61 -5.02
CA LEU K 24 -14.95 -56.98 -3.72
C LEU K 24 -16.21 -56.25 -3.27
N LEU K 25 -16.87 -55.55 -4.21
CA LEU K 25 -18.11 -54.86 -3.88
C LEU K 25 -19.21 -55.84 -3.50
N ARG K 26 -19.29 -56.97 -4.22
CA ARG K 26 -20.35 -57.94 -3.92
C ARG K 26 -20.12 -58.64 -2.59
N LYS K 27 -18.87 -58.97 -2.28
CA LYS K 27 -18.56 -59.78 -1.10
C LYS K 27 -18.42 -58.96 0.17
N GLY K 28 -18.45 -57.63 0.08
CA GLY K 28 -18.29 -56.79 1.26
C GLY K 28 -19.61 -56.44 1.93
N ASN K 29 -20.67 -57.12 1.51
CA ASN K 29 -22.05 -56.94 2.01
C ASN K 29 -22.41 -55.47 2.20
N TYR K 30 -22.08 -54.66 1.20
CA TYR K 30 -22.50 -53.27 1.21
C TYR K 30 -23.97 -53.11 0.85
N ALA K 31 -24.50 -54.02 0.04
CA ALA K 31 -25.91 -53.96 -0.36
C ALA K 31 -26.32 -55.35 -0.82
N GLU K 32 -27.63 -55.53 -0.98
CA GLU K 32 -28.15 -56.84 -1.37
C GLU K 32 -27.78 -57.18 -2.81
N ARG K 33 -27.90 -56.22 -3.72
CA ARG K 33 -27.64 -56.46 -5.14
C ARG K 33 -26.76 -55.33 -5.70
N VAL K 34 -26.03 -55.65 -6.77
CA VAL K 34 -25.13 -54.72 -7.41
C VAL K 34 -25.39 -54.76 -8.92
N GLY K 35 -25.43 -53.58 -9.54
CA GLY K 35 -25.71 -53.46 -10.96
C GLY K 35 -24.54 -53.82 -11.85
N ALA K 36 -24.34 -53.06 -12.91
CA ALA K 36 -23.30 -53.36 -13.90
C ALA K 36 -22.29 -52.24 -14.09
N GLY K 37 -22.73 -50.99 -14.14
CA GLY K 37 -21.82 -49.89 -14.43
C GLY K 37 -21.02 -49.37 -13.25
N ALA K 38 -21.40 -49.77 -12.02
CA ALA K 38 -20.68 -49.29 -10.84
C ALA K 38 -19.21 -49.66 -10.83
N PRO K 39 -18.81 -50.92 -11.12
CA PRO K 39 -17.36 -51.21 -11.17
C PRO K 39 -16.62 -50.36 -12.19
N VAL K 40 -17.21 -50.13 -13.36
CA VAL K 40 -16.55 -49.34 -14.40
C VAL K 40 -16.37 -47.91 -13.91
N TYR K 41 -17.42 -47.33 -13.33
CA TYR K 41 -17.32 -45.96 -12.82
C TYR K 41 -16.26 -45.84 -11.74
N LEU K 42 -16.26 -46.79 -10.79
CA LEU K 42 -15.30 -46.74 -9.70
C LEU K 42 -13.87 -46.90 -10.20
N ALA K 43 -13.65 -47.82 -11.14
CA ALA K 43 -12.31 -48.02 -11.68
C ALA K 43 -11.83 -46.77 -12.40
N ALA K 44 -12.70 -46.13 -13.18
CA ALA K 44 -12.30 -44.90 -13.88
C ALA K 44 -11.92 -43.81 -12.90
N VAL K 45 -12.72 -43.62 -11.85
CA VAL K 45 -12.44 -42.56 -10.89
C VAL K 45 -11.11 -42.83 -10.17
N LEU K 46 -10.91 -44.08 -9.73
CA LEU K 46 -9.67 -44.42 -9.03
C LEU K 46 -8.46 -44.23 -9.93
N GLU K 47 -8.56 -44.64 -11.19
CA GLU K 47 -7.45 -44.48 -12.10
C GLU K 47 -7.11 -43.02 -12.31
N TYR K 48 -8.14 -42.17 -12.48
CA TYR K 48 -7.88 -40.75 -12.67
C TYR K 48 -7.18 -40.15 -11.46
N LEU K 49 -7.66 -40.45 -10.26
CA LEU K 49 -7.04 -39.89 -9.05
C LEU K 49 -5.60 -40.35 -8.89
N THR K 50 -5.35 -41.65 -9.10
CA THR K 50 -4.00 -42.17 -8.96
C THR K 50 -3.06 -41.54 -9.99
N ALA K 51 -3.52 -41.40 -11.23
CA ALA K 51 -2.69 -40.79 -12.26
C ALA K 51 -2.34 -39.35 -11.91
N GLU K 52 -3.33 -38.58 -11.44
CA GLU K 52 -3.07 -37.20 -11.07
C GLU K 52 -2.02 -37.11 -9.96
N ILE K 53 -2.21 -37.87 -8.89
CA ILE K 53 -1.29 -37.78 -7.76
C ILE K 53 0.11 -38.23 -8.16
N LEU K 54 0.21 -39.33 -8.91
CA LEU K 54 1.52 -39.83 -9.32
C LEU K 54 2.23 -38.87 -10.25
N GLU K 55 1.48 -38.24 -11.18
CA GLU K 55 2.10 -37.27 -12.08
C GLU K 55 2.63 -36.08 -11.29
N LEU K 56 1.86 -35.58 -10.33
CA LEU K 56 2.35 -34.45 -9.53
C LEU K 56 3.60 -34.83 -8.74
N ALA K 57 3.60 -36.02 -8.14
CA ALA K 57 4.77 -36.45 -7.38
C ALA K 57 6.00 -36.60 -8.27
N GLY K 58 5.82 -37.20 -9.45
CA GLY K 58 6.95 -37.37 -10.35
C GLY K 58 7.50 -36.04 -10.85
N ASN K 59 6.60 -35.08 -11.12
CA ASN K 59 7.06 -33.75 -11.52
C ASN K 59 7.85 -33.10 -10.38
N ALA K 60 7.36 -33.24 -9.14
CA ALA K 60 8.05 -32.63 -8.00
C ALA K 60 9.40 -33.28 -7.74
N ALA K 61 9.53 -34.58 -8.04
CA ALA K 61 10.74 -35.31 -7.68
C ALA K 61 11.93 -35.02 -8.58
N ARG K 62 11.72 -34.32 -9.71
CA ARG K 62 12.81 -34.08 -10.65
C ARG K 62 13.76 -32.98 -10.20
N ASP K 63 13.34 -32.11 -9.28
CA ASP K 63 14.15 -30.96 -8.90
C ASP K 63 15.44 -31.39 -8.21
N ASN K 64 15.38 -32.43 -7.37
CA ASN K 64 16.52 -32.85 -6.58
C ASN K 64 17.56 -33.63 -7.37
N LYS K 65 17.48 -33.60 -8.71
CA LYS K 65 18.43 -34.29 -9.58
C LYS K 65 18.50 -35.79 -9.26
N LYS K 66 17.35 -36.39 -8.97
CA LYS K 66 17.24 -37.81 -8.68
C LYS K 66 16.41 -38.49 -9.76
N THR K 67 16.29 -39.81 -9.65
CA THR K 67 15.53 -40.61 -10.59
C THR K 67 14.38 -41.37 -9.96
N ARG K 68 14.59 -41.96 -8.79
CA ARG K 68 13.55 -42.72 -8.11
C ARG K 68 12.69 -41.78 -7.28
N ILE K 69 11.68 -42.34 -6.62
CA ILE K 69 10.70 -41.59 -5.84
C ILE K 69 10.73 -42.10 -4.40
N ILE K 70 10.80 -41.18 -3.46
CA ILE K 70 10.84 -41.51 -2.04
C ILE K 70 9.74 -40.72 -1.33
N PRO K 71 9.31 -41.16 -0.15
CA PRO K 71 8.14 -40.52 0.49
C PRO K 71 8.28 -39.02 0.73
N ARG K 72 9.51 -38.50 0.82
CA ARG K 72 9.67 -37.05 0.96
C ARG K 72 9.09 -36.32 -0.23
N HIS K 73 9.34 -36.82 -1.44
CA HIS K 73 8.76 -36.21 -2.64
C HIS K 73 7.24 -36.30 -2.61
N LEU K 74 6.69 -37.42 -2.16
CA LEU K 74 5.24 -37.57 -2.07
C LEU K 74 4.65 -36.54 -1.13
N GLN K 75 5.27 -36.36 0.05
CA GLN K 75 4.77 -35.36 1.00
C GLN K 75 4.87 -33.96 0.42
N LEU K 76 5.98 -33.64 -0.23
CA LEU K 76 6.17 -32.31 -0.82
C LEU K 76 5.12 -32.04 -1.89
N ALA K 77 4.82 -33.03 -2.71
CA ALA K 77 3.83 -32.85 -3.77
C ALA K 77 2.43 -32.75 -3.21
N VAL K 78 2.12 -33.52 -2.17
CA VAL K 78 0.76 -33.53 -1.62
C VAL K 78 0.48 -32.23 -0.90
N ARG K 79 1.43 -31.75 -0.10
CA ARG K 79 1.16 -30.57 0.73
C ARG K 79 1.20 -29.25 -0.03
N ASN K 80 1.62 -29.25 -1.29
CA ASN K 80 1.74 -28.02 -2.06
C ASN K 80 0.56 -27.77 -2.98
N ASP K 81 -0.47 -28.62 -2.95
CA ASP K 81 -1.66 -28.45 -3.78
C ASP K 81 -2.85 -28.24 -2.86
N GLU K 82 -3.66 -27.22 -3.16
CA GLU K 82 -4.74 -26.83 -2.26
C GLU K 82 -5.81 -27.91 -2.16
N GLU K 83 -6.29 -28.40 -3.31
CA GLU K 83 -7.37 -29.40 -3.28
C GLU K 83 -6.91 -30.71 -2.65
N LEU K 84 -5.71 -31.17 -3.00
CA LEU K 84 -5.19 -32.40 -2.42
C LEU K 84 -4.94 -32.24 -0.93
N ASN K 85 -4.46 -31.07 -0.50
CA ASN K 85 -4.29 -30.81 0.92
C ASN K 85 -5.64 -30.85 1.64
N LYS K 86 -6.68 -30.29 1.02
CA LYS K 86 -8.01 -30.34 1.62
C LYS K 86 -8.51 -31.77 1.73
N LEU K 87 -8.25 -32.59 0.70
CA LEU K 87 -8.73 -33.97 0.73
C LEU K 87 -8.06 -34.77 1.85
N LEU K 88 -6.73 -34.75 1.91
CA LEU K 88 -5.99 -35.48 2.93
C LEU K 88 -5.62 -34.53 4.09
N GLY K 89 -6.63 -34.18 4.86
CA GLY K 89 -6.45 -33.23 5.94
C GLY K 89 -6.00 -33.81 7.26
N ARG K 90 -6.21 -35.11 7.46
CA ARG K 90 -5.92 -35.78 8.73
C ARG K 90 -5.19 -37.09 8.48
N VAL K 91 -4.15 -37.05 7.63
CA VAL K 91 -3.40 -38.24 7.26
C VAL K 91 -1.92 -37.95 7.51
N THR K 92 -1.24 -38.89 8.18
CA THR K 92 0.18 -38.79 8.47
C THR K 92 0.94 -39.80 7.62
N ILE K 93 2.04 -39.34 7.01
CA ILE K 93 2.87 -40.17 6.15
C ILE K 93 4.21 -40.40 6.85
N ALA K 94 4.61 -41.67 6.93
CA ALA K 94 5.86 -42.00 7.60
C ALA K 94 7.05 -41.42 6.86
N GLN K 95 8.01 -40.88 7.63
CA GLN K 95 9.22 -40.26 7.10
C GLN K 95 8.87 -39.20 6.06
N GLY K 96 8.07 -38.22 6.47
CA GLY K 96 7.60 -37.20 5.57
C GLY K 96 8.25 -35.85 5.75
N GLY K 97 8.52 -35.47 7.00
CA GLY K 97 9.05 -34.16 7.28
C GLY K 97 8.00 -33.08 7.20
N VAL K 98 8.46 -31.83 7.26
CA VAL K 98 7.58 -30.67 7.21
C VAL K 98 8.12 -29.68 6.19
N LEU K 99 7.24 -28.79 5.74
CA LEU K 99 7.63 -27.76 4.80
C LEU K 99 8.48 -26.70 5.50
N PRO K 100 9.47 -26.13 4.81
CA PRO K 100 10.27 -25.05 5.41
C PRO K 100 9.43 -23.80 5.57
N ASN K 101 9.34 -23.29 6.80
CA ASN K 101 8.52 -22.12 7.09
C ASN K 101 8.96 -21.51 8.41
N ILE K 102 9.27 -20.21 8.38
CA ILE K 102 9.67 -19.47 9.56
C ILE K 102 8.79 -18.23 9.67
N GLN K 103 8.60 -17.76 10.89
CA GLN K 103 7.78 -16.58 11.12
C GLN K 103 8.53 -15.32 10.68
N SER K 104 7.81 -14.20 10.63
CA SER K 104 8.36 -12.94 10.16
C SER K 104 8.82 -12.02 11.29
N VAL K 105 8.69 -12.45 12.55
CA VAL K 105 9.11 -11.64 13.69
C VAL K 105 10.43 -12.10 14.28
N LEU K 106 10.71 -13.41 14.27
CA LEU K 106 11.96 -13.91 14.83
C LEU K 106 13.17 -13.56 13.99
N LEU K 107 12.97 -13.16 12.74
CA LEU K 107 14.08 -12.82 11.87
C LEU K 107 14.79 -11.56 12.38
N PRO K 108 16.12 -11.48 12.22
CA PRO K 108 16.89 -10.30 12.65
C PRO K 108 16.49 -9.03 11.92
N LYS L 3 2.90 -71.15 1.11
CA LYS L 3 2.13 -70.15 1.85
C LYS L 3 0.91 -69.71 1.05
N THR L 4 0.09 -68.85 1.65
CA THR L 4 -1.10 -68.34 0.99
C THR L 4 -0.74 -67.19 0.06
N ARG L 5 -1.70 -66.80 -0.77
CA ARG L 5 -1.53 -65.73 -1.74
C ARG L 5 -2.25 -64.48 -1.28
N LYS L 6 -1.56 -63.34 -1.36
CA LYS L 6 -2.12 -62.05 -0.99
C LYS L 6 -2.07 -61.12 -2.19
N GLU L 7 -3.13 -60.34 -2.36
CA GLU L 7 -3.31 -59.49 -3.53
C GLU L 7 -2.95 -58.05 -3.20
N SER L 8 -2.59 -57.29 -4.24
CA SER L 8 -2.17 -55.90 -4.07
C SER L 8 -2.47 -55.14 -5.35
N TYR L 9 -1.97 -53.92 -5.44
CA TYR L 9 -2.20 -53.00 -6.56
C TYR L 9 -0.88 -52.47 -7.09
N ALA L 10 0.09 -53.36 -7.31
CA ALA L 10 1.42 -52.93 -7.73
C ALA L 10 1.54 -52.80 -9.25
N ILE L 11 1.07 -53.81 -9.99
CA ILE L 11 1.26 -53.83 -11.44
C ILE L 11 0.53 -52.67 -12.09
N TYR L 12 -0.70 -52.40 -11.66
CA TYR L 12 -1.48 -51.32 -12.27
C TYR L 12 -0.85 -49.95 -12.00
N VAL L 13 -0.38 -49.74 -10.78
CA VAL L 13 0.28 -48.47 -10.45
C VAL L 13 1.55 -48.31 -11.28
N TYR L 14 2.33 -49.39 -11.41
CA TYR L 14 3.54 -49.31 -12.23
C TYR L 14 3.21 -49.02 -13.69
N LYS L 15 2.15 -49.63 -14.21
CA LYS L 15 1.75 -49.36 -15.60
C LYS L 15 1.34 -47.92 -15.78
N VAL L 16 0.58 -47.36 -14.84
CA VAL L 16 0.17 -45.96 -14.93
C VAL L 16 1.40 -45.05 -14.87
N LEU L 17 2.35 -45.36 -13.98
CA LEU L 17 3.56 -44.56 -13.88
C LEU L 17 4.35 -44.60 -15.19
N LYS L 18 4.47 -45.78 -15.79
CA LYS L 18 5.17 -45.88 -17.06
C LYS L 18 4.45 -45.11 -18.16
N GLN L 19 3.12 -45.14 -18.15
CA GLN L 19 2.36 -44.39 -19.16
C GLN L 19 2.57 -42.89 -19.01
N VAL L 20 2.56 -42.38 -17.78
CA VAL L 20 2.69 -40.93 -17.57
C VAL L 20 4.13 -40.48 -17.84
N HIS L 21 5.08 -41.04 -17.10
CA HIS L 21 6.48 -40.67 -17.24
C HIS L 21 7.28 -41.84 -17.79
N PRO L 22 8.04 -41.65 -18.86
CA PRO L 22 8.73 -42.79 -19.49
C PRO L 22 9.88 -43.34 -18.67
N ASP L 23 10.73 -42.47 -18.12
CA ASP L 23 11.93 -42.89 -17.40
C ASP L 23 11.83 -42.39 -15.95
N THR L 24 11.38 -43.26 -15.05
CA THR L 24 11.29 -42.93 -13.64
C THR L 24 11.08 -44.21 -12.85
N GLY L 25 11.90 -44.42 -11.82
CA GLY L 25 11.77 -45.58 -10.96
C GLY L 25 10.90 -45.31 -9.75
N ILE L 26 10.88 -46.28 -8.84
CA ILE L 26 10.07 -46.19 -7.63
C ILE L 26 10.62 -47.20 -6.62
N SER L 27 10.31 -46.99 -5.34
CA SER L 27 10.74 -47.85 -4.25
C SER L 27 9.53 -48.54 -3.62
N SER L 28 9.79 -49.32 -2.56
CA SER L 28 8.75 -50.12 -1.94
C SER L 28 7.81 -49.28 -1.09
N LYS L 29 8.35 -48.28 -0.37
CA LYS L 29 7.52 -47.48 0.51
C LYS L 29 6.46 -46.72 -0.26
N ALA L 30 6.81 -46.19 -1.43
CA ALA L 30 5.83 -45.51 -2.27
C ALA L 30 4.73 -46.47 -2.70
N MET L 31 5.09 -47.72 -3.03
CA MET L 31 4.09 -48.71 -3.40
C MET L 31 3.13 -48.97 -2.24
N SER L 32 3.66 -49.13 -1.03
CA SER L 32 2.80 -49.36 0.13
C SER L 32 1.87 -48.19 0.37
N ILE L 33 2.39 -46.96 0.27
CA ILE L 33 1.58 -45.77 0.50
C ILE L 33 0.46 -45.68 -0.54
N MET L 34 0.79 -45.93 -1.82
CA MET L 34 -0.23 -45.90 -2.86
C MET L 34 -1.31 -46.95 -2.62
N ASN L 35 -0.90 -48.16 -2.22
CA ASN L 35 -1.87 -49.22 -1.95
C ASN L 35 -2.82 -48.81 -0.83
N SER L 36 -2.26 -48.29 0.27
CA SER L 36 -3.12 -47.89 1.39
C SER L 36 -4.07 -46.76 0.99
N PHE L 37 -3.57 -45.79 0.22
CA PHE L 37 -4.41 -44.66 -0.20
C PHE L 37 -5.55 -45.13 -1.08
N VAL L 38 -5.26 -46.02 -2.04
CA VAL L 38 -6.31 -46.53 -2.93
C VAL L 38 -7.35 -47.28 -2.12
N ASN L 39 -6.93 -48.13 -1.20
CA ASN L 39 -7.87 -48.89 -0.38
C ASN L 39 -8.76 -47.95 0.43
N ASP L 40 -8.17 -46.93 1.05
CA ASP L 40 -8.95 -46.01 1.88
C ASP L 40 -9.99 -45.26 1.06
N VAL L 41 -9.59 -44.75 -0.11
CA VAL L 41 -10.52 -43.98 -0.93
C VAL L 41 -11.66 -44.87 -1.41
N PHE L 42 -11.34 -46.10 -1.86
CA PHE L 42 -12.38 -47.01 -2.31
C PHE L 42 -13.36 -47.32 -1.19
N GLU L 43 -12.85 -47.58 0.02
CA GLU L 43 -13.74 -47.89 1.14
C GLU L 43 -14.65 -46.71 1.45
N ARG L 44 -14.11 -45.50 1.48
CA ARG L 44 -14.93 -44.32 1.78
C ARG L 44 -16.06 -44.18 0.75
N ILE L 45 -15.72 -44.22 -0.54
CA ILE L 45 -16.72 -44.00 -1.57
C ILE L 45 -17.79 -45.09 -1.52
N ALA L 46 -17.37 -46.34 -1.39
CA ALA L 46 -18.34 -47.44 -1.37
C ALA L 46 -19.28 -47.34 -0.18
N GLY L 47 -18.74 -47.01 1.01
CA GLY L 47 -19.60 -46.86 2.17
C GLY L 47 -20.61 -45.75 2.02
N GLU L 48 -20.17 -44.59 1.51
CA GLU L 48 -21.11 -43.49 1.30
C GLU L 48 -22.19 -43.88 0.31
N ALA L 49 -21.82 -44.54 -0.79
CA ALA L 49 -22.80 -44.96 -1.78
C ALA L 49 -23.80 -45.93 -1.18
N SER L 50 -23.32 -46.89 -0.37
CA SER L 50 -24.23 -47.85 0.24
C SER L 50 -25.22 -47.17 1.17
N ARG L 51 -24.73 -46.23 2.00
CA ARG L 51 -25.64 -45.53 2.91
C ARG L 51 -26.70 -44.75 2.14
N LEU L 52 -26.26 -44.02 1.11
CA LEU L 52 -27.21 -43.22 0.34
C LEU L 52 -28.24 -44.10 -0.35
N ALA L 53 -27.80 -45.25 -0.91
CA ALA L 53 -28.73 -46.17 -1.55
C ALA L 53 -29.73 -46.72 -0.55
N HIS L 54 -29.28 -47.02 0.67
CA HIS L 54 -30.21 -47.55 1.67
C HIS L 54 -31.21 -46.51 2.12
N TYR L 55 -30.82 -45.22 2.17
CA TYR L 55 -31.66 -44.21 2.81
C TYR L 55 -32.99 -44.03 2.08
N ASN L 56 -33.05 -44.36 0.79
CA ASN L 56 -34.23 -44.08 -0.02
C ASN L 56 -35.16 -45.29 -0.15
N LYS L 57 -35.11 -46.24 0.79
CA LYS L 57 -36.01 -47.39 0.81
C LYS L 57 -35.93 -48.20 -0.48
N ARG L 58 -34.72 -48.35 -1.01
CA ARG L 58 -34.46 -49.19 -2.17
C ARG L 58 -33.19 -49.99 -1.93
N SER L 59 -33.13 -51.18 -2.53
CA SER L 59 -32.01 -52.09 -2.34
C SER L 59 -31.40 -52.41 -3.71
N THR L 60 -30.51 -51.53 -4.17
CA THR L 60 -29.73 -51.72 -5.39
C THR L 60 -28.68 -50.62 -5.44
N ILE L 61 -27.48 -50.96 -5.91
CA ILE L 61 -26.40 -50.00 -6.10
C ILE L 61 -26.16 -49.90 -7.60
N THR L 62 -26.41 -48.72 -8.16
CA THR L 62 -26.21 -48.47 -9.58
C THR L 62 -25.34 -47.23 -9.77
N SER L 63 -25.24 -46.77 -11.02
CA SER L 63 -24.33 -45.67 -11.34
C SER L 63 -24.73 -44.36 -10.68
N ARG L 64 -26.04 -44.13 -10.49
CA ARG L 64 -26.49 -42.86 -9.93
C ARG L 64 -25.97 -42.67 -8.51
N GLU L 65 -26.01 -43.72 -7.70
CA GLU L 65 -25.51 -43.61 -6.33
C GLU L 65 -24.02 -43.30 -6.31
N ILE L 66 -23.25 -43.95 -7.17
CA ILE L 66 -21.82 -43.69 -7.24
C ILE L 66 -21.57 -42.24 -7.66
N GLN L 67 -22.32 -41.76 -8.65
CA GLN L 67 -22.15 -40.38 -9.11
C GLN L 67 -22.45 -39.38 -7.99
N THR L 68 -23.55 -39.60 -7.28
CA THR L 68 -23.91 -38.68 -6.19
C THR L 68 -22.88 -38.73 -5.07
N ALA L 69 -22.38 -39.92 -4.73
CA ALA L 69 -21.37 -40.03 -3.69
C ALA L 69 -20.08 -39.32 -4.10
N VAL L 70 -19.68 -39.46 -5.37
CA VAL L 70 -18.48 -38.78 -5.86
C VAL L 70 -18.67 -37.27 -5.79
N ARG L 71 -19.83 -36.79 -6.20
CA ARG L 71 -20.10 -35.35 -6.14
C ARG L 71 -20.12 -34.85 -4.70
N LEU L 72 -20.55 -35.69 -3.75
CA LEU L 72 -20.61 -35.28 -2.36
C LEU L 72 -19.24 -35.27 -1.71
N LEU L 73 -18.38 -36.24 -2.04
CA LEU L 73 -17.12 -36.39 -1.33
C LEU L 73 -16.04 -35.45 -1.85
N LEU L 74 -15.69 -35.57 -3.12
CA LEU L 74 -14.55 -34.83 -3.65
C LEU L 74 -14.83 -33.33 -3.65
N PRO L 75 -13.94 -32.51 -3.07
CA PRO L 75 -14.19 -31.07 -2.99
C PRO L 75 -13.63 -30.30 -4.16
N GLY L 76 -14.45 -29.38 -4.68
CA GLY L 76 -13.98 -28.43 -5.68
C GLY L 76 -13.86 -29.00 -7.08
N GLU L 77 -13.09 -28.25 -7.89
CA GLU L 77 -13.03 -28.48 -9.33
C GLU L 77 -12.70 -29.93 -9.66
N LEU L 78 -11.81 -30.55 -8.86
CA LEU L 78 -11.47 -31.96 -9.04
C LEU L 78 -12.69 -32.80 -9.35
N ALA L 79 -13.69 -32.72 -8.46
CA ALA L 79 -14.89 -33.55 -8.61
C ALA L 79 -15.46 -33.43 -10.02
N LYS L 80 -15.64 -32.19 -10.49
CA LYS L 80 -16.13 -31.94 -11.84
C LYS L 80 -15.43 -32.84 -12.84
N HIS L 81 -14.10 -32.70 -12.93
CA HIS L 81 -13.34 -33.47 -13.91
C HIS L 81 -13.67 -34.95 -13.79
N ALA L 82 -13.60 -35.48 -12.56
CA ALA L 82 -13.81 -36.91 -12.35
C ALA L 82 -15.12 -37.34 -12.96
N VAL L 83 -16.19 -36.58 -12.68
CA VAL L 83 -17.51 -36.98 -13.14
C VAL L 83 -17.49 -37.16 -14.66
N SER L 84 -16.96 -36.17 -15.36
CA SER L 84 -16.93 -36.24 -16.82
C SER L 84 -16.25 -37.53 -17.25
N GLU L 85 -15.06 -37.80 -16.70
CA GLU L 85 -14.32 -38.98 -17.08
C GLU L 85 -15.19 -40.22 -16.97
N GLY L 86 -15.86 -40.38 -15.82
CA GLY L 86 -16.65 -41.58 -15.61
C GLY L 86 -17.67 -41.77 -16.71
N THR L 87 -18.38 -40.70 -17.05
CA THR L 87 -19.43 -40.82 -18.06
C THR L 87 -18.86 -41.41 -19.34
N LYS L 88 -17.72 -40.88 -19.79
CA LYS L 88 -17.15 -41.34 -21.05
C LYS L 88 -16.94 -42.84 -21.02
N ALA L 89 -16.38 -43.35 -19.92
CA ALA L 89 -16.12 -44.79 -19.83
C ALA L 89 -17.40 -45.58 -20.07
N VAL L 90 -18.48 -45.20 -19.39
CA VAL L 90 -19.72 -45.95 -19.52
C VAL L 90 -20.16 -45.98 -20.97
N THR L 91 -20.04 -44.83 -21.66
CA THR L 91 -20.48 -44.77 -23.05
C THR L 91 -19.76 -45.82 -23.89
N LYS L 92 -18.46 -46.00 -23.67
CA LYS L 92 -17.72 -46.99 -24.44
C LYS L 92 -18.29 -48.38 -24.22
N TYR L 93 -18.62 -48.72 -22.97
CA TYR L 93 -19.21 -50.02 -22.70
C TYR L 93 -20.54 -50.17 -23.43
N THR L 94 -21.30 -49.08 -23.54
CA THR L 94 -22.54 -49.13 -24.30
C THR L 94 -22.28 -49.32 -25.79
N SER L 95 -21.17 -48.77 -26.30
CA SER L 95 -20.87 -48.87 -27.72
C SER L 95 -20.64 -50.32 -28.14
N ALA L 96 -19.91 -51.07 -27.31
CA ALA L 96 -19.62 -52.46 -27.63
C ALA L 96 -20.13 -53.39 -26.54
C1 NAG O . 3.71 7.49 -4.40
C2 NAG O . 3.21 7.16 -3.00
C3 NAG O . 3.03 8.44 -2.19
C4 NAG O . 4.25 9.37 -2.29
C5 NAG O . 4.70 9.52 -3.74
C6 NAG O . 5.98 10.30 -3.91
C7 NAG O . 1.83 5.13 -2.80
C8 NAG O . 0.41 4.61 -2.94
N2 NAG O . 1.97 6.44 -3.07
O3 NAG O . 2.76 8.09 -0.86
O4 NAG O . 3.84 10.59 -1.75
O5 NAG O . 4.89 8.24 -4.31
O6 NAG O . 6.99 9.65 -3.18
O7 NAG O . 2.75 4.41 -2.48
C1 NAG O . 4.68 10.95 -0.63
C2 NAG O . 4.65 12.47 -0.50
C3 NAG O . 5.54 12.88 0.67
C4 NAG O . 5.14 12.15 1.94
C5 NAG O . 5.08 10.64 1.67
C6 NAG O . 4.60 9.81 2.84
C7 NAG O . 4.24 13.53 -2.68
C8 NAG O . 4.91 14.16 -3.89
N2 NAG O . 5.08 13.10 -1.72
O3 NAG O . 5.46 14.28 0.81
O4 NAG O . 6.10 12.48 2.91
O5 NAG O . 4.22 10.39 0.57
O6 NAG O . 4.20 8.54 2.37
O7 NAG O . 3.02 13.44 -2.61
C1 BMA O . 5.45 13.04 4.09
C2 BMA O . 6.41 12.86 5.25
C3 BMA O . 5.72 13.34 6.55
C4 BMA O . 4.76 14.54 6.37
C5 BMA O . 4.79 15.24 5.00
C6 BMA O . 5.59 16.54 4.97
O2 BMA O . 7.59 13.56 4.98
O3 BMA O . 6.73 13.54 7.50
O4 BMA O . 3.47 14.00 6.59
O5 BMA O . 5.16 14.40 3.90
O6 BMA O . 6.98 16.29 4.90
C1 MAN O . 6.13 13.61 8.82
C2 MAN O . 7.28 13.81 9.84
C3 MAN O . 8.10 12.53 9.99
C4 MAN O . 7.19 11.39 10.41
C5 MAN O . 6.10 11.21 9.34
C6 MAN O . 5.07 10.18 9.76
O2 MAN O . 6.68 14.18 11.06
O3 MAN O . 9.10 12.79 10.95
O4 MAN O . 7.99 10.24 10.52
O5 MAN O . 5.41 12.43 9.12
O6 MAN O . 3.96 10.85 10.29
C1 MAN O . 7.45 16.53 3.54
C2 MAN O . 8.98 16.40 3.56
C3 MAN O . 9.64 17.62 4.19
C4 MAN O . 9.20 18.86 3.43
C5 MAN O . 7.68 18.98 3.56
C6 MAN O . 7.16 20.13 2.75
O2 MAN O . 9.38 16.22 2.23
O3 MAN O . 11.03 17.43 4.14
O4 MAN O . 9.85 19.97 4.01
O5 MAN O . 7.05 17.81 3.07
O6 MAN O . 8.25 20.96 2.37
C1 FUC O . 8.25 9.80 -3.87
C2 FUC O . 9.37 9.43 -2.88
C3 FUC O . 9.25 7.95 -2.52
C4 FUC O . 9.31 7.10 -3.79
C5 FUC O . 8.22 7.57 -4.74
C6 FUC O . 8.26 6.87 -6.08
O2 FUC O . 9.27 10.27 -1.76
O3 FUC O . 10.26 7.67 -1.60
O4 FUC O . 10.61 7.24 -4.34
O5 FUC O . 8.32 8.96 -4.99
C1 NAG P . 19.74 21.87 7.45
C2 NAG P . 20.34 20.50 7.75
C3 NAG P . 20.38 19.66 6.47
C4 NAG P . 19.03 19.65 5.75
C5 NAG P . 18.47 21.08 5.63
C6 NAG P . 17.09 21.16 5.04
C7 NAG P . 21.96 20.82 9.58
C8 NAG P . 23.42 20.96 9.90
N2 NAG P . 21.67 20.65 8.28
O3 NAG P . 20.77 18.37 6.82
O4 NAG P . 19.29 19.12 4.47
O5 NAG P . 18.45 21.68 6.91
O6 NAG P . 16.18 20.43 5.82
O7 NAG P . 21.11 20.86 10.45
C1 NAG P . 18.48 17.96 4.24
C2 NAG P . 18.24 17.87 2.72
C3 NAG P . 17.50 16.59 2.38
C4 NAG P . 18.20 15.39 2.97
C5 NAG P . 18.37 15.61 4.48
C6 NAG P . 19.04 14.48 5.22
C7 NAG P . 18.01 19.99 1.49
C8 NAG P . 17.04 21.10 1.13
N2 NAG P . 17.50 19.02 2.27
O3 NAG P . 17.40 16.51 0.98
O4 NAG P . 17.40 14.26 2.69
O5 NAG P . 19.13 16.79 4.67
O6 NAG P . 20.34 14.29 4.73
O7 NAG P . 19.15 20.01 1.08
C1 BMA P . 18.14 13.29 1.94
C2 BMA P . 18.00 11.96 2.67
C3 BMA P . 18.78 10.85 1.94
C4 BMA P . 18.89 11.03 0.41
C5 BMA P . 17.91 12.04 -0.20
C6 BMA P . 16.59 11.43 -0.64
O2 BMA P . 16.64 11.67 2.80
O3 BMA P . 18.17 9.65 2.34
O4 BMA P . 20.22 11.44 0.17
O5 BMA P . 17.65 13.19 0.61
O6 BMA P . 16.17 12.13 -1.80
C1 MAN P . 19.00 8.51 2.04
C2 MAN P . 18.25 7.27 2.53
C3 MAN P . 18.11 7.35 4.04
C4 MAN P . 19.48 7.35 4.68
C5 MAN P . 20.33 8.49 4.11
C6 MAN P . 21.78 8.32 4.46
O2 MAN P . 19.01 6.15 2.14
O3 MAN P . 17.32 6.25 4.45
O4 MAN P . 19.28 7.49 6.06
O5 MAN P . 20.25 8.58 2.68
O6 MAN P . 21.91 8.05 5.83
C1 MAN P . 15.15 13.09 -1.42
C2 MAN P . 13.84 12.33 -1.21
C3 MAN P . 13.38 11.71 -2.52
C4 MAN P . 13.24 12.78 -3.58
C5 MAN P . 14.56 13.54 -3.71
C6 MAN P . 14.41 14.74 -4.63
O2 MAN P . 12.91 13.27 -0.72
O3 MAN P . 12.17 11.05 -2.26
O4 MAN P . 12.90 12.12 -4.79
O5 MAN P . 14.97 14.04 -2.45
O6 MAN P . 13.07 14.85 -5.04
C1 FUC P . 14.83 20.77 5.41
C2 FUC P . 13.91 19.61 5.77
C3 FUC P . 13.82 19.44 7.27
C4 FUC P . 13.36 20.75 7.92
C5 FUC P . 14.33 21.85 7.49
C6 FUC P . 13.94 23.23 7.99
O2 FUC P . 14.38 18.45 5.13
O3 FUC P . 12.95 18.36 7.53
O4 FUC P . 12.04 21.00 7.51
O5 FUC P . 14.39 21.94 6.07
CL CL Q . 18.02 21.82 -10.45
CHA HEM R . 27.28 16.82 -25.06
CHB HEM R . 30.94 15.24 -27.80
CHC HEM R . 30.55 10.85 -25.83
CHD HEM R . 26.70 12.34 -23.31
C1A HEM R . 28.30 16.80 -25.98
C2A HEM R . 28.74 17.90 -26.80
C3A HEM R . 29.75 17.46 -27.55
C4A HEM R . 30.00 16.07 -27.24
CMA HEM R . 30.54 18.30 -28.59
CAA HEM R . 28.16 19.34 -26.82
CBA HEM R . 27.15 19.53 -27.95
CGA HEM R . 26.40 18.26 -28.27
O1A HEM R . 26.91 17.45 -29.08
O2A HEM R . 25.28 18.08 -27.71
C1B HEM R . 30.98 13.87 -27.66
C2B HEM R . 31.35 12.89 -28.66
C3B HEM R . 31.25 11.68 -28.11
C4B HEM R . 30.80 11.85 -26.74
CMB HEM R . 31.82 13.25 -30.09
CAB HEM R . 31.52 10.28 -28.74
CBB HEM R . 31.61 10.02 -30.06
C1C HEM R . 29.51 10.87 -24.94
C2C HEM R . 29.12 9.79 -24.04
C3C HEM R . 28.05 10.20 -23.33
C4C HEM R . 27.74 11.55 -23.77
CMC HEM R . 29.88 8.44 -23.96
CAC HEM R . 27.23 9.47 -22.24
CBC HEM R . 27.48 8.22 -21.81
C1D HEM R . 26.49 13.65 -23.62
C2D HEM R . 25.32 14.43 -23.25
C3D HEM R . 25.47 15.66 -23.73
C4D HEM R . 26.74 15.72 -24.43
CMD HEM R . 24.12 13.91 -22.44
CAD HEM R . 24.45 16.81 -23.55
CBD HEM R . 24.00 17.38 -24.89
CGD HEM R . 23.69 18.85 -24.73
O1D HEM R . 23.34 19.51 -25.74
O2D HEM R . 23.81 19.36 -23.58
NA HEM R . 29.09 15.70 -26.27
NB HEM R . 30.64 13.20 -26.50
NC HEM R . 28.63 11.92 -24.75
ND HEM R . 27.34 14.48 -24.34
FE HEM R . 29.00 13.84 -25.40
C1 NAG S . 9.46 0.75 -50.39
C2 NAG S . 10.35 1.63 -51.26
C3 NAG S . 10.28 1.19 -52.72
C4 NAG S . 10.56 -0.31 -52.82
C5 NAG S . 9.60 -1.06 -51.90
C6 NAG S . 9.77 -2.56 -51.93
C7 NAG S . 10.79 4.02 -50.79
C8 NAG S . 10.14 5.38 -50.73
N2 NAG S . 9.96 3.02 -51.14
O3 NAG S . 11.21 1.94 -53.43
O4 NAG S . 10.37 -0.67 -54.17
O5 NAG S . 9.80 -0.61 -50.56
O6 NAG S . 8.92 -3.16 -50.96
O7 NAG S . 11.96 3.85 -50.54
C1 NAG T . 38.91 11.13 -52.19
C2 NAG T . 39.76 10.66 -51.00
C3 NAG T . 40.45 9.35 -51.35
C4 NAG T . 39.44 8.32 -51.87
C5 NAG T . 38.62 8.94 -53.01
C6 NAG T . 37.56 8.02 -53.57
C7 NAG T . 40.93 12.13 -49.41
C8 NAG T . 42.01 13.17 -49.29
N2 NAG T . 40.74 11.65 -50.65
O3 NAG T . 41.12 8.89 -50.22
O4 NAG T . 40.17 7.21 -52.30
O5 NAG T . 37.99 10.12 -52.54
O6 NAG T . 36.81 8.69 -54.55
O7 NAG T . 40.28 11.76 -48.45
CA CA U . 11.92 9.77 -25.62
CHA HEM V . -8.90 37.75 1.37
CHB HEM V . -12.59 40.39 2.96
CHC HEM V . -11.56 39.09 7.50
CHD HEM V . -8.12 36.10 5.85
C1A HEM V . -10.08 38.46 1.39
C2A HEM V . -10.98 38.65 0.27
C3A HEM V . -12.02 39.38 0.72
C4A HEM V . -11.78 39.67 2.11
CMA HEM V . -13.23 39.85 -0.10
CAA HEM V . -10.76 38.09 -1.15
CBA HEM V . -10.49 39.17 -2.18
CGA HEM V . -9.09 39.72 -2.06
O1A HEM V . -8.66 40.04 -0.92
O2A HEM V . -8.40 39.86 -3.11
C1B HEM V . -12.73 40.09 4.29
C2B HEM V . -13.96 40.11 5.04
C3B HEM V . -13.69 39.75 6.31
C4B HEM V . -12.27 39.49 6.39
CMB HEM V . -15.32 40.51 4.41
CAB HEM V . -14.64 39.61 7.53
CBB HEM V . -15.95 39.88 7.50
C1C HEM V . -10.54 38.16 7.47
C2C HEM V . -9.97 37.48 8.62
C3C HEM V . -9.01 36.65 8.17
C4C HEM V . -8.96 36.78 6.72
CMC HEM V . -10.42 37.73 10.07
CAC HEM V . -8.07 35.68 8.94
CBC HEM V . -8.07 35.51 10.27
C1D HEM V . -7.93 36.43 4.53
C2D HEM V . -6.73 36.18 3.75
C3D HEM V . -6.94 36.65 2.52
C4D HEM V . -8.29 37.19 2.47
CMD HEM V . -5.43 35.54 4.27
CAD HEM V . -5.94 36.60 1.33
CBD HEM V . -5.63 38.03 0.87
CGD HEM V . -5.45 38.05 -0.63
O1D HEM V . -5.36 39.17 -1.21
O2D HEM V . -5.37 36.96 -1.23
NA HEM V . -10.59 39.09 2.49
NB HEM V . -11.71 39.70 5.14
NC HEM V . -9.92 37.71 6.34
ND HEM V . -8.86 37.04 3.71
FE HEM V . -10.32 38.33 4.42
C1 NAG W . 5.73 65.55 12.70
C2 NAG W . 5.16 66.50 11.64
C3 NAG W . 5.86 67.85 11.73
C4 NAG W . 5.79 68.39 13.15
C5 NAG W . 6.35 67.34 14.12
C6 NAG W . 6.30 67.77 15.57
C7 NAG W . 4.29 65.66 9.50
C8 NAG W . 4.69 65.07 8.17
N2 NAG W . 5.31 65.93 10.32
O3 NAG W . 5.26 68.72 10.80
O4 NAG W . 6.54 69.59 13.19
O5 NAG W . 5.61 66.15 13.98
O6 NAG W . 6.71 66.70 16.39
O7 NAG W . 3.12 65.86 9.78
C1 NAG X . -23.91 62.35 7.96
C2 NAG X . -24.74 61.48 8.90
C3 NAG X . -24.97 62.22 10.21
C4 NAG X . -23.65 62.68 10.80
C5 NAG X . -22.88 63.49 9.75
C6 NAG X . -21.51 63.97 10.21
C7 NAG X . -26.24 59.89 7.76
C8 NAG X . -27.61 59.72 7.17
N2 NAG X . -25.99 61.11 8.29
O3 NAG X . -25.66 61.36 11.08
O4 NAG X . -23.94 63.46 11.94
O5 NAG X . -22.70 62.70 8.59
O6 NAG X . -20.80 64.48 9.12
O7 NAG X . -25.42 58.99 7.74
#